data_2RA5
# 
_entry.id   2RA5 
# 
_audit_conform.dict_name       mmcif_pdbx.dic 
_audit_conform.dict_version    5.397 
_audit_conform.dict_location   http://mmcif.pdb.org/dictionaries/ascii/mmcif_pdbx.dic 
# 
loop_
_database_2.database_id 
_database_2.database_code 
_database_2.pdbx_database_accession 
_database_2.pdbx_DOI 
PDB   2RA5         pdb_00002ra5 10.2210/pdb2ra5/pdb 
RCSB  RCSB044616   ?            ?                   
WWPDB D_1000044616 ?            ?                   
# 
loop_
_pdbx_audit_revision_history.ordinal 
_pdbx_audit_revision_history.data_content_type 
_pdbx_audit_revision_history.major_revision 
_pdbx_audit_revision_history.minor_revision 
_pdbx_audit_revision_history.revision_date 
1 'Structure model' 1 0 2007-09-25 
2 'Structure model' 1 1 2011-07-13 
3 'Structure model' 1 2 2024-10-16 
# 
_pdbx_audit_revision_details.ordinal             1 
_pdbx_audit_revision_details.revision_ordinal    1 
_pdbx_audit_revision_details.data_content_type   'Structure model' 
_pdbx_audit_revision_details.provider            repository 
_pdbx_audit_revision_details.type                'Initial release' 
_pdbx_audit_revision_details.description         ? 
_pdbx_audit_revision_details.details             ? 
# 
loop_
_pdbx_audit_revision_group.ordinal 
_pdbx_audit_revision_group.revision_ordinal 
_pdbx_audit_revision_group.data_content_type 
_pdbx_audit_revision_group.group 
1 2 'Structure model' 'Version format compliance' 
2 3 'Structure model' 'Data collection'           
3 3 'Structure model' 'Database references'       
4 3 'Structure model' 'Derived calculations'      
5 3 'Structure model' 'Structure summary'         
# 
loop_
_pdbx_audit_revision_category.ordinal 
_pdbx_audit_revision_category.revision_ordinal 
_pdbx_audit_revision_category.data_content_type 
_pdbx_audit_revision_category.category 
1 3 'Structure model' chem_comp_atom            
2 3 'Structure model' chem_comp_bond            
3 3 'Structure model' database_2                
4 3 'Structure model' pdbx_entry_details        
5 3 'Structure model' pdbx_modification_feature 
6 3 'Structure model' struct_conn               
7 3 'Structure model' struct_ref_seq_dif        
8 3 'Structure model' struct_site               
# 
loop_
_pdbx_audit_revision_item.ordinal 
_pdbx_audit_revision_item.revision_ordinal 
_pdbx_audit_revision_item.data_content_type 
_pdbx_audit_revision_item.item 
1 3 'Structure model' '_database_2.pdbx_DOI'                
2 3 'Structure model' '_database_2.pdbx_database_accession' 
3 3 'Structure model' '_struct_conn.pdbx_leaving_atom_flag' 
4 3 'Structure model' '_struct_ref_seq_dif.details'         
5 3 'Structure model' '_struct_site.pdbx_auth_asym_id'      
6 3 'Structure model' '_struct_site.pdbx_auth_comp_id'      
7 3 'Structure model' '_struct_site.pdbx_auth_seq_id'       
# 
_pdbx_database_status.status_code                     REL 
_pdbx_database_status.entry_id                        2RA5 
_pdbx_database_status.recvd_initial_deposition_date   2007-09-14 
_pdbx_database_status.deposit_site                    RCSB 
_pdbx_database_status.process_site                    RCSB 
_pdbx_database_status.status_code_sf                  REL 
_pdbx_database_status.status_code_mr                  ? 
_pdbx_database_status.SG_entry                        Y 
_pdbx_database_status.pdb_format_compatible           Y 
_pdbx_database_status.status_code_cs                  ? 
_pdbx_database_status.status_code_nmr_data            ? 
_pdbx_database_status.methods_development_category    ? 
# 
_pdbx_database_related.db_name        TargetDB 
_pdbx_database_related.db_id          APC7351 
_pdbx_database_related.details        . 
_pdbx_database_related.content_type   unspecified 
# 
loop_
_audit_author.name 
_audit_author.pdbx_ordinal 
'Kim, Y.'                                       1 
'Xu, X.'                                        2 
'Zheng, H.'                                     3 
'Savchenko, A.'                                 4 
'Edwards, A.M.'                                 5 
'Joachimiak, A.'                                6 
'Midwest Center for Structural Genomics (MCSG)' 7 
# 
_citation.id                        primary 
_citation.title                     'Crystal structure of the putative transcriptional regulator from Streptomyces coelicolor.' 
_citation.journal_abbrev            'To be Published' 
_citation.journal_volume            ? 
_citation.page_first                ? 
_citation.page_last                 ? 
_citation.year                      ? 
_citation.journal_id_ASTM           ? 
_citation.country                   ? 
_citation.journal_id_ISSN           ? 
_citation.journal_id_CSD            0353 
_citation.book_publisher            ? 
_citation.pdbx_database_id_PubMed   ? 
_citation.pdbx_database_id_DOI      ? 
# 
loop_
_citation_author.citation_id 
_citation_author.name 
_citation_author.ordinal 
_citation_author.identifier_ORCID 
primary 'Kim, Y.'        1 ? 
primary 'Xu, X.'         2 ? 
primary 'Zheng, H.'      3 ? 
primary 'Savchenko, A.'  4 ? 
primary 'Edwards, A.M.'  5 ? 
primary 'Joachimiak, A.' 6 ? 
# 
loop_
_entity.id 
_entity.type 
_entity.src_method 
_entity.pdbx_description 
_entity.formula_weight 
_entity.pdbx_number_of_molecules 
_entity.pdbx_ec 
_entity.pdbx_mutation 
_entity.pdbx_fragment 
_entity.details 
1 polymer     man 'Putative transcriptional regulator' 27011.027 1  ? ? ? ? 
2 non-polymer syn 'S,R MESO-TARTARIC ACID'             150.087   1  ? ? ? ? 
3 non-polymer syn 'ISOPROPYL ALCOHOL'                  60.095    1  ? ? ? ? 
4 water       nat water                                18.015    52 ? ? ? ? 
# 
_entity_poly.entity_id                      1 
_entity_poly.type                           'polypeptide(L)' 
_entity_poly.nstd_linkage                   no 
_entity_poly.nstd_monomer                   yes 
_entity_poly.pdbx_seq_one_letter_code       
;GH(MSE)SLDLSVDRSSPVPLYFQLSQQLEAAIEHGALTPGSLLGNEIELAARLGLSRPTVRQAIQSLVDKGLLVRRRGV
GTQVVHSKVRRPLELSSLYDDLEAAGQRPATKVLVNTVVPATAEIAAALGVAEDSEVHRIERLRLTHGEP(MSE)AYLCN
YLPPGLVDLDTGQLEATGLYRL(MSE)RAAGITLHSARQSIGARAATSGEAERLGEDAGAPLLT(MSE)ERTTFDDTGRA
VEFGTHTYRPSRYSFEFQLLVRP
;
_entity_poly.pdbx_seq_one_letter_code_can   
;GHMSLDLSVDRSSPVPLYFQLSQQLEAAIEHGALTPGSLLGNEIELAARLGLSRPTVRQAIQSLVDKGLLVRRRGVGTQV
VHSKVRRPLELSSLYDDLEAAGQRPATKVLVNTVVPATAEIAAALGVAEDSEVHRIERLRLTHGEPMAYLCNYLPPGLVD
LDTGQLEATGLYRLMRAAGITLHSARQSIGARAATSGEAERLGEDAGAPLLTMERTTFDDTGRAVEFGTHTYRPSRYSFE
FQLLVRP
;
_entity_poly.pdbx_strand_id                 A 
_entity_poly.pdbx_target_identifier         APC7351 
# 
loop_
_pdbx_entity_nonpoly.entity_id 
_pdbx_entity_nonpoly.name 
_pdbx_entity_nonpoly.comp_id 
2 'S,R MESO-TARTARIC ACID' SRT 
3 'ISOPROPYL ALCOHOL'      IPA 
4 water                    HOH 
# 
loop_
_entity_poly_seq.entity_id 
_entity_poly_seq.num 
_entity_poly_seq.mon_id 
_entity_poly_seq.hetero 
1 1   GLY n 
1 2   HIS n 
1 3   MSE n 
1 4   SER n 
1 5   LEU n 
1 6   ASP n 
1 7   LEU n 
1 8   SER n 
1 9   VAL n 
1 10  ASP n 
1 11  ARG n 
1 12  SER n 
1 13  SER n 
1 14  PRO n 
1 15  VAL n 
1 16  PRO n 
1 17  LEU n 
1 18  TYR n 
1 19  PHE n 
1 20  GLN n 
1 21  LEU n 
1 22  SER n 
1 23  GLN n 
1 24  GLN n 
1 25  LEU n 
1 26  GLU n 
1 27  ALA n 
1 28  ALA n 
1 29  ILE n 
1 30  GLU n 
1 31  HIS n 
1 32  GLY n 
1 33  ALA n 
1 34  LEU n 
1 35  THR n 
1 36  PRO n 
1 37  GLY n 
1 38  SER n 
1 39  LEU n 
1 40  LEU n 
1 41  GLY n 
1 42  ASN n 
1 43  GLU n 
1 44  ILE n 
1 45  GLU n 
1 46  LEU n 
1 47  ALA n 
1 48  ALA n 
1 49  ARG n 
1 50  LEU n 
1 51  GLY n 
1 52  LEU n 
1 53  SER n 
1 54  ARG n 
1 55  PRO n 
1 56  THR n 
1 57  VAL n 
1 58  ARG n 
1 59  GLN n 
1 60  ALA n 
1 61  ILE n 
1 62  GLN n 
1 63  SER n 
1 64  LEU n 
1 65  VAL n 
1 66  ASP n 
1 67  LYS n 
1 68  GLY n 
1 69  LEU n 
1 70  LEU n 
1 71  VAL n 
1 72  ARG n 
1 73  ARG n 
1 74  ARG n 
1 75  GLY n 
1 76  VAL n 
1 77  GLY n 
1 78  THR n 
1 79  GLN n 
1 80  VAL n 
1 81  VAL n 
1 82  HIS n 
1 83  SER n 
1 84  LYS n 
1 85  VAL n 
1 86  ARG n 
1 87  ARG n 
1 88  PRO n 
1 89  LEU n 
1 90  GLU n 
1 91  LEU n 
1 92  SER n 
1 93  SER n 
1 94  LEU n 
1 95  TYR n 
1 96  ASP n 
1 97  ASP n 
1 98  LEU n 
1 99  GLU n 
1 100 ALA n 
1 101 ALA n 
1 102 GLY n 
1 103 GLN n 
1 104 ARG n 
1 105 PRO n 
1 106 ALA n 
1 107 THR n 
1 108 LYS n 
1 109 VAL n 
1 110 LEU n 
1 111 VAL n 
1 112 ASN n 
1 113 THR n 
1 114 VAL n 
1 115 VAL n 
1 116 PRO n 
1 117 ALA n 
1 118 THR n 
1 119 ALA n 
1 120 GLU n 
1 121 ILE n 
1 122 ALA n 
1 123 ALA n 
1 124 ALA n 
1 125 LEU n 
1 126 GLY n 
1 127 VAL n 
1 128 ALA n 
1 129 GLU n 
1 130 ASP n 
1 131 SER n 
1 132 GLU n 
1 133 VAL n 
1 134 HIS n 
1 135 ARG n 
1 136 ILE n 
1 137 GLU n 
1 138 ARG n 
1 139 LEU n 
1 140 ARG n 
1 141 LEU n 
1 142 THR n 
1 143 HIS n 
1 144 GLY n 
1 145 GLU n 
1 146 PRO n 
1 147 MSE n 
1 148 ALA n 
1 149 TYR n 
1 150 LEU n 
1 151 CYS n 
1 152 ASN n 
1 153 TYR n 
1 154 LEU n 
1 155 PRO n 
1 156 PRO n 
1 157 GLY n 
1 158 LEU n 
1 159 VAL n 
1 160 ASP n 
1 161 LEU n 
1 162 ASP n 
1 163 THR n 
1 164 GLY n 
1 165 GLN n 
1 166 LEU n 
1 167 GLU n 
1 168 ALA n 
1 169 THR n 
1 170 GLY n 
1 171 LEU n 
1 172 TYR n 
1 173 ARG n 
1 174 LEU n 
1 175 MSE n 
1 176 ARG n 
1 177 ALA n 
1 178 ALA n 
1 179 GLY n 
1 180 ILE n 
1 181 THR n 
1 182 LEU n 
1 183 HIS n 
1 184 SER n 
1 185 ALA n 
1 186 ARG n 
1 187 GLN n 
1 188 SER n 
1 189 ILE n 
1 190 GLY n 
1 191 ALA n 
1 192 ARG n 
1 193 ALA n 
1 194 ALA n 
1 195 THR n 
1 196 SER n 
1 197 GLY n 
1 198 GLU n 
1 199 ALA n 
1 200 GLU n 
1 201 ARG n 
1 202 LEU n 
1 203 GLY n 
1 204 GLU n 
1 205 ASP n 
1 206 ALA n 
1 207 GLY n 
1 208 ALA n 
1 209 PRO n 
1 210 LEU n 
1 211 LEU n 
1 212 THR n 
1 213 MSE n 
1 214 GLU n 
1 215 ARG n 
1 216 THR n 
1 217 THR n 
1 218 PHE n 
1 219 ASP n 
1 220 ASP n 
1 221 THR n 
1 222 GLY n 
1 223 ARG n 
1 224 ALA n 
1 225 VAL n 
1 226 GLU n 
1 227 PHE n 
1 228 GLY n 
1 229 THR n 
1 230 HIS n 
1 231 THR n 
1 232 TYR n 
1 233 ARG n 
1 234 PRO n 
1 235 SER n 
1 236 ARG n 
1 237 TYR n 
1 238 SER n 
1 239 PHE n 
1 240 GLU n 
1 241 PHE n 
1 242 GLN n 
1 243 LEU n 
1 244 LEU n 
1 245 VAL n 
1 246 ARG n 
1 247 PRO n 
# 
_entity_src_gen.entity_id                          1 
_entity_src_gen.pdbx_src_id                        1 
_entity_src_gen.pdbx_alt_source_flag               sample 
_entity_src_gen.pdbx_seq_type                      ? 
_entity_src_gen.pdbx_beg_seq_num                   ? 
_entity_src_gen.pdbx_end_seq_num                   ? 
_entity_src_gen.gene_src_common_name               ? 
_entity_src_gen.gene_src_genus                     Streptomyces 
_entity_src_gen.pdbx_gene_src_gene                 SCO6256 
_entity_src_gen.gene_src_species                   'Streptomyces coelicolor' 
_entity_src_gen.gene_src_strain                    'A3(2), M145' 
_entity_src_gen.gene_src_tissue                    ? 
_entity_src_gen.gene_src_tissue_fraction           ? 
_entity_src_gen.gene_src_details                   ? 
_entity_src_gen.pdbx_gene_src_fragment             ? 
_entity_src_gen.pdbx_gene_src_scientific_name      'Streptomyces coelicolor A3(2)' 
_entity_src_gen.pdbx_gene_src_ncbi_taxonomy_id     100226 
_entity_src_gen.pdbx_gene_src_variant              ? 
_entity_src_gen.pdbx_gene_src_cell_line            ? 
_entity_src_gen.pdbx_gene_src_atcc                 BAA-471 
_entity_src_gen.pdbx_gene_src_organ                ? 
_entity_src_gen.pdbx_gene_src_organelle            ? 
_entity_src_gen.pdbx_gene_src_cell                 ? 
_entity_src_gen.pdbx_gene_src_cellular_location    ? 
_entity_src_gen.host_org_common_name               ? 
_entity_src_gen.pdbx_host_org_scientific_name      'Escherichia coli BL21(DE3)' 
_entity_src_gen.pdbx_host_org_ncbi_taxonomy_id     469008 
_entity_src_gen.host_org_genus                     Escherichia 
_entity_src_gen.pdbx_host_org_gene                 ? 
_entity_src_gen.pdbx_host_org_organ                ? 
_entity_src_gen.host_org_species                   'Escherichia coli' 
_entity_src_gen.pdbx_host_org_tissue               ? 
_entity_src_gen.pdbx_host_org_tissue_fraction      ? 
_entity_src_gen.pdbx_host_org_strain               'BL21(DE3)' 
_entity_src_gen.pdbx_host_org_variant              ? 
_entity_src_gen.pdbx_host_org_cell_line            ? 
_entity_src_gen.pdbx_host_org_atcc                 ? 
_entity_src_gen.pdbx_host_org_culture_collection   ? 
_entity_src_gen.pdbx_host_org_cell                 ? 
_entity_src_gen.pdbx_host_org_organelle            ? 
_entity_src_gen.pdbx_host_org_cellular_location    ? 
_entity_src_gen.pdbx_host_org_vector_type          Plasmid 
_entity_src_gen.pdbx_host_org_vector               ? 
_entity_src_gen.host_org_details                   ? 
_entity_src_gen.expression_system_id               ? 
_entity_src_gen.plasmid_name                       ? 
_entity_src_gen.plasmid_details                    ? 
_entity_src_gen.pdbx_description                   ? 
# 
loop_
_chem_comp.id 
_chem_comp.type 
_chem_comp.mon_nstd_flag 
_chem_comp.name 
_chem_comp.pdbx_synonyms 
_chem_comp.formula 
_chem_comp.formula_weight 
ALA 'L-peptide linking' y ALANINE                  ?          'C3 H7 N O2'     89.093  
ARG 'L-peptide linking' y ARGININE                 ?          'C6 H15 N4 O2 1' 175.209 
ASN 'L-peptide linking' y ASPARAGINE               ?          'C4 H8 N2 O3'    132.118 
ASP 'L-peptide linking' y 'ASPARTIC ACID'          ?          'C4 H7 N O4'     133.103 
CYS 'L-peptide linking' y CYSTEINE                 ?          'C3 H7 N O2 S'   121.158 
GLN 'L-peptide linking' y GLUTAMINE                ?          'C5 H10 N2 O3'   146.144 
GLU 'L-peptide linking' y 'GLUTAMIC ACID'          ?          'C5 H9 N O4'     147.129 
GLY 'peptide linking'   y GLYCINE                  ?          'C2 H5 N O2'     75.067  
HIS 'L-peptide linking' y HISTIDINE                ?          'C6 H10 N3 O2 1' 156.162 
HOH non-polymer         . WATER                    ?          'H2 O'           18.015  
ILE 'L-peptide linking' y ISOLEUCINE               ?          'C6 H13 N O2'    131.173 
IPA non-polymer         . 'ISOPROPYL ALCOHOL'      2-PROPANOL 'C3 H8 O'        60.095  
LEU 'L-peptide linking' y LEUCINE                  ?          'C6 H13 N O2'    131.173 
LYS 'L-peptide linking' y LYSINE                   ?          'C6 H15 N2 O2 1' 147.195 
MSE 'L-peptide linking' n SELENOMETHIONINE         ?          'C5 H11 N O2 Se' 196.106 
PHE 'L-peptide linking' y PHENYLALANINE            ?          'C9 H11 N O2'    165.189 
PRO 'L-peptide linking' y PROLINE                  ?          'C5 H9 N O2'     115.130 
SER 'L-peptide linking' y SERINE                   ?          'C3 H7 N O3'     105.093 
SRT non-polymer         . 'S,R MESO-TARTARIC ACID' ?          'C4 H6 O6'       150.087 
THR 'L-peptide linking' y THREONINE                ?          'C4 H9 N O3'     119.119 
TYR 'L-peptide linking' y TYROSINE                 ?          'C9 H11 N O3'    181.189 
VAL 'L-peptide linking' y VALINE                   ?          'C5 H11 N O2'    117.146 
# 
loop_
_pdbx_poly_seq_scheme.asym_id 
_pdbx_poly_seq_scheme.entity_id 
_pdbx_poly_seq_scheme.seq_id 
_pdbx_poly_seq_scheme.mon_id 
_pdbx_poly_seq_scheme.ndb_seq_num 
_pdbx_poly_seq_scheme.pdb_seq_num 
_pdbx_poly_seq_scheme.auth_seq_num 
_pdbx_poly_seq_scheme.pdb_mon_id 
_pdbx_poly_seq_scheme.auth_mon_id 
_pdbx_poly_seq_scheme.pdb_strand_id 
_pdbx_poly_seq_scheme.pdb_ins_code 
_pdbx_poly_seq_scheme.hetero 
A 1 1   GLY 1   -1  ?   ?   ?   A . n 
A 1 2   HIS 2   0   ?   ?   ?   A . n 
A 1 3   MSE 3   1   ?   ?   ?   A . n 
A 1 4   SER 4   2   ?   ?   ?   A . n 
A 1 5   LEU 5   3   ?   ?   ?   A . n 
A 1 6   ASP 6   4   ?   ?   ?   A . n 
A 1 7   LEU 7   5   ?   ?   ?   A . n 
A 1 8   SER 8   6   ?   ?   ?   A . n 
A 1 9   VAL 9   7   ?   ?   ?   A . n 
A 1 10  ASP 10  8   ?   ?   ?   A . n 
A 1 11  ARG 11  9   ?   ?   ?   A . n 
A 1 12  SER 12  10  ?   ?   ?   A . n 
A 1 13  SER 13  11  ?   ?   ?   A . n 
A 1 14  PRO 14  12  ?   ?   ?   A . n 
A 1 15  VAL 15  13  ?   ?   ?   A . n 
A 1 16  PRO 16  14  ?   ?   ?   A . n 
A 1 17  LEU 17  15  ?   ?   ?   A . n 
A 1 18  TYR 18  16  ?   ?   ?   A . n 
A 1 19  PHE 19  17  ?   ?   ?   A . n 
A 1 20  GLN 20  18  ?   ?   ?   A . n 
A 1 21  LEU 21  19  ?   ?   ?   A . n 
A 1 22  SER 22  20  ?   ?   ?   A . n 
A 1 23  GLN 23  21  ?   ?   ?   A . n 
A 1 24  GLN 24  22  ?   ?   ?   A . n 
A 1 25  LEU 25  23  ?   ?   ?   A . n 
A 1 26  GLU 26  24  ?   ?   ?   A . n 
A 1 27  ALA 27  25  ?   ?   ?   A . n 
A 1 28  ALA 28  26  ?   ?   ?   A . n 
A 1 29  ILE 29  27  ?   ?   ?   A . n 
A 1 30  GLU 30  28  ?   ?   ?   A . n 
A 1 31  HIS 31  29  ?   ?   ?   A . n 
A 1 32  GLY 32  30  ?   ?   ?   A . n 
A 1 33  ALA 33  31  ?   ?   ?   A . n 
A 1 34  LEU 34  32  ?   ?   ?   A . n 
A 1 35  THR 35  33  ?   ?   ?   A . n 
A 1 36  PRO 36  34  ?   ?   ?   A . n 
A 1 37  GLY 37  35  ?   ?   ?   A . n 
A 1 38  SER 38  36  ?   ?   ?   A . n 
A 1 39  LEU 39  37  ?   ?   ?   A . n 
A 1 40  LEU 40  38  ?   ?   ?   A . n 
A 1 41  GLY 41  39  ?   ?   ?   A . n 
A 1 42  ASN 42  40  ?   ?   ?   A . n 
A 1 43  GLU 43  41  ?   ?   ?   A . n 
A 1 44  ILE 44  42  ?   ?   ?   A . n 
A 1 45  GLU 45  43  ?   ?   ?   A . n 
A 1 46  LEU 46  44  ?   ?   ?   A . n 
A 1 47  ALA 47  45  ?   ?   ?   A . n 
A 1 48  ALA 48  46  ?   ?   ?   A . n 
A 1 49  ARG 49  47  ?   ?   ?   A . n 
A 1 50  LEU 50  48  ?   ?   ?   A . n 
A 1 51  GLY 51  49  ?   ?   ?   A . n 
A 1 52  LEU 52  50  ?   ?   ?   A . n 
A 1 53  SER 53  51  ?   ?   ?   A . n 
A 1 54  ARG 54  52  ?   ?   ?   A . n 
A 1 55  PRO 55  53  ?   ?   ?   A . n 
A 1 56  THR 56  54  ?   ?   ?   A . n 
A 1 57  VAL 57  55  ?   ?   ?   A . n 
A 1 58  ARG 58  56  ?   ?   ?   A . n 
A 1 59  GLN 59  57  ?   ?   ?   A . n 
A 1 60  ALA 60  58  ?   ?   ?   A . n 
A 1 61  ILE 61  59  ?   ?   ?   A . n 
A 1 62  GLN 62  60  ?   ?   ?   A . n 
A 1 63  SER 63  61  ?   ?   ?   A . n 
A 1 64  LEU 64  62  ?   ?   ?   A . n 
A 1 65  VAL 65  63  ?   ?   ?   A . n 
A 1 66  ASP 66  64  ?   ?   ?   A . n 
A 1 67  LYS 67  65  ?   ?   ?   A . n 
A 1 68  GLY 68  66  66  GLY GLY A . n 
A 1 69  LEU 69  67  67  LEU LEU A . n 
A 1 70  LEU 70  68  68  LEU LEU A . n 
A 1 71  VAL 71  69  69  VAL VAL A . n 
A 1 72  ARG 72  70  70  ARG ARG A . n 
A 1 73  ARG 73  71  71  ARG ARG A . n 
A 1 74  ARG 74  72  72  ARG ARG A . n 
A 1 75  GLY 75  73  ?   ?   ?   A . n 
A 1 76  VAL 76  74  ?   ?   ?   A . n 
A 1 77  GLY 77  75  ?   ?   ?   A . n 
A 1 78  THR 78  76  ?   ?   ?   A . n 
A 1 79  GLN 79  77  ?   ?   ?   A . n 
A 1 80  VAL 80  78  ?   ?   ?   A . n 
A 1 81  VAL 81  79  ?   ?   ?   A . n 
A 1 82  HIS 82  80  ?   ?   ?   A . n 
A 1 83  SER 83  81  ?   ?   ?   A . n 
A 1 84  LYS 84  82  ?   ?   ?   A . n 
A 1 85  VAL 85  83  ?   ?   ?   A . n 
A 1 86  ARG 86  84  ?   ?   ?   A . n 
A 1 87  ARG 87  85  ?   ?   ?   A . n 
A 1 88  PRO 88  86  ?   ?   ?   A . n 
A 1 89  LEU 89  87  ?   ?   ?   A . n 
A 1 90  GLU 90  88  ?   ?   ?   A . n 
A 1 91  LEU 91  89  ?   ?   ?   A . n 
A 1 92  SER 92  90  ?   ?   ?   A . n 
A 1 93  SER 93  91  ?   ?   ?   A . n 
A 1 94  LEU 94  92  ?   ?   ?   A . n 
A 1 95  TYR 95  93  ?   ?   ?   A . n 
A 1 96  ASP 96  94  ?   ?   ?   A . n 
A 1 97  ASP 97  95  ?   ?   ?   A . n 
A 1 98  LEU 98  96  ?   ?   ?   A . n 
A 1 99  GLU 99  97  ?   ?   ?   A . n 
A 1 100 ALA 100 98  ?   ?   ?   A . n 
A 1 101 ALA 101 99  ?   ?   ?   A . n 
A 1 102 GLY 102 100 ?   ?   ?   A . n 
A 1 103 GLN 103 101 ?   ?   ?   A . n 
A 1 104 ARG 104 102 ?   ?   ?   A . n 
A 1 105 PRO 105 103 103 PRO PRO A . n 
A 1 106 ALA 106 104 104 ALA ALA A . n 
A 1 107 THR 107 105 105 THR THR A . n 
A 1 108 LYS 108 106 106 LYS LYS A . n 
A 1 109 VAL 109 107 107 VAL VAL A . n 
A 1 110 LEU 110 108 108 LEU LEU A . n 
A 1 111 VAL 111 109 109 VAL VAL A . n 
A 1 112 ASN 112 110 110 ASN ASN A . n 
A 1 113 THR 113 111 111 THR THR A . n 
A 1 114 VAL 114 112 112 VAL VAL A . n 
A 1 115 VAL 115 113 113 VAL VAL A . n 
A 1 116 PRO 116 114 114 PRO PRO A . n 
A 1 117 ALA 117 115 115 ALA ALA A . n 
A 1 118 THR 118 116 116 THR THR A . n 
A 1 119 ALA 119 117 117 ALA ALA A . n 
A 1 120 GLU 120 118 118 GLU GLU A . n 
A 1 121 ILE 121 119 119 ILE ILE A . n 
A 1 122 ALA 122 120 120 ALA ALA A . n 
A 1 123 ALA 123 121 121 ALA ALA A . n 
A 1 124 ALA 124 122 122 ALA ALA A . n 
A 1 125 LEU 125 123 123 LEU LEU A . n 
A 1 126 GLY 126 124 124 GLY GLY A . n 
A 1 127 VAL 127 125 125 VAL VAL A . n 
A 1 128 ALA 128 126 126 ALA ALA A . n 
A 1 129 GLU 129 127 127 GLU GLU A . n 
A 1 130 ASP 130 128 128 ASP ASP A . n 
A 1 131 SER 131 129 129 SER SER A . n 
A 1 132 GLU 132 130 130 GLU GLU A . n 
A 1 133 VAL 133 131 131 VAL VAL A . n 
A 1 134 HIS 134 132 132 HIS HIS A . n 
A 1 135 ARG 135 133 133 ARG ARG A . n 
A 1 136 ILE 136 134 134 ILE ILE A . n 
A 1 137 GLU 137 135 135 GLU GLU A . n 
A 1 138 ARG 138 136 136 ARG ARG A . n 
A 1 139 LEU 139 137 137 LEU LEU A . n 
A 1 140 ARG 140 138 138 ARG ARG A . n 
A 1 141 LEU 141 139 139 LEU LEU A . n 
A 1 142 THR 142 140 140 THR THR A . n 
A 1 143 HIS 143 141 141 HIS HIS A . n 
A 1 144 GLY 144 142 142 GLY GLY A . n 
A 1 145 GLU 145 143 143 GLU GLU A . n 
A 1 146 PRO 146 144 144 PRO PRO A . n 
A 1 147 MSE 147 145 145 MSE MSE A . n 
A 1 148 ALA 148 146 146 ALA ALA A . n 
A 1 149 TYR 149 147 147 TYR TYR A . n 
A 1 150 LEU 150 148 148 LEU LEU A . n 
A 1 151 CYS 151 149 149 CYS CYS A . n 
A 1 152 ASN 152 150 150 ASN ASN A . n 
A 1 153 TYR 153 151 151 TYR TYR A . n 
A 1 154 LEU 154 152 152 LEU LEU A . n 
A 1 155 PRO 155 153 153 PRO PRO A . n 
A 1 156 PRO 156 154 154 PRO PRO A . n 
A 1 157 GLY 157 155 155 GLY GLY A . n 
A 1 158 LEU 158 156 156 LEU LEU A . n 
A 1 159 VAL 159 157 157 VAL VAL A . n 
A 1 160 ASP 160 158 158 ASP ASP A . n 
A 1 161 LEU 161 159 159 LEU LEU A . n 
A 1 162 ASP 162 160 160 ASP ASP A . n 
A 1 163 THR 163 161 161 THR THR A . n 
A 1 164 GLY 164 162 162 GLY GLY A . n 
A 1 165 GLN 165 163 163 GLN GLN A . n 
A 1 166 LEU 166 164 164 LEU LEU A . n 
A 1 167 GLU 167 165 165 GLU GLU A . n 
A 1 168 ALA 168 166 166 ALA ALA A . n 
A 1 169 THR 169 167 167 THR THR A . n 
A 1 170 GLY 170 168 168 GLY GLY A . n 
A 1 171 LEU 171 169 169 LEU LEU A . n 
A 1 172 TYR 172 170 170 TYR TYR A . n 
A 1 173 ARG 173 171 171 ARG ARG A . n 
A 1 174 LEU 174 172 172 LEU LEU A . n 
A 1 175 MSE 175 173 173 MSE MSE A . n 
A 1 176 ARG 176 174 174 ARG ARG A . n 
A 1 177 ALA 177 175 175 ALA ALA A . n 
A 1 178 ALA 178 176 176 ALA ALA A . n 
A 1 179 GLY 179 177 177 GLY GLY A . n 
A 1 180 ILE 180 178 178 ILE ILE A . n 
A 1 181 THR 181 179 179 THR THR A . n 
A 1 182 LEU 182 180 180 LEU LEU A . n 
A 1 183 HIS 183 181 181 HIS HIS A . n 
A 1 184 SER 184 182 182 SER SER A . n 
A 1 185 ALA 185 183 183 ALA ALA A . n 
A 1 186 ARG 186 184 184 ARG ARG A . n 
A 1 187 GLN 187 185 185 GLN GLN A . n 
A 1 188 SER 188 186 186 SER SER A . n 
A 1 189 ILE 189 187 187 ILE ILE A . n 
A 1 190 GLY 190 188 188 GLY GLY A . n 
A 1 191 ALA 191 189 189 ALA ALA A . n 
A 1 192 ARG 192 190 190 ARG ARG A . n 
A 1 193 ALA 193 191 191 ALA ALA A . n 
A 1 194 ALA 194 192 192 ALA ALA A . n 
A 1 195 THR 195 193 193 THR THR A . n 
A 1 196 SER 196 194 194 SER SER A . n 
A 1 197 GLY 197 195 195 GLY GLY A . n 
A 1 198 GLU 198 196 196 GLU GLU A . n 
A 1 199 ALA 199 197 197 ALA ALA A . n 
A 1 200 GLU 200 198 198 GLU GLU A . n 
A 1 201 ARG 201 199 199 ARG ARG A . n 
A 1 202 LEU 202 200 200 LEU LEU A . n 
A 1 203 GLY 203 201 201 GLY GLY A . n 
A 1 204 GLU 204 202 202 GLU GLU A . n 
A 1 205 ASP 205 203 203 ASP ASP A . n 
A 1 206 ALA 206 204 204 ALA ALA A . n 
A 1 207 GLY 207 205 205 GLY GLY A . n 
A 1 208 ALA 208 206 206 ALA ALA A . n 
A 1 209 PRO 209 207 207 PRO PRO A . n 
A 1 210 LEU 210 208 208 LEU LEU A . n 
A 1 211 LEU 211 209 209 LEU LEU A . n 
A 1 212 THR 212 210 210 THR THR A . n 
A 1 213 MSE 213 211 211 MSE MSE A . n 
A 1 214 GLU 214 212 212 GLU GLU A . n 
A 1 215 ARG 215 213 213 ARG ARG A . n 
A 1 216 THR 216 214 214 THR THR A . n 
A 1 217 THR 217 215 215 THR THR A . n 
A 1 218 PHE 218 216 216 PHE PHE A . n 
A 1 219 ASP 219 217 217 ASP ASP A . n 
A 1 220 ASP 220 218 218 ASP ASP A . n 
A 1 221 THR 221 219 219 THR THR A . n 
A 1 222 GLY 222 220 220 GLY GLY A . n 
A 1 223 ARG 223 221 221 ARG ARG A . n 
A 1 224 ALA 224 222 222 ALA ALA A . n 
A 1 225 VAL 225 223 223 VAL VAL A . n 
A 1 226 GLU 226 224 224 GLU GLU A . n 
A 1 227 PHE 227 225 225 PHE PHE A . n 
A 1 228 GLY 228 226 226 GLY GLY A . n 
A 1 229 THR 229 227 227 THR THR A . n 
A 1 230 HIS 230 228 228 HIS HIS A . n 
A 1 231 THR 231 229 229 THR THR A . n 
A 1 232 TYR 232 230 230 TYR TYR A . n 
A 1 233 ARG 233 231 231 ARG ARG A . n 
A 1 234 PRO 234 232 232 PRO PRO A . n 
A 1 235 SER 235 233 233 SER SER A . n 
A 1 236 ARG 236 234 234 ARG ARG A . n 
A 1 237 TYR 237 235 235 TYR TYR A . n 
A 1 238 SER 238 236 236 SER SER A . n 
A 1 239 PHE 239 237 237 PHE PHE A . n 
A 1 240 GLU 240 238 238 GLU GLU A . n 
A 1 241 PHE 241 239 239 PHE PHE A . n 
A 1 242 GLN 242 240 240 GLN GLN A . n 
A 1 243 LEU 243 241 241 LEU LEU A . n 
A 1 244 LEU 244 242 242 LEU LEU A . n 
A 1 245 VAL 245 243 243 VAL VAL A . n 
A 1 246 ARG 246 244 244 ARG ARG A . n 
A 1 247 PRO 247 245 245 PRO PRO A . n 
# 
loop_
_pdbx_nonpoly_scheme.asym_id 
_pdbx_nonpoly_scheme.entity_id 
_pdbx_nonpoly_scheme.mon_id 
_pdbx_nonpoly_scheme.ndb_seq_num 
_pdbx_nonpoly_scheme.pdb_seq_num 
_pdbx_nonpoly_scheme.auth_seq_num 
_pdbx_nonpoly_scheme.pdb_mon_id 
_pdbx_nonpoly_scheme.auth_mon_id 
_pdbx_nonpoly_scheme.pdb_strand_id 
_pdbx_nonpoly_scheme.pdb_ins_code 
B 2 SRT 1  247 2  SRT SRT A . 
C 3 IPA 1  246 1  IPA IPA A . 
D 4 HOH 1  248 1  HOH HOH A . 
D 4 HOH 2  249 2  HOH HOH A . 
D 4 HOH 3  250 3  HOH HOH A . 
D 4 HOH 4  251 4  HOH HOH A . 
D 4 HOH 5  252 5  HOH HOH A . 
D 4 HOH 6  253 6  HOH HOH A . 
D 4 HOH 7  254 7  HOH HOH A . 
D 4 HOH 8  255 8  HOH HOH A . 
D 4 HOH 9  256 9  HOH HOH A . 
D 4 HOH 10 257 10 HOH HOH A . 
D 4 HOH 11 258 11 HOH HOH A . 
D 4 HOH 12 259 12 HOH HOH A . 
D 4 HOH 13 260 13 HOH HOH A . 
D 4 HOH 14 261 14 HOH HOH A . 
D 4 HOH 15 262 15 HOH HOH A . 
D 4 HOH 16 263 16 HOH HOH A . 
D 4 HOH 17 264 17 HOH HOH A . 
D 4 HOH 18 265 18 HOH HOH A . 
D 4 HOH 19 266 19 HOH HOH A . 
D 4 HOH 20 267 20 HOH HOH A . 
D 4 HOH 21 268 21 HOH HOH A . 
D 4 HOH 22 269 22 HOH HOH A . 
D 4 HOH 23 270 23 HOH HOH A . 
D 4 HOH 24 271 24 HOH HOH A . 
D 4 HOH 25 272 25 HOH HOH A . 
D 4 HOH 26 273 26 HOH HOH A . 
D 4 HOH 27 274 27 HOH HOH A . 
D 4 HOH 28 275 28 HOH HOH A . 
D 4 HOH 29 276 29 HOH HOH A . 
D 4 HOH 30 277 30 HOH HOH A . 
D 4 HOH 31 278 31 HOH HOH A . 
D 4 HOH 32 279 32 HOH HOH A . 
D 4 HOH 33 280 33 HOH HOH A . 
D 4 HOH 34 281 34 HOH HOH A . 
D 4 HOH 35 282 35 HOH HOH A . 
D 4 HOH 36 283 36 HOH HOH A . 
D 4 HOH 37 284 37 HOH HOH A . 
D 4 HOH 38 285 38 HOH HOH A . 
D 4 HOH 39 286 39 HOH HOH A . 
D 4 HOH 40 287 40 HOH HOH A . 
D 4 HOH 41 288 41 HOH HOH A . 
D 4 HOH 42 289 42 HOH HOH A . 
D 4 HOH 43 290 43 HOH HOH A . 
D 4 HOH 44 291 44 HOH HOH A . 
D 4 HOH 45 292 45 HOH HOH A . 
D 4 HOH 46 293 46 HOH HOH A . 
D 4 HOH 47 294 47 HOH HOH A . 
D 4 HOH 48 295 48 HOH HOH A . 
D 4 HOH 49 296 49 HOH HOH A . 
D 4 HOH 50 297 50 HOH HOH A . 
D 4 HOH 51 298 51 HOH HOH A . 
D 4 HOH 52 299 52 HOH HOH A . 
# 
loop_
_software.name 
_software.classification 
_software.version 
_software.citation_id 
_software.pdbx_ordinal 
REFMAC      refinement        5.2.0019 ? 1 
SBC-Collect 'data collection' .        ? 2 
HKL-3000    'data collection' .        ? 3 
HKL-3000    'data reduction'  .        ? 4 
HKL-3000    'data scaling'    .        ? 5 
HKL-3000    phasing           .        ? 6 
SHELX       phasing           .        ? 7 
MLPHARE     phasing           .        ? 8 
RESOLVE     phasing           .        ? 9 
# 
_cell.entry_id           2RA5 
_cell.length_a           43.768 
_cell.length_b           43.768 
_cell.length_c           170.735 
_cell.angle_alpha        90.00 
_cell.angle_beta         90.00 
_cell.angle_gamma        90.00 
_cell.Z_PDB              8 
_cell.pdbx_unique_axis   ? 
_cell.length_a_esd       ? 
_cell.length_b_esd       ? 
_cell.length_c_esd       ? 
_cell.angle_alpha_esd    ? 
_cell.angle_beta_esd     ? 
_cell.angle_gamma_esd    ? 
# 
_symmetry.entry_id                         2RA5 
_symmetry.space_group_name_H-M             'P 43 21 2' 
_symmetry.pdbx_full_space_group_name_H-M   ? 
_symmetry.cell_setting                     ? 
_symmetry.Int_Tables_number                96 
_symmetry.space_group_name_Hall            ? 
# 
_exptl.entry_id          2RA5 
_exptl.method            'X-RAY DIFFRACTION' 
_exptl.crystals_number   1 
# 
_exptl_crystal.id                    1 
_exptl_crystal.density_meas          ? 
_exptl_crystal.density_Matthews      1.514 
_exptl_crystal.density_percent_sol   18.735 
_exptl_crystal.description           ? 
_exptl_crystal.F_000                 ? 
_exptl_crystal.preparation           ? 
# 
_exptl_crystal_grow.crystal_id      1 
_exptl_crystal_grow.method          'VAPOR DIFFUSION, HANGING DROP' 
_exptl_crystal_grow.temp            295 
_exptl_crystal_grow.temp_details    ? 
_exptl_crystal_grow.pH              8.5 
_exptl_crystal_grow.pdbx_details    
'0.1M Tris-HCl pH 8.5, 0.2M MgCl2, 20% PEG 3350, VAPOR DIFFUSION, HANGING DROP, temperature 295K' 
_exptl_crystal_grow.pdbx_pH_range   . 
# 
_diffrn.id                     1 
_diffrn.ambient_temp           100 
_diffrn.ambient_temp_details   ? 
_diffrn.crystal_id             1 
# 
_diffrn_detector.diffrn_id              1 
_diffrn_detector.detector               CCD 
_diffrn_detector.type                   'ADSC QUANTUM 315' 
_diffrn_detector.pdbx_collection_date   2007-03-21 
_diffrn_detector.details                mirrors 
# 
_diffrn_radiation.diffrn_id                        1 
_diffrn_radiation.wavelength_id                    1 
_diffrn_radiation.pdbx_monochromatic_or_laue_m_l   M 
_diffrn_radiation.monochromator                    'double crystal' 
_diffrn_radiation.pdbx_diffrn_protocol             'SINGLE WAVELENGTH' 
_diffrn_radiation.pdbx_scattering_type             x-ray 
# 
_diffrn_radiation_wavelength.id           1 
_diffrn_radiation_wavelength.wavelength   0.97920 
_diffrn_radiation_wavelength.wt           1.0 
# 
_diffrn_source.diffrn_id                   1 
_diffrn_source.source                      SYNCHROTRON 
_diffrn_source.type                        'APS BEAMLINE 19-ID' 
_diffrn_source.pdbx_synchrotron_site       APS 
_diffrn_source.pdbx_synchrotron_beamline   19-ID 
_diffrn_source.pdbx_wavelength             ? 
_diffrn_source.pdbx_wavelength_list        0.97920 
# 
_reflns.entry_id                     2RA5 
_reflns.observed_criterion_sigma_F   0.0 
_reflns.observed_criterion_sigma_I   0.0 
_reflns.d_resolution_high            2.4 
_reflns.d_resolution_low             50 
_reflns.number_all                   6859 
_reflns.number_obs                   6859 
_reflns.percent_possible_obs         96.3 
_reflns.pdbx_Rmerge_I_obs            ? 
_reflns.pdbx_Rsym_value              0.116 
_reflns.pdbx_netI_over_sigmaI        8.3 
_reflns.B_iso_Wilson_estimate        ? 
_reflns.pdbx_redundancy              20.8 
_reflns.R_free_details               ? 
_reflns.limit_h_max                  ? 
_reflns.limit_h_min                  ? 
_reflns.limit_k_max                  ? 
_reflns.limit_k_min                  ? 
_reflns.limit_l_max                  ? 
_reflns.limit_l_min                  ? 
_reflns.observed_criterion_F_max     ? 
_reflns.observed_criterion_F_min     ? 
_reflns.pdbx_chi_squared             ? 
_reflns.pdbx_scaling_rejects         ? 
_reflns.pdbx_diffrn_id               1 
_reflns.pdbx_ordinal                 1 
# 
_reflns_shell.d_res_high             2.4 
_reflns_shell.d_res_low              2.49 
_reflns_shell.percent_possible_all   75.2 
_reflns_shell.Rmerge_I_obs           0.384 
_reflns_shell.pdbx_Rsym_value        ? 
_reflns_shell.meanI_over_sigI_obs    2.2 
_reflns_shell.pdbx_redundancy        7.4 
_reflns_shell.percent_possible_obs   ? 
_reflns_shell.number_unique_all      513 
_reflns_shell.number_measured_all    ? 
_reflns_shell.number_measured_obs    ? 
_reflns_shell.number_unique_obs      ? 
_reflns_shell.pdbx_chi_squared       ? 
_reflns_shell.pdbx_diffrn_id         ? 
_reflns_shell.pdbx_ordinal           1 
# 
_refine.entry_id                                 2RA5 
_refine.ls_number_reflns_obs                     6124 
_refine.ls_number_reflns_all                     6124 
_refine.pdbx_ls_sigma_I                          ? 
_refine.pdbx_ls_sigma_F                          0.0 
_refine.pdbx_data_cutoff_high_absF               ? 
_refine.pdbx_data_cutoff_low_absF                ? 
_refine.pdbx_data_cutoff_high_rms_absF           ? 
_refine.ls_d_res_low                             42.68 
_refine.ls_d_res_high                            2.40 
_refine.ls_percent_reflns_obs                    96.28 
_refine.ls_R_factor_obs                          0.225 
_refine.ls_R_factor_all                          0.225 
_refine.ls_R_factor_R_work                       0.218 
_refine.ls_R_factor_R_free                       0.292 
_refine.ls_R_factor_R_free_error                 ? 
_refine.ls_R_factor_R_free_error_details         ? 
_refine.ls_percent_reflns_R_free                 9.9 
_refine.ls_number_reflns_R_free                  675 
_refine.ls_number_parameters                     ? 
_refine.ls_number_restraints                     ? 
_refine.occupancy_min                            ? 
_refine.occupancy_max                            ? 
_refine.correlation_coeff_Fo_to_Fc               0.945 
_refine.correlation_coeff_Fo_to_Fc_free          0.911 
_refine.B_iso_mean                               69.685 
_refine.aniso_B[1][1]                            1.15 
_refine.aniso_B[2][2]                            1.15 
_refine.aniso_B[3][3]                            -2.30 
_refine.aniso_B[1][2]                            0.00 
_refine.aniso_B[1][3]                            0.00 
_refine.aniso_B[2][3]                            0.00 
_refine.solvent_model_details                    MASK 
_refine.solvent_model_param_ksol                 ? 
_refine.solvent_model_param_bsol                 ? 
_refine.pdbx_solvent_vdw_probe_radii             1.20 
_refine.pdbx_solvent_ion_probe_radii             0.80 
_refine.pdbx_solvent_shrinkage_radii             0.80 
_refine.pdbx_ls_cross_valid_method               THROUGHOUT 
_refine.details                                  
'The structure represents proteolyzed fragments. Phenix program has also been used in refinement.' 
_refine.pdbx_starting_model                      ? 
_refine.pdbx_method_to_determine_struct          SAD 
_refine.pdbx_isotropic_thermal_model             ? 
_refine.pdbx_stereochemistry_target_values       'MAXIMUM LIKELIHOOD WITH PHASES' 
_refine.pdbx_stereochem_target_val_spec_case     ? 
_refine.pdbx_R_Free_selection_details            RANDOM 
_refine.pdbx_overall_ESU_R                       0.584 
_refine.pdbx_overall_ESU_R_Free                  0.333 
_refine.overall_SU_ML                            ? 
_refine.overall_SU_B                             ? 
_refine.ls_redundancy_reflns_obs                 ? 
_refine.B_iso_min                                ? 
_refine.B_iso_max                                ? 
_refine.overall_SU_R_Cruickshank_DPI             ? 
_refine.overall_SU_R_free                        ? 
_refine.ls_wR_factor_R_free                      ? 
_refine.ls_wR_factor_R_work                      ? 
_refine.overall_FOM_free_R_set                   ? 
_refine.overall_FOM_work_R_set                   ? 
_refine.pdbx_overall_phase_error                 ? 
_refine.pdbx_refine_id                           'X-RAY DIFFRACTION' 
_refine.pdbx_diffrn_id                           1 
_refine.pdbx_TLS_residual_ADP_flag               ? 
_refine.pdbx_overall_SU_R_free_Cruickshank_DPI   ? 
_refine.pdbx_overall_SU_R_Blow_DPI               ? 
_refine.pdbx_overall_SU_R_free_Blow_DPI          ? 
# 
_refine_hist.pdbx_refine_id                   'X-RAY DIFFRACTION' 
_refine_hist.cycle_id                         LAST 
_refine_hist.pdbx_number_atoms_protein        1188 
_refine_hist.pdbx_number_atoms_nucleic_acid   0 
_refine_hist.pdbx_number_atoms_ligand         0 
_refine_hist.number_atoms_solvent             66 
_refine_hist.number_atoms_total               1254 
_refine_hist.d_res_high                       2.40 
_refine_hist.d_res_low                        42.68 
# 
loop_
_refine_ls_restr.type 
_refine_ls_restr.dev_ideal 
_refine_ls_restr.dev_ideal_target 
_refine_ls_restr.weight 
_refine_ls_restr.number 
_refine_ls_restr.pdbx_refine_id 
_refine_ls_restr.pdbx_restraint_function 
r_bond_refined_d             0.010  0.021  ? 1223 'X-RAY DIFFRACTION' ? 
r_bond_other_d               ?      ?      ? ?    'X-RAY DIFFRACTION' ? 
r_angle_refined_deg          1.804  1.986  ? 1661 'X-RAY DIFFRACTION' ? 
r_angle_other_deg            ?      ?      ? ?    'X-RAY DIFFRACTION' ? 
r_dihedral_angle_1_deg       6.616  5.000  ? 156  'X-RAY DIFFRACTION' ? 
r_dihedral_angle_2_deg       30.176 21.250 ? 56   'X-RAY DIFFRACTION' ? 
r_dihedral_angle_3_deg       21.298 15.000 ? 198  'X-RAY DIFFRACTION' ? 
r_dihedral_angle_4_deg       18.799 15.000 ? 18   'X-RAY DIFFRACTION' ? 
r_chiral_restr               0.079  0.200  ? 190  'X-RAY DIFFRACTION' ? 
r_gen_planes_refined         0.006  0.020  ? 942  'X-RAY DIFFRACTION' ? 
r_gen_planes_other           ?      ?      ? ?    'X-RAY DIFFRACTION' ? 
r_nbd_refined                0.281  0.200  ? 499  'X-RAY DIFFRACTION' ? 
r_nbd_other                  ?      ?      ? ?    'X-RAY DIFFRACTION' ? 
r_nbtor_refined              0.316  0.200  ? 814  'X-RAY DIFFRACTION' ? 
r_nbtor_other                ?      ?      ? ?    'X-RAY DIFFRACTION' ? 
r_xyhbond_nbd_refined        0.183  0.200  ? 59   'X-RAY DIFFRACTION' ? 
r_xyhbond_nbd_other          ?      ?      ? ?    'X-RAY DIFFRACTION' ? 
r_metal_ion_refined          ?      ?      ? ?    'X-RAY DIFFRACTION' ? 
r_metal_ion_other            ?      ?      ? ?    'X-RAY DIFFRACTION' ? 
r_symmetry_vdw_refined       0.446  0.200  ? 77   'X-RAY DIFFRACTION' ? 
r_symmetry_vdw_other         ?      ?      ? ?    'X-RAY DIFFRACTION' ? 
r_symmetry_hbond_refined     0.325  0.200  ? 16   'X-RAY DIFFRACTION' ? 
r_symmetry_hbond_other       ?      ?      ? ?    'X-RAY DIFFRACTION' ? 
r_symmetry_metal_ion_refined ?      ?      ? ?    'X-RAY DIFFRACTION' ? 
r_symmetry_metal_ion_other   ?      ?      ? ?    'X-RAY DIFFRACTION' ? 
r_mcbond_it                  8.426  1.500  ? 767  'X-RAY DIFFRACTION' ? 
r_mcbond_other               ?      ?      ? ?    'X-RAY DIFFRACTION' ? 
r_mcangle_it                 10.397 2.000  ? 1231 'X-RAY DIFFRACTION' ? 
r_scbond_it                  13.252 3.000  ? 456  'X-RAY DIFFRACTION' ? 
r_scangle_it                 17.536 4.500  ? 430  'X-RAY DIFFRACTION' ? 
r_rigid_bond_restr           ?      ?      ? ?    'X-RAY DIFFRACTION' ? 
r_sphericity_free            ?      ?      ? ?    'X-RAY DIFFRACTION' ? 
r_sphericity_bonded          ?      ?      ? ?    'X-RAY DIFFRACTION' ? 
# 
_refine_ls_shell.pdbx_total_number_of_bins_used   20 
_refine_ls_shell.d_res_high                       2.40 
_refine_ls_shell.d_res_low                        2.47 
_refine_ls_shell.number_reflns_R_work             337 
_refine_ls_shell.R_factor_R_work                  0.322 
_refine_ls_shell.percent_reflns_obs               72.42 
_refine_ls_shell.R_factor_R_free                  0.416 
_refine_ls_shell.R_factor_R_free_error            ? 
_refine_ls_shell.percent_reflns_R_free            ? 
_refine_ls_shell.number_reflns_R_free             28 
_refine_ls_shell.number_reflns_all                ? 
_refine_ls_shell.R_factor_all                     ? 
_refine_ls_shell.number_reflns_obs                365 
_refine_ls_shell.redundancy_reflns_obs            ? 
_refine_ls_shell.pdbx_refine_id                   'X-RAY DIFFRACTION' 
# 
_struct.entry_id                  2RA5 
_struct.title                     'Crystal structure of the putative transcriptional regulator from Streptomyces coelicolor' 
_struct.pdbx_model_details        ? 
_struct.pdbx_CASP_flag            N 
_struct.pdbx_model_type_details   ? 
# 
_struct_keywords.entry_id        2RA5 
_struct_keywords.pdbx_keywords   TRANSCRIPTION 
_struct_keywords.text            
;beta structure, UTRA domain, Structural Genomics, PSI-2, Protein Structure Initiative, Midwest Center for Structural Genomics, MCSG, DNA-binding, Transcription, Transcription regulation
;
# 
loop_
_struct_asym.id 
_struct_asym.pdbx_blank_PDB_chainid_flag 
_struct_asym.pdbx_modified 
_struct_asym.entity_id 
_struct_asym.details 
A N N 1 ? 
B N N 2 ? 
C N N 3 ? 
D N N 4 ? 
# 
_struct_ref.id                         1 
_struct_ref.db_name                    UNP 
_struct_ref.db_code                    Q9RKT6_STRCO 
_struct_ref.pdbx_db_accession          Q9RKT6 
_struct_ref.entity_id                  1 
_struct_ref.pdbx_seq_one_letter_code   
;MSLDLSVDRSSPVPLYFQLSQQLEAAIEHGALTPGSLLGNEIELAARLGLSRPTVRQAIQSLVDKGLLVRRRGVGTQVVH
SKVRRPLELSSLYDDLEAAGQRPATKVLVNTVVPATAEIAAALGVAEDSEVHRIERLRLTHGEPMAYLCNYLPPGLVDLD
TGQLEATGLYRLMRAAGITLHSARQSIGARAATSGEAERLGEDAGAPLLTMERTTFDDTGRAVEFGTHTYRPSRYSFEFQ
LLVRP
;
_struct_ref.pdbx_align_begin           1 
_struct_ref.pdbx_db_isoform            ? 
# 
_struct_ref_seq.align_id                      1 
_struct_ref_seq.ref_id                        1 
_struct_ref_seq.pdbx_PDB_id_code              2RA5 
_struct_ref_seq.pdbx_strand_id                A 
_struct_ref_seq.seq_align_beg                 3 
_struct_ref_seq.pdbx_seq_align_beg_ins_code   ? 
_struct_ref_seq.seq_align_end                 247 
_struct_ref_seq.pdbx_seq_align_end_ins_code   ? 
_struct_ref_seq.pdbx_db_accession             Q9RKT6 
_struct_ref_seq.db_align_beg                  1 
_struct_ref_seq.pdbx_db_align_beg_ins_code    ? 
_struct_ref_seq.db_align_end                  245 
_struct_ref_seq.pdbx_db_align_end_ins_code    ? 
_struct_ref_seq.pdbx_auth_seq_align_beg       1 
_struct_ref_seq.pdbx_auth_seq_align_end       245 
# 
loop_
_struct_ref_seq_dif.align_id 
_struct_ref_seq_dif.pdbx_pdb_id_code 
_struct_ref_seq_dif.mon_id 
_struct_ref_seq_dif.pdbx_pdb_strand_id 
_struct_ref_seq_dif.seq_num 
_struct_ref_seq_dif.pdbx_pdb_ins_code 
_struct_ref_seq_dif.pdbx_seq_db_name 
_struct_ref_seq_dif.pdbx_seq_db_accession_code 
_struct_ref_seq_dif.db_mon_id 
_struct_ref_seq_dif.pdbx_seq_db_seq_num 
_struct_ref_seq_dif.details 
_struct_ref_seq_dif.pdbx_auth_seq_num 
_struct_ref_seq_dif.pdbx_ordinal 
1 2RA5 GLY A 1 ? UNP Q9RKT6 ? ? 'expression tag' -1 1 
1 2RA5 HIS A 2 ? UNP Q9RKT6 ? ? 'expression tag' 0  2 
# 
_pdbx_struct_assembly.id                   1 
_pdbx_struct_assembly.details              software_defined_assembly 
_pdbx_struct_assembly.method_details       PISA 
_pdbx_struct_assembly.oligomeric_details   dimeric 
_pdbx_struct_assembly.oligomeric_count     2 
# 
_pdbx_struct_assembly_prop.biol_id   1 
_pdbx_struct_assembly_prop.type      'ABSA (A^2)' 
_pdbx_struct_assembly_prop.value     2720 
_pdbx_struct_assembly_prop.details   ? 
# 
_pdbx_struct_assembly_gen.assembly_id       1 
_pdbx_struct_assembly_gen.oper_expression   1,2 
_pdbx_struct_assembly_gen.asym_id_list      A,B,C,D 
# 
loop_
_pdbx_struct_oper_list.id 
_pdbx_struct_oper_list.type 
_pdbx_struct_oper_list.name 
_pdbx_struct_oper_list.symmetry_operation 
_pdbx_struct_oper_list.matrix[1][1] 
_pdbx_struct_oper_list.matrix[1][2] 
_pdbx_struct_oper_list.matrix[1][3] 
_pdbx_struct_oper_list.vector[1] 
_pdbx_struct_oper_list.matrix[2][1] 
_pdbx_struct_oper_list.matrix[2][2] 
_pdbx_struct_oper_list.matrix[2][3] 
_pdbx_struct_oper_list.vector[2] 
_pdbx_struct_oper_list.matrix[3][1] 
_pdbx_struct_oper_list.matrix[3][2] 
_pdbx_struct_oper_list.matrix[3][3] 
_pdbx_struct_oper_list.vector[3] 
1 'identity operation'         1_555 x,y,z            1.0000000000  0.0000000000  0.0000000000  0.0000000000  0.0000000000  1.0000000000  0.0000000000 0.0000000000  0.0000000000  0.0000000000 1.0000000000 0.0000000000 
2 'crystal symmetry operation' 8_665 -y+1,-x+1,-z+1/2 -0.6362926733 -0.3899686174 -0.6656246024 24.4517527052 -0.3899686174 -0.5818739095 0.7136856667 12.8937087210 -0.6656246024 0.7136856667 0.2181665829 5.8067863357 
# 
_struct_biol.id        1 
_struct_biol.details   'Authors state that the biological unit of this protein is unknown' 
# 
loop_
_struct_conf.conf_type_id 
_struct_conf.id 
_struct_conf.pdbx_PDB_helix_id 
_struct_conf.beg_label_comp_id 
_struct_conf.beg_label_asym_id 
_struct_conf.beg_label_seq_id 
_struct_conf.pdbx_beg_PDB_ins_code 
_struct_conf.end_label_comp_id 
_struct_conf.end_label_asym_id 
_struct_conf.end_label_seq_id 
_struct_conf.pdbx_end_PDB_ins_code 
_struct_conf.beg_auth_comp_id 
_struct_conf.beg_auth_asym_id 
_struct_conf.beg_auth_seq_id 
_struct_conf.end_auth_comp_id 
_struct_conf.end_auth_asym_id 
_struct_conf.end_auth_seq_id 
_struct_conf.pdbx_PDB_helix_class 
_struct_conf.details 
_struct_conf.pdbx_PDB_helix_length 
HELX_P HELX_P1 1 THR A 118 ? GLY A 126 ? THR A 116 GLY A 124 1 ? 9 
HELX_P HELX_P2 2 GLY A 164 ? THR A 169 ? GLY A 162 THR A 167 1 ? 6 
HELX_P HELX_P3 3 GLY A 170 ? ALA A 178 ? GLY A 168 ALA A 176 1 ? 9 
HELX_P HELX_P4 4 THR A 195 ? GLY A 203 ? THR A 193 GLY A 201 1 ? 9 
# 
_struct_conf_type.id          HELX_P 
_struct_conf_type.criteria    ? 
_struct_conf_type.reference   ? 
# 
loop_
_struct_conn.id 
_struct_conn.conn_type_id 
_struct_conn.pdbx_leaving_atom_flag 
_struct_conn.pdbx_PDB_id 
_struct_conn.ptnr1_label_asym_id 
_struct_conn.ptnr1_label_comp_id 
_struct_conn.ptnr1_label_seq_id 
_struct_conn.ptnr1_label_atom_id 
_struct_conn.pdbx_ptnr1_label_alt_id 
_struct_conn.pdbx_ptnr1_PDB_ins_code 
_struct_conn.pdbx_ptnr1_standard_comp_id 
_struct_conn.ptnr1_symmetry 
_struct_conn.ptnr2_label_asym_id 
_struct_conn.ptnr2_label_comp_id 
_struct_conn.ptnr2_label_seq_id 
_struct_conn.ptnr2_label_atom_id 
_struct_conn.pdbx_ptnr2_label_alt_id 
_struct_conn.pdbx_ptnr2_PDB_ins_code 
_struct_conn.ptnr1_auth_asym_id 
_struct_conn.ptnr1_auth_comp_id 
_struct_conn.ptnr1_auth_seq_id 
_struct_conn.ptnr2_auth_asym_id 
_struct_conn.ptnr2_auth_comp_id 
_struct_conn.ptnr2_auth_seq_id 
_struct_conn.ptnr2_symmetry 
_struct_conn.pdbx_ptnr3_label_atom_id 
_struct_conn.pdbx_ptnr3_label_seq_id 
_struct_conn.pdbx_ptnr3_label_comp_id 
_struct_conn.pdbx_ptnr3_label_asym_id 
_struct_conn.pdbx_ptnr3_label_alt_id 
_struct_conn.pdbx_ptnr3_PDB_ins_code 
_struct_conn.details 
_struct_conn.pdbx_dist_value 
_struct_conn.pdbx_value_order 
_struct_conn.pdbx_role 
covale1 covale both ? A PRO 146 C ? ? ? 1_555 A MSE 147 N ? ? A PRO 144 A MSE 145 1_555 ? ? ? ? ? ? ? 1.326 ? ? 
covale2 covale both ? A MSE 147 C ? ? ? 1_555 A ALA 148 N ? ? A MSE 145 A ALA 146 1_555 ? ? ? ? ? ? ? 1.327 ? ? 
covale3 covale both ? A LEU 174 C ? ? ? 1_555 A MSE 175 N ? ? A LEU 172 A MSE 173 1_555 ? ? ? ? ? ? ? 1.329 ? ? 
covale4 covale both ? A MSE 175 C ? ? ? 1_555 A ARG 176 N ? ? A MSE 173 A ARG 174 1_555 ? ? ? ? ? ? ? 1.326 ? ? 
covale5 covale both ? A THR 212 C ? ? ? 1_555 A MSE 213 N ? ? A THR 210 A MSE 211 1_555 ? ? ? ? ? ? ? 1.321 ? ? 
covale6 covale both ? A MSE 213 C ? ? ? 1_555 A GLU 214 N ? ? A MSE 211 A GLU 212 1_555 ? ? ? ? ? ? ? 1.323 ? ? 
# 
_struct_conn_type.id          covale 
_struct_conn_type.criteria    ? 
_struct_conn_type.reference   ? 
# 
loop_
_pdbx_modification_feature.ordinal 
_pdbx_modification_feature.label_comp_id 
_pdbx_modification_feature.label_asym_id 
_pdbx_modification_feature.label_seq_id 
_pdbx_modification_feature.label_alt_id 
_pdbx_modification_feature.modified_residue_label_comp_id 
_pdbx_modification_feature.modified_residue_label_asym_id 
_pdbx_modification_feature.modified_residue_label_seq_id 
_pdbx_modification_feature.modified_residue_label_alt_id 
_pdbx_modification_feature.auth_comp_id 
_pdbx_modification_feature.auth_asym_id 
_pdbx_modification_feature.auth_seq_id 
_pdbx_modification_feature.PDB_ins_code 
_pdbx_modification_feature.symmetry 
_pdbx_modification_feature.modified_residue_auth_comp_id 
_pdbx_modification_feature.modified_residue_auth_asym_id 
_pdbx_modification_feature.modified_residue_auth_seq_id 
_pdbx_modification_feature.modified_residue_PDB_ins_code 
_pdbx_modification_feature.modified_residue_symmetry 
_pdbx_modification_feature.comp_id_linking_atom 
_pdbx_modification_feature.modified_residue_id_linking_atom 
_pdbx_modification_feature.modified_residue_id 
_pdbx_modification_feature.ref_pcm_id 
_pdbx_modification_feature.ref_comp_id 
_pdbx_modification_feature.type 
_pdbx_modification_feature.category 
1 MSE A 147 ? . . . . MSE A 145 ? 1_555 . . . . . . . MET 1 MSE Selenomethionine 'Named protein modification' 
2 MSE A 175 ? . . . . MSE A 173 ? 1_555 . . . . . . . MET 1 MSE Selenomethionine 'Named protein modification' 
3 MSE A 213 ? . . . . MSE A 211 ? 1_555 . . . . . . . MET 1 MSE Selenomethionine 'Named protein modification' 
# 
loop_
_struct_sheet.id 
_struct_sheet.type 
_struct_sheet.number_strands 
_struct_sheet.details 
A ? 2 ? 
B ? 6 ? 
# 
loop_
_struct_sheet_order.sheet_id 
_struct_sheet_order.range_id_1 
_struct_sheet_order.range_id_2 
_struct_sheet_order.offset 
_struct_sheet_order.sense 
A 1 2 ? anti-parallel 
B 1 2 ? anti-parallel 
B 2 3 ? anti-parallel 
B 3 4 ? anti-parallel 
B 4 5 ? anti-parallel 
B 5 6 ? anti-parallel 
# 
loop_
_struct_sheet_range.sheet_id 
_struct_sheet_range.id 
_struct_sheet_range.beg_label_comp_id 
_struct_sheet_range.beg_label_asym_id 
_struct_sheet_range.beg_label_seq_id 
_struct_sheet_range.pdbx_beg_PDB_ins_code 
_struct_sheet_range.end_label_comp_id 
_struct_sheet_range.end_label_asym_id 
_struct_sheet_range.end_label_seq_id 
_struct_sheet_range.pdbx_end_PDB_ins_code 
_struct_sheet_range.beg_auth_comp_id 
_struct_sheet_range.beg_auth_asym_id 
_struct_sheet_range.beg_auth_seq_id 
_struct_sheet_range.end_auth_comp_id 
_struct_sheet_range.end_auth_asym_id 
_struct_sheet_range.end_auth_seq_id 
A 1 LEU A 69  ? ARG A 73  ? LEU A 67  ARG A 71  
A 2 PHE A 241 ? VAL A 245 ? PHE A 239 VAL A 243 
B 1 ALA A 106 ? PRO A 116 ? ALA A 104 PRO A 114 
B 2 GLU A 132 ? THR A 142 ? GLU A 130 THR A 140 
B 3 GLU A 145 ? LEU A 154 ? GLU A 143 LEU A 152 
B 4 ALA A 224 ? TYR A 232 ? ALA A 222 TYR A 230 
B 5 PRO A 209 ? PHE A 218 ? PRO A 207 PHE A 216 
B 6 SER A 184 ? ALA A 193 ? SER A 182 ALA A 191 
# 
loop_
_pdbx_struct_sheet_hbond.sheet_id 
_pdbx_struct_sheet_hbond.range_id_1 
_pdbx_struct_sheet_hbond.range_id_2 
_pdbx_struct_sheet_hbond.range_1_label_atom_id 
_pdbx_struct_sheet_hbond.range_1_label_comp_id 
_pdbx_struct_sheet_hbond.range_1_label_asym_id 
_pdbx_struct_sheet_hbond.range_1_label_seq_id 
_pdbx_struct_sheet_hbond.range_1_PDB_ins_code 
_pdbx_struct_sheet_hbond.range_1_auth_atom_id 
_pdbx_struct_sheet_hbond.range_1_auth_comp_id 
_pdbx_struct_sheet_hbond.range_1_auth_asym_id 
_pdbx_struct_sheet_hbond.range_1_auth_seq_id 
_pdbx_struct_sheet_hbond.range_2_label_atom_id 
_pdbx_struct_sheet_hbond.range_2_label_comp_id 
_pdbx_struct_sheet_hbond.range_2_label_asym_id 
_pdbx_struct_sheet_hbond.range_2_label_seq_id 
_pdbx_struct_sheet_hbond.range_2_PDB_ins_code 
_pdbx_struct_sheet_hbond.range_2_auth_atom_id 
_pdbx_struct_sheet_hbond.range_2_auth_comp_id 
_pdbx_struct_sheet_hbond.range_2_auth_asym_id 
_pdbx_struct_sheet_hbond.range_2_auth_seq_id 
A 1 2 N LEU A 70  ? N LEU A 68  O LEU A 244 ? O LEU A 242 
B 1 2 N ALA A 106 ? N ALA A 104 O LEU A 141 ? O LEU A 139 
B 2 3 N ARG A 140 ? N ARG A 138 O MSE A 147 ? O MSE A 145 
B 3 4 N CYS A 151 ? N CYS A 149 O THR A 229 ? O THR A 227 
B 4 5 O VAL A 225 ? O VAL A 223 N THR A 217 ? N THR A 215 
B 5 6 O LEU A 210 ? O LEU A 208 N ARG A 192 ? N ARG A 190 
# 
loop_
_struct_site.id 
_struct_site.pdbx_evidence_code 
_struct_site.pdbx_auth_asym_id 
_struct_site.pdbx_auth_comp_id 
_struct_site.pdbx_auth_seq_id 
_struct_site.pdbx_auth_ins_code 
_struct_site.pdbx_num_residues 
_struct_site.details 
AC1 Software A SRT 247 ? 6 'BINDING SITE FOR RESIDUE SRT A 247' 
AC2 Software A IPA 246 ? 7 'BINDING SITE FOR RESIDUE IPA A 246' 
# 
loop_
_struct_site_gen.id 
_struct_site_gen.site_id 
_struct_site_gen.pdbx_num_res 
_struct_site_gen.label_comp_id 
_struct_site_gen.label_asym_id 
_struct_site_gen.label_seq_id 
_struct_site_gen.pdbx_auth_ins_code 
_struct_site_gen.auth_comp_id 
_struct_site_gen.auth_asym_id 
_struct_site_gen.auth_seq_id 
_struct_site_gen.label_atom_id 
_struct_site_gen.label_alt_id 
_struct_site_gen.symmetry 
_struct_site_gen.details 
1  AC1 6 ARG A 138 ? ARG A 136 . ? 1_555 ? 
2  AC1 6 ARG A 140 ? ARG A 138 . ? 1_555 ? 
3  AC1 6 LEU A 171 ? LEU A 169 . ? 1_555 ? 
4  AC1 6 TYR A 172 ? TYR A 170 . ? 1_555 ? 
5  AC1 6 ARG A 215 ? ARG A 213 . ? 1_555 ? 
6  AC1 6 HOH D .   ? HOH A 276 . ? 1_555 ? 
7  AC2 7 PRO A 116 ? PRO A 114 . ? 1_555 ? 
8  AC2 7 ALA A 117 ? ALA A 115 . ? 1_555 ? 
9  AC2 7 THR A 118 ? THR A 116 . ? 1_555 ? 
10 AC2 7 GLU A 129 ? GLU A 127 . ? 1_555 ? 
11 AC2 7 ASP A 130 ? ASP A 128 . ? 1_555 ? 
12 AC2 7 ASP A 220 ? ASP A 218 . ? 5_655 ? 
13 AC2 7 GLY A 222 ? GLY A 220 . ? 5_655 ? 
# 
_pdbx_entry_details.entry_id                   2RA5 
_pdbx_entry_details.compound_details           ? 
_pdbx_entry_details.source_details             ? 
_pdbx_entry_details.nonpolymer_details         ? 
_pdbx_entry_details.sequence_details           ? 
_pdbx_entry_details.has_ligand_of_interest     ? 
_pdbx_entry_details.has_protein_modification   Y 
# 
loop_
_pdbx_validate_close_contact.id 
_pdbx_validate_close_contact.PDB_model_num 
_pdbx_validate_close_contact.auth_atom_id_1 
_pdbx_validate_close_contact.auth_asym_id_1 
_pdbx_validate_close_contact.auth_comp_id_1 
_pdbx_validate_close_contact.auth_seq_id_1 
_pdbx_validate_close_contact.PDB_ins_code_1 
_pdbx_validate_close_contact.label_alt_id_1 
_pdbx_validate_close_contact.auth_atom_id_2 
_pdbx_validate_close_contact.auth_asym_id_2 
_pdbx_validate_close_contact.auth_comp_id_2 
_pdbx_validate_close_contact.auth_seq_id_2 
_pdbx_validate_close_contact.PDB_ins_code_2 
_pdbx_validate_close_contact.label_alt_id_2 
_pdbx_validate_close_contact.dist 
1 1 O  A HOH 251 ? ? O A HOH 299 ? ? 2.11 
2 1 O4 A SRT 247 ? ? O A HOH 276 ? ? 2.18 
# 
loop_
_pdbx_validate_symm_contact.id 
_pdbx_validate_symm_contact.PDB_model_num 
_pdbx_validate_symm_contact.auth_atom_id_1 
_pdbx_validate_symm_contact.auth_asym_id_1 
_pdbx_validate_symm_contact.auth_comp_id_1 
_pdbx_validate_symm_contact.auth_seq_id_1 
_pdbx_validate_symm_contact.PDB_ins_code_1 
_pdbx_validate_symm_contact.label_alt_id_1 
_pdbx_validate_symm_contact.site_symmetry_1 
_pdbx_validate_symm_contact.auth_atom_id_2 
_pdbx_validate_symm_contact.auth_asym_id_2 
_pdbx_validate_symm_contact.auth_comp_id_2 
_pdbx_validate_symm_contact.auth_seq_id_2 
_pdbx_validate_symm_contact.PDB_ins_code_2 
_pdbx_validate_symm_contact.label_alt_id_2 
_pdbx_validate_symm_contact.site_symmetry_2 
_pdbx_validate_symm_contact.dist 
1 1 NH1 A ARG 70 ? ? 1_555 O   A HOH 281 ? ? 3_644 2.17 
2 1 NH1 A ARG 72 ? ? 1_555 OE2 A GLU 130 ? ? 3_644 2.19 
# 
_pdbx_validate_rmsd_angle.id                         1 
_pdbx_validate_rmsd_angle.PDB_model_num              1 
_pdbx_validate_rmsd_angle.auth_atom_id_1             CA 
_pdbx_validate_rmsd_angle.auth_asym_id_1             A 
_pdbx_validate_rmsd_angle.auth_comp_id_1             ARG 
_pdbx_validate_rmsd_angle.auth_seq_id_1              72 
_pdbx_validate_rmsd_angle.PDB_ins_code_1             ? 
_pdbx_validate_rmsd_angle.label_alt_id_1             ? 
_pdbx_validate_rmsd_angle.auth_atom_id_2             C 
_pdbx_validate_rmsd_angle.auth_asym_id_2             A 
_pdbx_validate_rmsd_angle.auth_comp_id_2             ARG 
_pdbx_validate_rmsd_angle.auth_seq_id_2              72 
_pdbx_validate_rmsd_angle.PDB_ins_code_2             ? 
_pdbx_validate_rmsd_angle.label_alt_id_2             ? 
_pdbx_validate_rmsd_angle.auth_atom_id_3             O 
_pdbx_validate_rmsd_angle.auth_asym_id_3             A 
_pdbx_validate_rmsd_angle.auth_comp_id_3             ARG 
_pdbx_validate_rmsd_angle.auth_seq_id_3              72 
_pdbx_validate_rmsd_angle.PDB_ins_code_3             ? 
_pdbx_validate_rmsd_angle.label_alt_id_3             ? 
_pdbx_validate_rmsd_angle.angle_value                72.38 
_pdbx_validate_rmsd_angle.angle_target_value         120.10 
_pdbx_validate_rmsd_angle.angle_deviation            -47.72 
_pdbx_validate_rmsd_angle.angle_standard_deviation   2.10 
_pdbx_validate_rmsd_angle.linker_flag                N 
# 
loop_
_pdbx_validate_torsion.id 
_pdbx_validate_torsion.PDB_model_num 
_pdbx_validate_torsion.auth_comp_id 
_pdbx_validate_torsion.auth_asym_id 
_pdbx_validate_torsion.auth_seq_id 
_pdbx_validate_torsion.PDB_ins_code 
_pdbx_validate_torsion.label_alt_id 
_pdbx_validate_torsion.phi 
_pdbx_validate_torsion.psi 
1 1 ASP A 128 ? ? 64.11  -0.20  
2 1 ASP A 160 ? A -29.22 117.60 
# 
_pdbx_SG_project.id                    1 
_pdbx_SG_project.project_name          'PSI, Protein Structure Initiative' 
_pdbx_SG_project.full_name_of_center   'Midwest Center for Structural Genomics' 
_pdbx_SG_project.initial_of_center     MCSG 
# 
loop_
_pdbx_struct_mod_residue.id 
_pdbx_struct_mod_residue.label_asym_id 
_pdbx_struct_mod_residue.label_comp_id 
_pdbx_struct_mod_residue.label_seq_id 
_pdbx_struct_mod_residue.auth_asym_id 
_pdbx_struct_mod_residue.auth_comp_id 
_pdbx_struct_mod_residue.auth_seq_id 
_pdbx_struct_mod_residue.PDB_ins_code 
_pdbx_struct_mod_residue.parent_comp_id 
_pdbx_struct_mod_residue.details 
1 A MSE 147 A MSE 145 ? MET SELENOMETHIONINE 
2 A MSE 175 A MSE 173 ? MET SELENOMETHIONINE 
3 A MSE 213 A MSE 211 ? MET SELENOMETHIONINE 
# 
loop_
_pdbx_unobs_or_zero_occ_residues.id 
_pdbx_unobs_or_zero_occ_residues.PDB_model_num 
_pdbx_unobs_or_zero_occ_residues.polymer_flag 
_pdbx_unobs_or_zero_occ_residues.occupancy_flag 
_pdbx_unobs_or_zero_occ_residues.auth_asym_id 
_pdbx_unobs_or_zero_occ_residues.auth_comp_id 
_pdbx_unobs_or_zero_occ_residues.auth_seq_id 
_pdbx_unobs_or_zero_occ_residues.PDB_ins_code 
_pdbx_unobs_or_zero_occ_residues.label_asym_id 
_pdbx_unobs_or_zero_occ_residues.label_comp_id 
_pdbx_unobs_or_zero_occ_residues.label_seq_id 
1  1 Y 1 A GLY -1  ? A GLY 1   
2  1 Y 1 A HIS 0   ? A HIS 2   
3  1 Y 1 A MSE 1   ? A MSE 3   
4  1 Y 1 A SER 2   ? A SER 4   
5  1 Y 1 A LEU 3   ? A LEU 5   
6  1 Y 1 A ASP 4   ? A ASP 6   
7  1 Y 1 A LEU 5   ? A LEU 7   
8  1 Y 1 A SER 6   ? A SER 8   
9  1 Y 1 A VAL 7   ? A VAL 9   
10 1 Y 1 A ASP 8   ? A ASP 10  
11 1 Y 1 A ARG 9   ? A ARG 11  
12 1 Y 1 A SER 10  ? A SER 12  
13 1 Y 1 A SER 11  ? A SER 13  
14 1 Y 1 A PRO 12  ? A PRO 14  
15 1 Y 1 A VAL 13  ? A VAL 15  
16 1 Y 1 A PRO 14  ? A PRO 16  
17 1 Y 1 A LEU 15  ? A LEU 17  
18 1 Y 1 A TYR 16  ? A TYR 18  
19 1 Y 1 A PHE 17  ? A PHE 19  
20 1 Y 1 A GLN 18  ? A GLN 20  
21 1 Y 1 A LEU 19  ? A LEU 21  
22 1 Y 1 A SER 20  ? A SER 22  
23 1 Y 1 A GLN 21  ? A GLN 23  
24 1 Y 1 A GLN 22  ? A GLN 24  
25 1 Y 1 A LEU 23  ? A LEU 25  
26 1 Y 1 A GLU 24  ? A GLU 26  
27 1 Y 1 A ALA 25  ? A ALA 27  
28 1 Y 1 A ALA 26  ? A ALA 28  
29 1 Y 1 A ILE 27  ? A ILE 29  
30 1 Y 1 A GLU 28  ? A GLU 30  
31 1 Y 1 A HIS 29  ? A HIS 31  
32 1 Y 1 A GLY 30  ? A GLY 32  
33 1 Y 1 A ALA 31  ? A ALA 33  
34 1 Y 1 A LEU 32  ? A LEU 34  
35 1 Y 1 A THR 33  ? A THR 35  
36 1 Y 1 A PRO 34  ? A PRO 36  
37 1 Y 1 A GLY 35  ? A GLY 37  
38 1 Y 1 A SER 36  ? A SER 38  
39 1 Y 1 A LEU 37  ? A LEU 39  
40 1 Y 1 A LEU 38  ? A LEU 40  
41 1 Y 1 A GLY 39  ? A GLY 41  
42 1 Y 1 A ASN 40  ? A ASN 42  
43 1 Y 1 A GLU 41  ? A GLU 43  
44 1 Y 1 A ILE 42  ? A ILE 44  
45 1 Y 1 A GLU 43  ? A GLU 45  
46 1 Y 1 A LEU 44  ? A LEU 46  
47 1 Y 1 A ALA 45  ? A ALA 47  
48 1 Y 1 A ALA 46  ? A ALA 48  
49 1 Y 1 A ARG 47  ? A ARG 49  
50 1 Y 1 A LEU 48  ? A LEU 50  
51 1 Y 1 A GLY 49  ? A GLY 51  
52 1 Y 1 A LEU 50  ? A LEU 52  
53 1 Y 1 A SER 51  ? A SER 53  
54 1 Y 1 A ARG 52  ? A ARG 54  
55 1 Y 1 A PRO 53  ? A PRO 55  
56 1 Y 1 A THR 54  ? A THR 56  
57 1 Y 1 A VAL 55  ? A VAL 57  
58 1 Y 1 A ARG 56  ? A ARG 58  
59 1 Y 1 A GLN 57  ? A GLN 59  
60 1 Y 1 A ALA 58  ? A ALA 60  
61 1 Y 1 A ILE 59  ? A ILE 61  
62 1 Y 1 A GLN 60  ? A GLN 62  
63 1 Y 1 A SER 61  ? A SER 63  
64 1 Y 1 A LEU 62  ? A LEU 64  
65 1 Y 1 A VAL 63  ? A VAL 65  
66 1 Y 1 A ASP 64  ? A ASP 66  
67 1 Y 1 A LYS 65  ? A LYS 67  
68 1 Y 1 A GLY 73  ? A GLY 75  
69 1 Y 1 A VAL 74  ? A VAL 76  
70 1 Y 1 A GLY 75  ? A GLY 77  
71 1 Y 1 A THR 76  ? A THR 78  
72 1 Y 1 A GLN 77  ? A GLN 79  
73 1 Y 1 A VAL 78  ? A VAL 80  
74 1 Y 1 A VAL 79  ? A VAL 81  
75 1 Y 1 A HIS 80  ? A HIS 82  
76 1 Y 1 A SER 81  ? A SER 83  
77 1 Y 1 A LYS 82  ? A LYS 84  
78 1 Y 1 A VAL 83  ? A VAL 85  
79 1 Y 1 A ARG 84  ? A ARG 86  
80 1 Y 1 A ARG 85  ? A ARG 87  
81 1 Y 1 A PRO 86  ? A PRO 88  
82 1 Y 1 A LEU 87  ? A LEU 89  
83 1 Y 1 A GLU 88  ? A GLU 90  
84 1 Y 1 A LEU 89  ? A LEU 91  
85 1 Y 1 A SER 90  ? A SER 92  
86 1 Y 1 A SER 91  ? A SER 93  
87 1 Y 1 A LEU 92  ? A LEU 94  
88 1 Y 1 A TYR 93  ? A TYR 95  
89 1 Y 1 A ASP 94  ? A ASP 96  
90 1 Y 1 A ASP 95  ? A ASP 97  
91 1 Y 1 A LEU 96  ? A LEU 98  
92 1 Y 1 A GLU 97  ? A GLU 99  
93 1 Y 1 A ALA 98  ? A ALA 100 
94 1 Y 1 A ALA 99  ? A ALA 101 
95 1 Y 1 A GLY 100 ? A GLY 102 
96 1 Y 1 A GLN 101 ? A GLN 103 
97 1 Y 1 A ARG 102 ? A ARG 104 
# 
loop_
_chem_comp_atom.comp_id 
_chem_comp_atom.atom_id 
_chem_comp_atom.type_symbol 
_chem_comp_atom.pdbx_aromatic_flag 
_chem_comp_atom.pdbx_stereo_config 
_chem_comp_atom.pdbx_ordinal 
ALA N    N  N N 1   
ALA CA   C  N S 2   
ALA C    C  N N 3   
ALA O    O  N N 4   
ALA CB   C  N N 5   
ALA OXT  O  N N 6   
ALA H    H  N N 7   
ALA H2   H  N N 8   
ALA HA   H  N N 9   
ALA HB1  H  N N 10  
ALA HB2  H  N N 11  
ALA HB3  H  N N 12  
ALA HXT  H  N N 13  
ARG N    N  N N 14  
ARG CA   C  N S 15  
ARG C    C  N N 16  
ARG O    O  N N 17  
ARG CB   C  N N 18  
ARG CG   C  N N 19  
ARG CD   C  N N 20  
ARG NE   N  N N 21  
ARG CZ   C  N N 22  
ARG NH1  N  N N 23  
ARG NH2  N  N N 24  
ARG OXT  O  N N 25  
ARG H    H  N N 26  
ARG H2   H  N N 27  
ARG HA   H  N N 28  
ARG HB2  H  N N 29  
ARG HB3  H  N N 30  
ARG HG2  H  N N 31  
ARG HG3  H  N N 32  
ARG HD2  H  N N 33  
ARG HD3  H  N N 34  
ARG HE   H  N N 35  
ARG HH11 H  N N 36  
ARG HH12 H  N N 37  
ARG HH21 H  N N 38  
ARG HH22 H  N N 39  
ARG HXT  H  N N 40  
ASN N    N  N N 41  
ASN CA   C  N S 42  
ASN C    C  N N 43  
ASN O    O  N N 44  
ASN CB   C  N N 45  
ASN CG   C  N N 46  
ASN OD1  O  N N 47  
ASN ND2  N  N N 48  
ASN OXT  O  N N 49  
ASN H    H  N N 50  
ASN H2   H  N N 51  
ASN HA   H  N N 52  
ASN HB2  H  N N 53  
ASN HB3  H  N N 54  
ASN HD21 H  N N 55  
ASN HD22 H  N N 56  
ASN HXT  H  N N 57  
ASP N    N  N N 58  
ASP CA   C  N S 59  
ASP C    C  N N 60  
ASP O    O  N N 61  
ASP CB   C  N N 62  
ASP CG   C  N N 63  
ASP OD1  O  N N 64  
ASP OD2  O  N N 65  
ASP OXT  O  N N 66  
ASP H    H  N N 67  
ASP H2   H  N N 68  
ASP HA   H  N N 69  
ASP HB2  H  N N 70  
ASP HB3  H  N N 71  
ASP HD2  H  N N 72  
ASP HXT  H  N N 73  
CYS N    N  N N 74  
CYS CA   C  N R 75  
CYS C    C  N N 76  
CYS O    O  N N 77  
CYS CB   C  N N 78  
CYS SG   S  N N 79  
CYS OXT  O  N N 80  
CYS H    H  N N 81  
CYS H2   H  N N 82  
CYS HA   H  N N 83  
CYS HB2  H  N N 84  
CYS HB3  H  N N 85  
CYS HG   H  N N 86  
CYS HXT  H  N N 87  
GLN N    N  N N 88  
GLN CA   C  N S 89  
GLN C    C  N N 90  
GLN O    O  N N 91  
GLN CB   C  N N 92  
GLN CG   C  N N 93  
GLN CD   C  N N 94  
GLN OE1  O  N N 95  
GLN NE2  N  N N 96  
GLN OXT  O  N N 97  
GLN H    H  N N 98  
GLN H2   H  N N 99  
GLN HA   H  N N 100 
GLN HB2  H  N N 101 
GLN HB3  H  N N 102 
GLN HG2  H  N N 103 
GLN HG3  H  N N 104 
GLN HE21 H  N N 105 
GLN HE22 H  N N 106 
GLN HXT  H  N N 107 
GLU N    N  N N 108 
GLU CA   C  N S 109 
GLU C    C  N N 110 
GLU O    O  N N 111 
GLU CB   C  N N 112 
GLU CG   C  N N 113 
GLU CD   C  N N 114 
GLU OE1  O  N N 115 
GLU OE2  O  N N 116 
GLU OXT  O  N N 117 
GLU H    H  N N 118 
GLU H2   H  N N 119 
GLU HA   H  N N 120 
GLU HB2  H  N N 121 
GLU HB3  H  N N 122 
GLU HG2  H  N N 123 
GLU HG3  H  N N 124 
GLU HE2  H  N N 125 
GLU HXT  H  N N 126 
GLY N    N  N N 127 
GLY CA   C  N N 128 
GLY C    C  N N 129 
GLY O    O  N N 130 
GLY OXT  O  N N 131 
GLY H    H  N N 132 
GLY H2   H  N N 133 
GLY HA2  H  N N 134 
GLY HA3  H  N N 135 
GLY HXT  H  N N 136 
HIS N    N  N N 137 
HIS CA   C  N S 138 
HIS C    C  N N 139 
HIS O    O  N N 140 
HIS CB   C  N N 141 
HIS CG   C  Y N 142 
HIS ND1  N  Y N 143 
HIS CD2  C  Y N 144 
HIS CE1  C  Y N 145 
HIS NE2  N  Y N 146 
HIS OXT  O  N N 147 
HIS H    H  N N 148 
HIS H2   H  N N 149 
HIS HA   H  N N 150 
HIS HB2  H  N N 151 
HIS HB3  H  N N 152 
HIS HD1  H  N N 153 
HIS HD2  H  N N 154 
HIS HE1  H  N N 155 
HIS HE2  H  N N 156 
HIS HXT  H  N N 157 
HOH O    O  N N 158 
HOH H1   H  N N 159 
HOH H2   H  N N 160 
ILE N    N  N N 161 
ILE CA   C  N S 162 
ILE C    C  N N 163 
ILE O    O  N N 164 
ILE CB   C  N S 165 
ILE CG1  C  N N 166 
ILE CG2  C  N N 167 
ILE CD1  C  N N 168 
ILE OXT  O  N N 169 
ILE H    H  N N 170 
ILE H2   H  N N 171 
ILE HA   H  N N 172 
ILE HB   H  N N 173 
ILE HG12 H  N N 174 
ILE HG13 H  N N 175 
ILE HG21 H  N N 176 
ILE HG22 H  N N 177 
ILE HG23 H  N N 178 
ILE HD11 H  N N 179 
ILE HD12 H  N N 180 
ILE HD13 H  N N 181 
ILE HXT  H  N N 182 
IPA C1   C  N N 183 
IPA C2   C  N N 184 
IPA C3   C  N N 185 
IPA O2   O  N N 186 
IPA H11  H  N N 187 
IPA H12  H  N N 188 
IPA H13  H  N N 189 
IPA H2   H  N N 190 
IPA H31  H  N N 191 
IPA H32  H  N N 192 
IPA H33  H  N N 193 
IPA HO2  H  N N 194 
LEU N    N  N N 195 
LEU CA   C  N S 196 
LEU C    C  N N 197 
LEU O    O  N N 198 
LEU CB   C  N N 199 
LEU CG   C  N N 200 
LEU CD1  C  N N 201 
LEU CD2  C  N N 202 
LEU OXT  O  N N 203 
LEU H    H  N N 204 
LEU H2   H  N N 205 
LEU HA   H  N N 206 
LEU HB2  H  N N 207 
LEU HB3  H  N N 208 
LEU HG   H  N N 209 
LEU HD11 H  N N 210 
LEU HD12 H  N N 211 
LEU HD13 H  N N 212 
LEU HD21 H  N N 213 
LEU HD22 H  N N 214 
LEU HD23 H  N N 215 
LEU HXT  H  N N 216 
LYS N    N  N N 217 
LYS CA   C  N S 218 
LYS C    C  N N 219 
LYS O    O  N N 220 
LYS CB   C  N N 221 
LYS CG   C  N N 222 
LYS CD   C  N N 223 
LYS CE   C  N N 224 
LYS NZ   N  N N 225 
LYS OXT  O  N N 226 
LYS H    H  N N 227 
LYS H2   H  N N 228 
LYS HA   H  N N 229 
LYS HB2  H  N N 230 
LYS HB3  H  N N 231 
LYS HG2  H  N N 232 
LYS HG3  H  N N 233 
LYS HD2  H  N N 234 
LYS HD3  H  N N 235 
LYS HE2  H  N N 236 
LYS HE3  H  N N 237 
LYS HZ1  H  N N 238 
LYS HZ2  H  N N 239 
LYS HZ3  H  N N 240 
LYS HXT  H  N N 241 
MSE N    N  N N 242 
MSE CA   C  N S 243 
MSE C    C  N N 244 
MSE O    O  N N 245 
MSE OXT  O  N N 246 
MSE CB   C  N N 247 
MSE CG   C  N N 248 
MSE SE   SE N N 249 
MSE CE   C  N N 250 
MSE H    H  N N 251 
MSE H2   H  N N 252 
MSE HA   H  N N 253 
MSE HXT  H  N N 254 
MSE HB2  H  N N 255 
MSE HB3  H  N N 256 
MSE HG2  H  N N 257 
MSE HG3  H  N N 258 
MSE HE1  H  N N 259 
MSE HE2  H  N N 260 
MSE HE3  H  N N 261 
PHE N    N  N N 262 
PHE CA   C  N S 263 
PHE C    C  N N 264 
PHE O    O  N N 265 
PHE CB   C  N N 266 
PHE CG   C  Y N 267 
PHE CD1  C  Y N 268 
PHE CD2  C  Y N 269 
PHE CE1  C  Y N 270 
PHE CE2  C  Y N 271 
PHE CZ   C  Y N 272 
PHE OXT  O  N N 273 
PHE H    H  N N 274 
PHE H2   H  N N 275 
PHE HA   H  N N 276 
PHE HB2  H  N N 277 
PHE HB3  H  N N 278 
PHE HD1  H  N N 279 
PHE HD2  H  N N 280 
PHE HE1  H  N N 281 
PHE HE2  H  N N 282 
PHE HZ   H  N N 283 
PHE HXT  H  N N 284 
PRO N    N  N N 285 
PRO CA   C  N S 286 
PRO C    C  N N 287 
PRO O    O  N N 288 
PRO CB   C  N N 289 
PRO CG   C  N N 290 
PRO CD   C  N N 291 
PRO OXT  O  N N 292 
PRO H    H  N N 293 
PRO HA   H  N N 294 
PRO HB2  H  N N 295 
PRO HB3  H  N N 296 
PRO HG2  H  N N 297 
PRO HG3  H  N N 298 
PRO HD2  H  N N 299 
PRO HD3  H  N N 300 
PRO HXT  H  N N 301 
SER N    N  N N 302 
SER CA   C  N S 303 
SER C    C  N N 304 
SER O    O  N N 305 
SER CB   C  N N 306 
SER OG   O  N N 307 
SER OXT  O  N N 308 
SER H    H  N N 309 
SER H2   H  N N 310 
SER HA   H  N N 311 
SER HB2  H  N N 312 
SER HB3  H  N N 313 
SER HG   H  N N 314 
SER HXT  H  N N 315 
SRT O1   O  N N 316 
SRT O11  O  N N 317 
SRT C1   C  N N 318 
SRT C2   C  N S 319 
SRT O2   O  N N 320 
SRT C3   C  N R 321 
SRT O3   O  N N 322 
SRT C4   C  N N 323 
SRT O4   O  N N 324 
SRT O41  O  N N 325 
SRT H1   H  N N 326 
SRT H2   H  N N 327 
SRT HA   H  N N 328 
SRT H3   H  N N 329 
SRT HB   H  N N 330 
SRT H41  H  N N 331 
THR N    N  N N 332 
THR CA   C  N S 333 
THR C    C  N N 334 
THR O    O  N N 335 
THR CB   C  N R 336 
THR OG1  O  N N 337 
THR CG2  C  N N 338 
THR OXT  O  N N 339 
THR H    H  N N 340 
THR H2   H  N N 341 
THR HA   H  N N 342 
THR HB   H  N N 343 
THR HG1  H  N N 344 
THR HG21 H  N N 345 
THR HG22 H  N N 346 
THR HG23 H  N N 347 
THR HXT  H  N N 348 
TYR N    N  N N 349 
TYR CA   C  N S 350 
TYR C    C  N N 351 
TYR O    O  N N 352 
TYR CB   C  N N 353 
TYR CG   C  Y N 354 
TYR CD1  C  Y N 355 
TYR CD2  C  Y N 356 
TYR CE1  C  Y N 357 
TYR CE2  C  Y N 358 
TYR CZ   C  Y N 359 
TYR OH   O  N N 360 
TYR OXT  O  N N 361 
TYR H    H  N N 362 
TYR H2   H  N N 363 
TYR HA   H  N N 364 
TYR HB2  H  N N 365 
TYR HB3  H  N N 366 
TYR HD1  H  N N 367 
TYR HD2  H  N N 368 
TYR HE1  H  N N 369 
TYR HE2  H  N N 370 
TYR HH   H  N N 371 
TYR HXT  H  N N 372 
VAL N    N  N N 373 
VAL CA   C  N S 374 
VAL C    C  N N 375 
VAL O    O  N N 376 
VAL CB   C  N N 377 
VAL CG1  C  N N 378 
VAL CG2  C  N N 379 
VAL OXT  O  N N 380 
VAL H    H  N N 381 
VAL H2   H  N N 382 
VAL HA   H  N N 383 
VAL HB   H  N N 384 
VAL HG11 H  N N 385 
VAL HG12 H  N N 386 
VAL HG13 H  N N 387 
VAL HG21 H  N N 388 
VAL HG22 H  N N 389 
VAL HG23 H  N N 390 
VAL HXT  H  N N 391 
# 
loop_
_chem_comp_bond.comp_id 
_chem_comp_bond.atom_id_1 
_chem_comp_bond.atom_id_2 
_chem_comp_bond.value_order 
_chem_comp_bond.pdbx_aromatic_flag 
_chem_comp_bond.pdbx_stereo_config 
_chem_comp_bond.pdbx_ordinal 
ALA N   CA   sing N N 1   
ALA N   H    sing N N 2   
ALA N   H2   sing N N 3   
ALA CA  C    sing N N 4   
ALA CA  CB   sing N N 5   
ALA CA  HA   sing N N 6   
ALA C   O    doub N N 7   
ALA C   OXT  sing N N 8   
ALA CB  HB1  sing N N 9   
ALA CB  HB2  sing N N 10  
ALA CB  HB3  sing N N 11  
ALA OXT HXT  sing N N 12  
ARG N   CA   sing N N 13  
ARG N   H    sing N N 14  
ARG N   H2   sing N N 15  
ARG CA  C    sing N N 16  
ARG CA  CB   sing N N 17  
ARG CA  HA   sing N N 18  
ARG C   O    doub N N 19  
ARG C   OXT  sing N N 20  
ARG CB  CG   sing N N 21  
ARG CB  HB2  sing N N 22  
ARG CB  HB3  sing N N 23  
ARG CG  CD   sing N N 24  
ARG CG  HG2  sing N N 25  
ARG CG  HG3  sing N N 26  
ARG CD  NE   sing N N 27  
ARG CD  HD2  sing N N 28  
ARG CD  HD3  sing N N 29  
ARG NE  CZ   sing N N 30  
ARG NE  HE   sing N N 31  
ARG CZ  NH1  sing N N 32  
ARG CZ  NH2  doub N N 33  
ARG NH1 HH11 sing N N 34  
ARG NH1 HH12 sing N N 35  
ARG NH2 HH21 sing N N 36  
ARG NH2 HH22 sing N N 37  
ARG OXT HXT  sing N N 38  
ASN N   CA   sing N N 39  
ASN N   H    sing N N 40  
ASN N   H2   sing N N 41  
ASN CA  C    sing N N 42  
ASN CA  CB   sing N N 43  
ASN CA  HA   sing N N 44  
ASN C   O    doub N N 45  
ASN C   OXT  sing N N 46  
ASN CB  CG   sing N N 47  
ASN CB  HB2  sing N N 48  
ASN CB  HB3  sing N N 49  
ASN CG  OD1  doub N N 50  
ASN CG  ND2  sing N N 51  
ASN ND2 HD21 sing N N 52  
ASN ND2 HD22 sing N N 53  
ASN OXT HXT  sing N N 54  
ASP N   CA   sing N N 55  
ASP N   H    sing N N 56  
ASP N   H2   sing N N 57  
ASP CA  C    sing N N 58  
ASP CA  CB   sing N N 59  
ASP CA  HA   sing N N 60  
ASP C   O    doub N N 61  
ASP C   OXT  sing N N 62  
ASP CB  CG   sing N N 63  
ASP CB  HB2  sing N N 64  
ASP CB  HB3  sing N N 65  
ASP CG  OD1  doub N N 66  
ASP CG  OD2  sing N N 67  
ASP OD2 HD2  sing N N 68  
ASP OXT HXT  sing N N 69  
CYS N   CA   sing N N 70  
CYS N   H    sing N N 71  
CYS N   H2   sing N N 72  
CYS CA  C    sing N N 73  
CYS CA  CB   sing N N 74  
CYS CA  HA   sing N N 75  
CYS C   O    doub N N 76  
CYS C   OXT  sing N N 77  
CYS CB  SG   sing N N 78  
CYS CB  HB2  sing N N 79  
CYS CB  HB3  sing N N 80  
CYS SG  HG   sing N N 81  
CYS OXT HXT  sing N N 82  
GLN N   CA   sing N N 83  
GLN N   H    sing N N 84  
GLN N   H2   sing N N 85  
GLN CA  C    sing N N 86  
GLN CA  CB   sing N N 87  
GLN CA  HA   sing N N 88  
GLN C   O    doub N N 89  
GLN C   OXT  sing N N 90  
GLN CB  CG   sing N N 91  
GLN CB  HB2  sing N N 92  
GLN CB  HB3  sing N N 93  
GLN CG  CD   sing N N 94  
GLN CG  HG2  sing N N 95  
GLN CG  HG3  sing N N 96  
GLN CD  OE1  doub N N 97  
GLN CD  NE2  sing N N 98  
GLN NE2 HE21 sing N N 99  
GLN NE2 HE22 sing N N 100 
GLN OXT HXT  sing N N 101 
GLU N   CA   sing N N 102 
GLU N   H    sing N N 103 
GLU N   H2   sing N N 104 
GLU CA  C    sing N N 105 
GLU CA  CB   sing N N 106 
GLU CA  HA   sing N N 107 
GLU C   O    doub N N 108 
GLU C   OXT  sing N N 109 
GLU CB  CG   sing N N 110 
GLU CB  HB2  sing N N 111 
GLU CB  HB3  sing N N 112 
GLU CG  CD   sing N N 113 
GLU CG  HG2  sing N N 114 
GLU CG  HG3  sing N N 115 
GLU CD  OE1  doub N N 116 
GLU CD  OE2  sing N N 117 
GLU OE2 HE2  sing N N 118 
GLU OXT HXT  sing N N 119 
GLY N   CA   sing N N 120 
GLY N   H    sing N N 121 
GLY N   H2   sing N N 122 
GLY CA  C    sing N N 123 
GLY CA  HA2  sing N N 124 
GLY CA  HA3  sing N N 125 
GLY C   O    doub N N 126 
GLY C   OXT  sing N N 127 
GLY OXT HXT  sing N N 128 
HIS N   CA   sing N N 129 
HIS N   H    sing N N 130 
HIS N   H2   sing N N 131 
HIS CA  C    sing N N 132 
HIS CA  CB   sing N N 133 
HIS CA  HA   sing N N 134 
HIS C   O    doub N N 135 
HIS C   OXT  sing N N 136 
HIS CB  CG   sing N N 137 
HIS CB  HB2  sing N N 138 
HIS CB  HB3  sing N N 139 
HIS CG  ND1  sing Y N 140 
HIS CG  CD2  doub Y N 141 
HIS ND1 CE1  doub Y N 142 
HIS ND1 HD1  sing N N 143 
HIS CD2 NE2  sing Y N 144 
HIS CD2 HD2  sing N N 145 
HIS CE1 NE2  sing Y N 146 
HIS CE1 HE1  sing N N 147 
HIS NE2 HE2  sing N N 148 
HIS OXT HXT  sing N N 149 
HOH O   H1   sing N N 150 
HOH O   H2   sing N N 151 
ILE N   CA   sing N N 152 
ILE N   H    sing N N 153 
ILE N   H2   sing N N 154 
ILE CA  C    sing N N 155 
ILE CA  CB   sing N N 156 
ILE CA  HA   sing N N 157 
ILE C   O    doub N N 158 
ILE C   OXT  sing N N 159 
ILE CB  CG1  sing N N 160 
ILE CB  CG2  sing N N 161 
ILE CB  HB   sing N N 162 
ILE CG1 CD1  sing N N 163 
ILE CG1 HG12 sing N N 164 
ILE CG1 HG13 sing N N 165 
ILE CG2 HG21 sing N N 166 
ILE CG2 HG22 sing N N 167 
ILE CG2 HG23 sing N N 168 
ILE CD1 HD11 sing N N 169 
ILE CD1 HD12 sing N N 170 
ILE CD1 HD13 sing N N 171 
ILE OXT HXT  sing N N 172 
IPA C1  C2   sing N N 173 
IPA C1  H11  sing N N 174 
IPA C1  H12  sing N N 175 
IPA C1  H13  sing N N 176 
IPA C2  C3   sing N N 177 
IPA C2  O2   sing N N 178 
IPA C2  H2   sing N N 179 
IPA C3  H31  sing N N 180 
IPA C3  H32  sing N N 181 
IPA C3  H33  sing N N 182 
IPA O2  HO2  sing N N 183 
LEU N   CA   sing N N 184 
LEU N   H    sing N N 185 
LEU N   H2   sing N N 186 
LEU CA  C    sing N N 187 
LEU CA  CB   sing N N 188 
LEU CA  HA   sing N N 189 
LEU C   O    doub N N 190 
LEU C   OXT  sing N N 191 
LEU CB  CG   sing N N 192 
LEU CB  HB2  sing N N 193 
LEU CB  HB3  sing N N 194 
LEU CG  CD1  sing N N 195 
LEU CG  CD2  sing N N 196 
LEU CG  HG   sing N N 197 
LEU CD1 HD11 sing N N 198 
LEU CD1 HD12 sing N N 199 
LEU CD1 HD13 sing N N 200 
LEU CD2 HD21 sing N N 201 
LEU CD2 HD22 sing N N 202 
LEU CD2 HD23 sing N N 203 
LEU OXT HXT  sing N N 204 
LYS N   CA   sing N N 205 
LYS N   H    sing N N 206 
LYS N   H2   sing N N 207 
LYS CA  C    sing N N 208 
LYS CA  CB   sing N N 209 
LYS CA  HA   sing N N 210 
LYS C   O    doub N N 211 
LYS C   OXT  sing N N 212 
LYS CB  CG   sing N N 213 
LYS CB  HB2  sing N N 214 
LYS CB  HB3  sing N N 215 
LYS CG  CD   sing N N 216 
LYS CG  HG2  sing N N 217 
LYS CG  HG3  sing N N 218 
LYS CD  CE   sing N N 219 
LYS CD  HD2  sing N N 220 
LYS CD  HD3  sing N N 221 
LYS CE  NZ   sing N N 222 
LYS CE  HE2  sing N N 223 
LYS CE  HE3  sing N N 224 
LYS NZ  HZ1  sing N N 225 
LYS NZ  HZ2  sing N N 226 
LYS NZ  HZ3  sing N N 227 
LYS OXT HXT  sing N N 228 
MSE N   CA   sing N N 229 
MSE N   H    sing N N 230 
MSE N   H2   sing N N 231 
MSE CA  C    sing N N 232 
MSE CA  CB   sing N N 233 
MSE CA  HA   sing N N 234 
MSE C   O    doub N N 235 
MSE C   OXT  sing N N 236 
MSE OXT HXT  sing N N 237 
MSE CB  CG   sing N N 238 
MSE CB  HB2  sing N N 239 
MSE CB  HB3  sing N N 240 
MSE CG  SE   sing N N 241 
MSE CG  HG2  sing N N 242 
MSE CG  HG3  sing N N 243 
MSE SE  CE   sing N N 244 
MSE CE  HE1  sing N N 245 
MSE CE  HE2  sing N N 246 
MSE CE  HE3  sing N N 247 
PHE N   CA   sing N N 248 
PHE N   H    sing N N 249 
PHE N   H2   sing N N 250 
PHE CA  C    sing N N 251 
PHE CA  CB   sing N N 252 
PHE CA  HA   sing N N 253 
PHE C   O    doub N N 254 
PHE C   OXT  sing N N 255 
PHE CB  CG   sing N N 256 
PHE CB  HB2  sing N N 257 
PHE CB  HB3  sing N N 258 
PHE CG  CD1  doub Y N 259 
PHE CG  CD2  sing Y N 260 
PHE CD1 CE1  sing Y N 261 
PHE CD1 HD1  sing N N 262 
PHE CD2 CE2  doub Y N 263 
PHE CD2 HD2  sing N N 264 
PHE CE1 CZ   doub Y N 265 
PHE CE1 HE1  sing N N 266 
PHE CE2 CZ   sing Y N 267 
PHE CE2 HE2  sing N N 268 
PHE CZ  HZ   sing N N 269 
PHE OXT HXT  sing N N 270 
PRO N   CA   sing N N 271 
PRO N   CD   sing N N 272 
PRO N   H    sing N N 273 
PRO CA  C    sing N N 274 
PRO CA  CB   sing N N 275 
PRO CA  HA   sing N N 276 
PRO C   O    doub N N 277 
PRO C   OXT  sing N N 278 
PRO CB  CG   sing N N 279 
PRO CB  HB2  sing N N 280 
PRO CB  HB3  sing N N 281 
PRO CG  CD   sing N N 282 
PRO CG  HG2  sing N N 283 
PRO CG  HG3  sing N N 284 
PRO CD  HD2  sing N N 285 
PRO CD  HD3  sing N N 286 
PRO OXT HXT  sing N N 287 
SER N   CA   sing N N 288 
SER N   H    sing N N 289 
SER N   H2   sing N N 290 
SER CA  C    sing N N 291 
SER CA  CB   sing N N 292 
SER CA  HA   sing N N 293 
SER C   O    doub N N 294 
SER C   OXT  sing N N 295 
SER CB  OG   sing N N 296 
SER CB  HB2  sing N N 297 
SER CB  HB3  sing N N 298 
SER OG  HG   sing N N 299 
SER OXT HXT  sing N N 300 
SRT O1  C1   sing N N 301 
SRT O1  H1   sing N N 302 
SRT O11 C1   doub N N 303 
SRT C1  C2   sing N N 304 
SRT C2  O2   sing N N 305 
SRT C2  C3   sing N N 306 
SRT C2  H2   sing N N 307 
SRT O2  HA   sing N N 308 
SRT C3  O3   sing N N 309 
SRT C3  C4   sing N N 310 
SRT C3  H3   sing N N 311 
SRT O3  HB   sing N N 312 
SRT C4  O4   doub N N 313 
SRT C4  O41  sing N N 314 
SRT O41 H41  sing N N 315 
THR N   CA   sing N N 316 
THR N   H    sing N N 317 
THR N   H2   sing N N 318 
THR CA  C    sing N N 319 
THR CA  CB   sing N N 320 
THR CA  HA   sing N N 321 
THR C   O    doub N N 322 
THR C   OXT  sing N N 323 
THR CB  OG1  sing N N 324 
THR CB  CG2  sing N N 325 
THR CB  HB   sing N N 326 
THR OG1 HG1  sing N N 327 
THR CG2 HG21 sing N N 328 
THR CG2 HG22 sing N N 329 
THR CG2 HG23 sing N N 330 
THR OXT HXT  sing N N 331 
TYR N   CA   sing N N 332 
TYR N   H    sing N N 333 
TYR N   H2   sing N N 334 
TYR CA  C    sing N N 335 
TYR CA  CB   sing N N 336 
TYR CA  HA   sing N N 337 
TYR C   O    doub N N 338 
TYR C   OXT  sing N N 339 
TYR CB  CG   sing N N 340 
TYR CB  HB2  sing N N 341 
TYR CB  HB3  sing N N 342 
TYR CG  CD1  doub Y N 343 
TYR CG  CD2  sing Y N 344 
TYR CD1 CE1  sing Y N 345 
TYR CD1 HD1  sing N N 346 
TYR CD2 CE2  doub Y N 347 
TYR CD2 HD2  sing N N 348 
TYR CE1 CZ   doub Y N 349 
TYR CE1 HE1  sing N N 350 
TYR CE2 CZ   sing Y N 351 
TYR CE2 HE2  sing N N 352 
TYR CZ  OH   sing N N 353 
TYR OH  HH   sing N N 354 
TYR OXT HXT  sing N N 355 
VAL N   CA   sing N N 356 
VAL N   H    sing N N 357 
VAL N   H2   sing N N 358 
VAL CA  C    sing N N 359 
VAL CA  CB   sing N N 360 
VAL CA  HA   sing N N 361 
VAL C   O    doub N N 362 
VAL C   OXT  sing N N 363 
VAL CB  CG1  sing N N 364 
VAL CB  CG2  sing N N 365 
VAL CB  HB   sing N N 366 
VAL CG1 HG11 sing N N 367 
VAL CG1 HG12 sing N N 368 
VAL CG1 HG13 sing N N 369 
VAL CG2 HG21 sing N N 370 
VAL CG2 HG22 sing N N 371 
VAL CG2 HG23 sing N N 372 
VAL OXT HXT  sing N N 373 
# 
_atom_sites.entry_id                    2RA5 
_atom_sites.fract_transf_matrix[1][1]   -0.00108052 
_atom_sites.fract_transf_matrix[1][2]   -0.02097052 
_atom_sites.fract_transf_matrix[1][3]   -0.00900561 
_atom_sites.fract_transf_matrix[2][1]   -0.01485973 
_atom_sites.fract_transf_matrix[2][2]   -0.00619639 
_atom_sites.fract_transf_matrix[2][3]   0.01621186 
_atom_sites.fract_transf_matrix[3][1]   -0.00444043 
_atom_sites.fract_transf_matrix[3][2]   0.00169796 
_atom_sites.fract_transf_matrix[3][3]   -0.00342110 
_atom_sites.fract_transf_vector[1]      0.764848 
_atom_sites.fract_transf_vector[2]      0.584265 
_atom_sites.fract_transf_vector[3]      0.303273 
# 
loop_
_atom_type.symbol 
C  
N  
O  
S  
SE 
# 
loop_
_atom_site.group_PDB 
_atom_site.id 
_atom_site.type_symbol 
_atom_site.label_atom_id 
_atom_site.label_alt_id 
_atom_site.label_comp_id 
_atom_site.label_asym_id 
_atom_site.label_entity_id 
_atom_site.label_seq_id 
_atom_site.pdbx_PDB_ins_code 
_atom_site.Cartn_x 
_atom_site.Cartn_y 
_atom_site.Cartn_z 
_atom_site.occupancy 
_atom_site.B_iso_or_equiv 
_atom_site.pdbx_formal_charge 
_atom_site.auth_seq_id 
_atom_site.auth_comp_id 
_atom_site.auth_asym_id 
_atom_site.auth_atom_id 
_atom_site.pdbx_PDB_model_num 
ATOM   1    N  N   . GLY A 1 68  ? 24.822  3.322   -12.786 1.00 101.20 ? 66  GLY A N   1 
ATOM   2    C  CA  . GLY A 1 68  ? 23.431  3.077   -12.439 1.00 114.78 ? 66  GLY A CA  1 
ATOM   3    C  C   . GLY A 1 68  ? 23.299  2.563   -11.014 1.00 108.11 ? 66  GLY A C   1 
ATOM   4    O  O   . GLY A 1 68  ? 24.243  1.960   -10.486 1.00 93.25  ? 66  GLY A O   1 
ATOM   5    N  N   . LEU A 1 69  ? 22.136  2.794   -10.397 1.00 87.44  ? 67  LEU A N   1 
ATOM   6    C  CA  . LEU A 1 69  ? 21.918  2.448   -8.991  1.00 72.05  ? 67  LEU A CA  1 
ATOM   7    C  C   . LEU A 1 69  ? 20.923  1.287   -8.757  1.00 63.54  ? 67  LEU A C   1 
ATOM   8    O  O   . LEU A 1 69  ? 19.712  1.430   -8.894  1.00 66.21  ? 67  LEU A O   1 
ATOM   9    C  CB  . LEU A 1 69  ? 21.511  3.696   -8.200  1.00 71.16  ? 67  LEU A CB  1 
ATOM   10   C  CG  . LEU A 1 69  ? 22.591  4.767   -8.018  1.00 95.05  ? 67  LEU A CG  1 
ATOM   11   C  CD1 . LEU A 1 69  ? 22.013  6.172   -7.869  1.00 97.10  ? 67  LEU A CD1 1 
ATOM   12   C  CD2 . LEU A 1 69  ? 23.467  4.411   -6.830  1.00 91.73  ? 67  LEU A CD2 1 
ATOM   13   N  N   . LEU A 1 70  ? 21.460  0.135   -8.393  1.00 63.57  ? 68  LEU A N   1 
ATOM   14   C  CA  . LEU A 1 70  ? 20.629  -0.979  -7.986  1.00 67.16  ? 68  LEU A CA  1 
ATOM   15   C  C   . LEU A 1 70  ? 20.242  -0.890  -6.491  1.00 67.89  ? 68  LEU A C   1 
ATOM   16   O  O   . LEU A 1 70  ? 20.947  -0.298  -5.670  1.00 63.18  ? 68  LEU A O   1 
ATOM   17   C  CB  . LEU A 1 70  ? 21.327  -2.301  -8.304  1.00 58.21  ? 68  LEU A CB  1 
ATOM   18   C  CG  . LEU A 1 70  ? 21.149  -2.860  -9.724  1.00 89.17  ? 68  LEU A CG  1 
ATOM   19   C  CD1 . LEU A 1 70  ? 21.851  -4.194  -9.884  1.00 93.24  ? 68  LEU A CD1 1 
ATOM   20   C  CD2 . LEU A 1 70  ? 19.669  -3.018  -10.113 1.00 99.06  ? 68  LEU A CD2 1 
ATOM   21   N  N   . VAL A 1 71  ? 19.107  -1.484  -6.152  1.00 66.26  ? 69  VAL A N   1 
ATOM   22   C  CA  . VAL A 1 71  ? 18.573  -1.421  -4.801  1.00 56.88  ? 69  VAL A CA  1 
ATOM   23   C  C   . VAL A 1 71  ? 18.263  -2.823  -4.254  1.00 70.45  ? 69  VAL A C   1 
ATOM   24   O  O   . VAL A 1 71  ? 17.880  -3.737  -4.997  1.00 76.08  ? 69  VAL A O   1 
ATOM   25   C  CB  . VAL A 1 71  ? 17.328  -0.460  -4.749  1.00 83.30  ? 69  VAL A CB  1 
ATOM   26   C  CG1 . VAL A 1 71  ? 16.164  -1.002  -3.899  1.00 73.95  ? 69  VAL A CG1 1 
ATOM   27   C  CG2 . VAL A 1 71  ? 17.757  0.923   -4.274  1.00 88.34  ? 69  VAL A CG2 1 
ATOM   28   N  N   . ARG A 1 72  ? 18.475  -2.991  -2.956  1.00 68.65  ? 70  ARG A N   1 
ATOM   29   C  CA  . ARG A 1 72  ? 18.094  -4.204  -2.252  1.00 72.25  ? 70  ARG A CA  1 
ATOM   30   C  C   . ARG A 1 72  ? 17.414  -3.769  -0.964  1.00 82.92  ? 70  ARG A C   1 
ATOM   31   O  O   . ARG A 1 72  ? 17.936  -2.922  -0.239  1.00 74.17  ? 70  ARG A O   1 
ATOM   32   C  CB  . ARG A 1 72  ? 19.328  -5.041  -1.921  1.00 67.71  ? 70  ARG A CB  1 
ATOM   33   C  CG  . ARG A 1 72  ? 20.191  -5.431  -3.118  1.00 73.69  ? 70  ARG A CG  1 
ATOM   34   C  CD  . ARG A 1 72  ? 21.510  -6.034  -2.632  1.00 105.92 ? 70  ARG A CD  1 
ATOM   35   N  NE  . ARG A 1 72  ? 22.256  -6.679  -3.700  1.00 121.75 ? 70  ARG A NE  1 
ATOM   36   C  CZ  . ARG A 1 72  ? 23.417  -7.297  -3.502  1.00 101.27 ? 70  ARG A CZ  1 
ATOM   37   N  NH1 . ARG A 1 72  ? 23.941  -7.347  -2.268  1.00 64.73  ? 70  ARG A NH1 1 
ATOM   38   N  NH2 . ARG A 1 72  ? 24.056  -7.878  -4.523  1.00 83.09  ? 70  ARG A NH2 1 
ATOM   39   N  N   . ARG A 1 73  ? 16.246  -4.324  -0.673  1.00 92.53  ? 71  ARG A N   1 
ATOM   40   C  CA  . ARG A 1 73  ? 15.557  -3.960  0.558   1.00 96.91  ? 71  ARG A CA  1 
ATOM   41   C  C   . ARG A 1 73  ? 16.115  -4.775  1.718   1.00 100.50 ? 71  ARG A C   1 
ATOM   42   O  O   . ARG A 1 73  ? 16.289  -5.985  1.597   1.00 105.07 ? 71  ARG A O   1 
ATOM   43   C  CB  . ARG A 1 73  ? 14.068  -4.234  0.431   1.00 115.06 ? 71  ARG A CB  1 
ATOM   44   C  CG  . ARG A 1 73  ? 13.400  -3.513  -0.725  1.00 135.96 ? 71  ARG A CG  1 
ATOM   45   C  CD  . ARG A 1 73  ? 11.905  -3.880  -0.784  1.00 157.17 ? 71  ARG A CD  1 
ATOM   46   N  NE  . ARG A 1 73  ? 11.213  -3.150  -1.838  1.00 157.77 ? 71  ARG A NE  1 
ATOM   47   C  CZ  . ARG A 1 73  ? 9.887   -3.128  -1.976  1.00 155.80 ? 71  ARG A CZ  1 
ATOM   48   N  NH1 . ARG A 1 73  ? 9.110   -3.805  -1.120  1.00 151.24 ? 71  ARG A NH1 1 
ATOM   49   N  NH2 . ARG A 1 73  ? 9.327   -2.433  -2.968  1.00 132.03 ? 71  ARG A NH2 1 
ATOM   50   N  N   . ARG A 1 74  ? 16.401  -4.104  2.831   1.00 107.25 ? 72  ARG A N   1 
ATOM   51   C  CA  . ARG A 1 74  ? 16.793  -4.780  4.068   1.00 112.21 ? 72  ARG A CA  1 
ATOM   52   C  C   . ARG A 1 74  ? 15.620  -4.916  5.035   1.00 98.99  ? 72  ARG A C   1 
ATOM   53   O  O   . ARG A 1 74  ? 15.553  -5.843  4.239   1.00 112.41 ? 72  ARG A O   1 
ATOM   54   C  CB  . ARG A 1 74  ? 18.017  -4.127  4.682   1.00 86.21  ? 72  ARG A CB  1 
ATOM   55   C  CG  . ARG A 1 74  ? 19.211  -4.714  4.022   1.00 82.69  ? 72  ARG A CG  1 
ATOM   56   C  CD  . ARG A 1 74  ? 20.463  -3.993  4.368   1.00 99.58  ? 72  ARG A CD  1 
ATOM   57   N  NE  . ARG A 1 74  ? 21.409  -5.024  4.746   1.00 149.12 ? 72  ARG A NE  1 
ATOM   58   C  CZ  . ARG A 1 74  ? 22.723  -4.887  4.764   1.00 116.16 ? 72  ARG A CZ  1 
ATOM   59   N  NH1 . ARG A 1 74  ? 23.319  -3.736  4.437   1.00 94.77  ? 72  ARG A NH1 1 
ATOM   60   N  NH2 . ARG A 1 74  ? 23.434  -5.929  5.132   1.00 81.19  ? 72  ARG A NH2 1 
ATOM   61   N  N   . PRO A 1 105 ? 5.501   -10.309 8.739   1.00 88.47  ? 103 PRO A N   1 
ATOM   62   C  CA  . PRO A 1 105 ? 4.591   -10.025 9.828   1.00 97.68  ? 103 PRO A CA  1 
ATOM   63   C  C   . PRO A 1 105 ? 3.250   -10.770 9.644   1.00 92.81  ? 103 PRO A C   1 
ATOM   64   O  O   . PRO A 1 105 ? 3.097   -11.562 8.718   1.00 99.86  ? 103 PRO A O   1 
ATOM   65   C  CB  . PRO A 1 105 ? 4.278   -8.564  9.521   1.00 75.20  ? 103 PRO A CB  1 
ATOM   66   C  CG  . PRO A 1 105 ? 4.438   -8.518  7.861   1.00 108.33 ? 103 PRO A CG  1 
ATOM   67   C  CD  . PRO A 1 105 ? 4.844   -9.946  7.493   1.00 111.55 ? 103 PRO A CD  1 
ATOM   68   N  N   . ALA A 1 106 ? 2.261   -10.472 10.487  1.00 74.45  ? 104 ALA A N   1 
ATOM   69   C  CA  . ALA A 1 106 ? 0.909   -11.006 10.290  1.00 80.69  ? 104 ALA A CA  1 
ATOM   70   C  C   . ALA A 1 106 ? -0.056  -9.936  9.788   1.00 77.20  ? 104 ALA A C   1 
ATOM   71   O  O   . ALA A 1 106 ? -0.022  -8.777  10.221  1.00 60.89  ? 104 ALA A O   1 
ATOM   72   C  CB  . ALA A 1 106 ? 0.376   -11.630 11.566  1.00 74.35  ? 104 ALA A CB  1 
ATOM   73   N  N   . THR A 1 107 ? -0.933  -10.330 8.880   1.00 64.99  ? 105 THR A N   1 
ATOM   74   C  CA  . THR A 1 107 ? -1.823  -9.359  8.251   1.00 75.84  ? 105 THR A CA  1 
ATOM   75   C  C   . THR A 1 107 ? -3.299  -9.601  8.577   1.00 64.48  ? 105 THR A C   1 
ATOM   76   O  O   . THR A 1 107 ? -3.782  -10.735 8.505   1.00 76.80  ? 105 THR A O   1 
ATOM   77   C  CB  . THR A 1 107 ? -1.600  -9.328  6.718   1.00 69.72  ? 105 THR A CB  1 
ATOM   78   O  OG1 . THR A 1 107 ? -2.695  -8.659  6.072   1.00 84.69  ? 105 THR A OG1 1 
ATOM   79   C  CG2 . THR A 1 107 ? -1.487  -10.739 6.174   1.00 82.11  ? 105 THR A CG2 1 
ATOM   80   N  N   . LYS A 1 108 ? -4.006  -8.536  8.949   1.00 68.79  ? 106 LYS A N   1 
ATOM   81   C  CA  . LYS A 1 108 ? -5.454  -8.605  9.163   1.00 88.12  ? 106 LYS A CA  1 
ATOM   82   C  C   . LYS A 1 108 ? -6.245  -7.590  8.327   1.00 77.28  ? 106 LYS A C   1 
ATOM   83   O  O   . LYS A 1 108 ? -6.078  -6.378  8.472   1.00 67.04  ? 106 LYS A O   1 
ATOM   84   C  CB  . LYS A 1 108 ? -5.780  -8.427  10.644  1.00 78.51  ? 106 LYS A CB  1 
ATOM   85   C  CG  . LYS A 1 108 ? -5.353  -9.613  11.488  1.00 114.97 ? 106 LYS A CG  1 
ATOM   86   C  CD  . LYS A 1 108 ? -5.950  -9.556  12.880  1.00 141.02 ? 106 LYS A CD  1 
ATOM   87   C  CE  . LYS A 1 108 ? -5.496  -10.743 13.719  1.00 128.37 ? 106 LYS A CE  1 
ATOM   88   N  NZ  . LYS A 1 108 ? -5.991  -10.642 15.125  1.00 117.43 ? 106 LYS A NZ  1 
ATOM   89   N  N   . VAL A 1 109 ? -7.118  -8.085  7.458   1.00 65.62  ? 107 VAL A N   1 
ATOM   90   C  CA  . VAL A 1 109 ? -7.923  -7.201  6.623   1.00 72.14  ? 107 VAL A CA  1 
ATOM   91   C  C   . VAL A 1 109 ? -9.022  -6.457  7.391   1.00 63.16  ? 107 VAL A C   1 
ATOM   92   O  O   . VAL A 1 109 ? -9.871  -7.075  8.018   1.00 71.93  ? 107 VAL A O   1 
ATOM   93   C  CB  . VAL A 1 109 ? -8.596  -7.968  5.493   1.00 73.78  ? 107 VAL A CB  1 
ATOM   94   C  CG1 . VAL A 1 109 ? -9.359  -6.995  4.620   1.00 57.28  ? 107 VAL A CG1 1 
ATOM   95   C  CG2 . VAL A 1 109 ? -7.570  -8.736  4.686   1.00 51.40  ? 107 VAL A CG2 1 
ATOM   96   N  N   . LEU A 1 110 ? -9.012  -5.131  7.317   1.00 58.60  ? 108 LEU A N   1 
ATOM   97   C  CA  . LEU A 1 110 ? -10.026 -4.308  7.978   1.00 50.02  ? 108 LEU A CA  1 
ATOM   98   C  C   . LEU A 1 110 ? -11.094 -3.756  7.027   1.00 72.25  ? 108 LEU A C   1 
ATOM   99   O  O   . LEU A 1 110 ? -12.189 -3.422  7.455   1.00 62.12  ? 108 LEU A O   1 
ATOM   100  C  CB  . LEU A 1 110 ? -9.375  -3.137  8.711   1.00 60.26  ? 108 LEU A CB  1 
ATOM   101  C  CG  . LEU A 1 110 ? -8.303  -3.484  9.745   1.00 80.08  ? 108 LEU A CG  1 
ATOM   102  C  CD1 . LEU A 1 110 ? -8.155  -2.342  10.734  1.00 70.47  ? 108 LEU A CD1 1 
ATOM   103  C  CD2 . LEU A 1 110 ? -8.663  -4.760  10.475  1.00 73.32  ? 108 LEU A CD2 1 
ATOM   104  N  N   . VAL A 1 111 ? -10.765 -3.628  5.748   1.00 61.27  ? 109 VAL A N   1 
ATOM   105  C  CA  . VAL A 1 111 ? -11.717 -3.138  4.769   1.00 51.01  ? 109 VAL A CA  1 
ATOM   106  C  C   . VAL A 1 111 ? -11.482 -3.782  3.414   1.00 54.61  ? 109 VAL A C   1 
ATOM   107  O  O   . VAL A 1 111 ? -10.370 -3.801  2.893   1.00 55.40  ? 109 VAL A O   1 
ATOM   108  C  CB  . VAL A 1 111 ? -11.661 -1.610  4.605   1.00 76.42  ? 109 VAL A CB  1 
ATOM   109  C  CG1 . VAL A 1 111 ? -12.445 -1.199  3.369   1.00 53.30  ? 109 VAL A CG1 1 
ATOM   110  C  CG2 . VAL A 1 111 ? -12.194 -0.913  5.854   1.00 53.83  ? 109 VAL A CG2 1 
ATOM   111  N  N   . ASN A 1 112 ? -12.545 -4.326  2.853   1.00 37.30  ? 110 ASN A N   1 
ATOM   112  C  CA  . ASN A 1 112 ? -12.523 -4.795  1.474   1.00 55.96  ? 110 ASN A CA  1 
ATOM   113  C  C   . ASN A 1 112 ? -13.787 -4.307  0.714   1.00 52.31  ? 110 ASN A C   1 
ATOM   114  O  O   . ASN A 1 112 ? -14.848 -4.918  0.741   1.00 40.26  ? 110 ASN A O   1 
ATOM   115  C  CB  . ASN A 1 112 ? -12.373 -6.311  1.469   1.00 47.82  ? 110 ASN A CB  1 
ATOM   116  C  CG  . ASN A 1 112 ? -12.078 -6.867  0.109   1.00 57.21  ? 110 ASN A CG  1 
ATOM   117  O  OD1 . ASN A 1 112 ? -12.179 -6.177  -0.906  1.00 69.22  ? 110 ASN A OD1 1 
ATOM   118  N  ND2 . ASN A 1 112 ? -11.720 -8.135  0.074   1.00 65.15  ? 110 ASN A ND2 1 
ATOM   119  N  N   . THR A 1 113 ? -13.673 -3.174  0.047   1.00 47.14  ? 111 THR A N   1 
ATOM   120  C  CA  . THR A 1 113 ? -14.844 -2.555  -0.527  1.00 42.55  ? 111 THR A CA  1 
ATOM   121  C  C   . THR A 1 113 ? -14.652 -1.939  -1.940  1.00 54.92  ? 111 THR A C   1 
ATOM   122  O  O   . THR A 1 113 ? -13.573 -1.961  -2.543  1.00 41.57  ? 111 THR A O   1 
ATOM   123  C  CB  . THR A 1 113 ? -15.435 -1.525  0.489   1.00 47.74  ? 111 THR A CB  1 
ATOM   124  O  OG1 . THR A 1 113 ? -16.721 -1.057  0.049   1.00 52.42  ? 111 THR A OG1 1 
ATOM   125  C  CG2 . THR A 1 113 ? -14.484 -0.356  0.733   1.00 41.11  ? 111 THR A CG2 1 
ATOM   126  N  N   . VAL A 1 114 ? -15.747 -1.428  -2.472  1.00 50.80  ? 112 VAL A N   1 
ATOM   127  C  CA  . VAL A 1 114 ? -15.759 -0.761  -3.761  1.00 48.20  ? 112 VAL A CA  1 
ATOM   128  C  C   . VAL A 1 114 ? -16.283 0.646   -3.518  1.00 39.82  ? 112 VAL A C   1 
ATOM   129  O  O   . VAL A 1 114 ? -17.190 0.860   -2.706  1.00 44.57  ? 112 VAL A O   1 
ATOM   130  C  CB  . VAL A 1 114 ? -16.626 -1.510  -4.788  1.00 45.03  ? 112 VAL A CB  1 
ATOM   131  C  CG1 . VAL A 1 114 ? -16.788 -0.688  -5.991  1.00 51.08  ? 112 VAL A CG1 1 
ATOM   132  C  CG2 . VAL A 1 114 ? -15.995 -2.841  -5.185  1.00 35.78  ? 112 VAL A CG2 1 
ATOM   133  N  N   . VAL A 1 115 ? -15.724 1.607   -4.243  1.00 46.68  ? 113 VAL A N   1 
ATOM   134  C  CA  . VAL A 1 115 ? -15.727 2.992   -3.797  1.00 42.05  ? 113 VAL A CA  1 
ATOM   135  C  C   . VAL A 1 115 ? -15.554 3.896   -5.026  1.00 50.19  ? 113 VAL A C   1 
ATOM   136  O  O   . VAL A 1 115 ? -14.941 3.487   -6.008  1.00 36.82  ? 113 VAL A O   1 
ATOM   137  C  CB  . VAL A 1 115 ? -14.569 3.163   -2.753  1.00 48.92  ? 113 VAL A CB  1 
ATOM   138  C  CG1 . VAL A 1 115 ? -13.779 4.397   -2.982  1.00 46.82  ? 113 VAL A CG1 1 
ATOM   139  C  CG2 . VAL A 1 115 ? -15.099 3.064   -1.322  1.00 46.50  ? 113 VAL A CG2 1 
ATOM   140  N  N   . PRO A 1 116 ? -16.129 5.107   -5.003  1.00 40.58  ? 114 PRO A N   1 
ATOM   141  C  CA  . PRO A 1 116 ? -15.912 6.019   -6.138  1.00 44.77  ? 114 PRO A CA  1 
ATOM   142  C  C   . PRO A 1 116 ? -14.588 6.752   -6.014  1.00 54.89  ? 114 PRO A C   1 
ATOM   143  O  O   . PRO A 1 116 ? -14.291 7.220   -4.925  1.00 47.05  ? 114 PRO A O   1 
ATOM   144  C  CB  . PRO A 1 116 ? -17.075 7.013   -6.007  1.00 42.47  ? 114 PRO A CB  1 
ATOM   145  C  CG  . PRO A 1 116 ? -17.457 6.943   -4.540  1.00 40.10  ? 114 PRO A CG  1 
ATOM   146  C  CD  . PRO A 1 116 ? -17.307 5.498   -4.204  1.00 47.84  ? 114 PRO A CD  1 
ATOM   147  N  N   . ALA A 1 117 ? -13.818 6.874   -7.094  1.00 45.50  ? 115 ALA A N   1 
ATOM   148  C  CA  . ALA A 1 117 ? -12.521 7.545   -7.007  1.00 36.32  ? 115 ALA A CA  1 
ATOM   149  C  C   . ALA A 1 117 ? -12.631 9.053   -6.725  1.00 44.16  ? 115 ALA A C   1 
ATOM   150  O  O   . ALA A 1 117 ? -13.371 9.765   -7.388  1.00 50.77  ? 115 ALA A O   1 
ATOM   151  C  CB  . ALA A 1 117 ? -11.704 7.293   -8.254  1.00 42.40  ? 115 ALA A CB  1 
ATOM   152  N  N   . THR A 1 118 ? -11.926 9.518   -5.697  1.00 47.95  ? 116 THR A N   1 
ATOM   153  C  CA  . THR A 1 118 ? -11.762 10.950  -5.447  1.00 46.76  ? 116 THR A CA  1 
ATOM   154  C  C   . THR A 1 118 ? -10.750 11.445  -6.460  1.00 55.75  ? 116 THR A C   1 
ATOM   155  O  O   . THR A 1 118 ? -10.198 10.658  -7.233  1.00 53.83  ? 116 THR A O   1 
ATOM   156  C  CB  . THR A 1 118 ? -11.190 11.222  -4.051  1.00 49.47  ? 116 THR A CB  1 
ATOM   157  O  OG1 . THR A 1 118 ? -9.940  10.533  -3.924  1.00 50.44  ? 116 THR A OG1 1 
ATOM   158  C  CG2 . THR A 1 118 ? -12.145 10.708  -2.977  1.00 51.41  ? 116 THR A CG2 1 
ATOM   159  N  N   . ALA A 1 119 ? -10.486 12.741  -6.447  1.00 56.21  ? 117 ALA A N   1 
ATOM   160  C  CA  . ALA A 1 119 ? -9.598  13.313  -7.438  1.00 66.88  ? 117 ALA A CA  1 
ATOM   161  C  C   . ALA A 1 119 ? -8.188  12.780  -7.276  1.00 53.55  ? 117 ALA A C   1 
ATOM   162  O  O   . ALA A 1 119 ? -7.528  12.481  -8.262  1.00 62.59  ? 117 ALA A O   1 
ATOM   163  C  CB  . ALA A 1 119 ? -9.621  14.823  -7.381  1.00 56.44  ? 117 ALA A CB  1 
ATOM   164  N  N   A GLU A 1 120 ? -7.741  12.656  -6.018  0.50 47.51  ? 118 GLU A N   1 
ATOM   165  N  N   B GLU A 1 120 ? -7.708  12.644  -6.036  0.50 48.00  ? 118 GLU A N   1 
ATOM   166  C  CA  A GLU A 1 120 ? -6.416  12.137  -5.691  0.50 53.72  ? 118 GLU A CA  1 
ATOM   167  C  CA  B GLU A 1 120 ? -6.352  12.145  -5.848  0.50 53.79  ? 118 GLU A CA  1 
ATOM   168  C  C   A GLU A 1 120 ? -6.240  10.702  -6.177  0.50 53.45  ? 118 GLU A C   1 
ATOM   169  C  C   B GLU A 1 120 ? -6.224  10.670  -6.222  0.50 53.09  ? 118 GLU A C   1 
ATOM   170  O  O   A GLU A 1 120 ? -5.228  10.351  -6.784  0.50 48.65  ? 118 GLU A O   1 
ATOM   171  O  O   B GLU A 1 120 ? -5.218  10.257  -6.797  0.50 47.38  ? 118 GLU A O   1 
ATOM   172  C  CB  A GLU A 1 120 ? -6.157  12.228  -4.176  0.50 57.37  ? 118 GLU A CB  1 
ATOM   173  C  CB  B GLU A 1 120 ? -5.827  12.403  -4.434  0.50 59.27  ? 118 GLU A CB  1 
ATOM   174  C  CG  A GLU A 1 120 ? -4.900  11.480  -3.704  0.50 70.39  ? 118 GLU A CG  1 
ATOM   175  C  CG  B GLU A 1 120 ? -4.364  11.966  -4.243  0.50 73.66  ? 118 GLU A CG  1 
ATOM   176  C  CD  A GLU A 1 120 ? -4.478  11.849  -2.287  0.50 79.37  ? 118 GLU A CD  1 
ATOM   177  C  CD  B GLU A 1 120 ? -3.408  12.551  -5.292  0.50 71.19  ? 118 GLU A CD  1 
ATOM   178  O  OE1 A GLU A 1 120 ? -5.142  12.716  -1.678  0.50 87.38  ? 118 GLU A OE1 1 
ATOM   179  O  OE1 B GLU A 1 120 ? -3.346  13.791  -5.427  0.50 71.09  ? 118 GLU A OE1 1 
ATOM   180  O  OE2 A GLU A 1 120 ? -3.479  11.276  -1.785  0.50 64.23  ? 118 GLU A OE2 1 
ATOM   181  O  OE2 B GLU A 1 120 ? -2.708  11.770  -5.975  0.50 53.24  ? 118 GLU A OE2 1 
ATOM   182  N  N   . ILE A 1 121 ? -7.241  9.874   -5.917  1.00 49.16  ? 119 ILE A N   1 
ATOM   183  C  CA  . ILE A 1 121 ? -7.194  8.478   -6.325  1.00 51.28  ? 119 ILE A CA  1 
ATOM   184  C  C   . ILE A 1 121 ? -7.260  8.359   -7.843  1.00 47.67  ? 119 ILE A C   1 
ATOM   185  O  O   . ILE A 1 121 ? -6.560  7.540   -8.432  1.00 47.23  ? 119 ILE A O   1 
ATOM   186  C  CB  . ILE A 1 121 ? -8.291  7.617   -5.663  1.00 55.65  ? 119 ILE A CB  1 
ATOM   187  C  CG1 . ILE A 1 121 ? -8.073  7.538   -4.152  1.00 53.15  ? 119 ILE A CG1 1 
ATOM   188  C  CG2 . ILE A 1 121 ? -8.306  6.206   -6.258  1.00 43.49  ? 119 ILE A CG2 1 
ATOM   189  C  CD1 . ILE A 1 121 ? -9.336  7.146   -3.405  1.00 68.61  ? 119 ILE A CD1 1 
ATOM   190  N  N   . ALA A 1 122 ? -8.099  9.177   -8.474  1.00 50.05  ? 120 ALA A N   1 
ATOM   191  C  CA  . ALA A 1 122 ? -8.256  9.142   -9.927  1.00 41.22  ? 120 ALA A CA  1 
ATOM   192  C  C   . ALA A 1 122 ? -6.933  9.530   -10.590 1.00 40.49  ? 120 ALA A C   1 
ATOM   193  O  O   . ALA A 1 122 ? -6.418  8.843   -11.488 1.00 43.05  ? 120 ALA A O   1 
ATOM   194  C  CB  . ALA A 1 122 ? -9.352  10.091  -10.347 1.00 43.51  ? 120 ALA A CB  1 
ATOM   195  N  N   . ALA A 1 123 ? -6.373  10.631  -10.120 1.00 35.84  ? 121 ALA A N   1 
ATOM   196  C  CA  . ALA A 1 123 ? -5.035  11.056  -10.518 1.00 50.76  ? 121 ALA A CA  1 
ATOM   197  C  C   . ALA A 1 123 ? -3.978  9.950   -10.404 1.00 54.62  ? 121 ALA A C   1 
ATOM   198  O  O   . ALA A 1 123 ? -3.250  9.697   -11.369 1.00 48.38  ? 121 ALA A O   1 
ATOM   199  C  CB  . ALA A 1 123 ? -4.609  12.293  -9.708  1.00 39.07  ? 121 ALA A CB  1 
ATOM   200  N  N   . ALA A 1 124 ? -3.895  9.289   -9.245  1.00 38.52  ? 122 ALA A N   1 
ATOM   201  C  CA  . ALA A 1 124 ? -2.872  8.254   -9.057  1.00 44.36  ? 122 ALA A CA  1 
ATOM   202  C  C   . ALA A 1 124 ? -3.066  7.114   -10.047 1.00 41.79  ? 122 ALA A C   1 
ATOM   203  O  O   . ALA A 1 124 ? -2.127  6.690   -10.711 1.00 47.95  ? 122 ALA A O   1 
ATOM   204  C  CB  . ALA A 1 124 ? -2.851  7.728   -7.597  1.00 35.57  ? 122 ALA A CB  1 
ATOM   205  N  N   . LEU A 1 125 ? -4.303  6.660   -10.187 1.00 45.31  ? 123 LEU A N   1 
ATOM   206  C  CA  . LEU A 1 125 ? -4.595  5.438   -10.934 1.00 38.60  ? 123 LEU A CA  1 
ATOM   207  C  C   . LEU A 1 125 ? -4.845  5.677   -12.423 1.00 42.43  ? 123 LEU A C   1 
ATOM   208  O  O   . LEU A 1 125 ? -4.875  4.726   -13.212 1.00 39.00  ? 123 LEU A O   1 
ATOM   209  C  CB  . LEU A 1 125 ? -5.808  4.748   -10.287 1.00 37.52  ? 123 LEU A CB  1 
ATOM   210  C  CG  . LEU A 1 125 ? -5.798  3.383   -9.580  1.00 61.53  ? 123 LEU A CG  1 
ATOM   211  C  CD1 . LEU A 1 125 ? -4.453  2.909   -9.086  1.00 32.97  ? 123 LEU A CD1 1 
ATOM   212  C  CD2 . LEU A 1 125 ? -6.750  3.446   -8.423  1.00 36.60  ? 123 LEU A CD2 1 
ATOM   213  N  N   . GLY A 1 126 ? -5.038  6.938   -12.809 1.00 35.53  ? 124 GLY A N   1 
ATOM   214  C  CA  . GLY A 1 126 ? -5.398  7.237   -14.187 1.00 47.10  ? 124 GLY A CA  1 
ATOM   215  C  C   . GLY A 1 126 ? -6.776  6.711   -14.558 1.00 41.23  ? 124 GLY A C   1 
ATOM   216  O  O   . GLY A 1 126 ? -6.957  6.075   -15.589 1.00 46.38  ? 124 GLY A O   1 
ATOM   217  N  N   . VAL A 1 127 ? -7.746  6.931   -13.679 1.00 50.94  ? 125 VAL A N   1 
ATOM   218  C  CA  . VAL A 1 127 ? -9.143  6.641   -13.976 1.00 39.86  ? 125 VAL A CA  1 
ATOM   219  C  C   . VAL A 1 127 ? -9.944  7.927   -13.781 1.00 48.24  ? 125 VAL A C   1 
ATOM   220  O  O   . VAL A 1 127 ? -9.412  8.955   -13.344 1.00 40.79  ? 125 VAL A O   1 
ATOM   221  C  CB  . VAL A 1 127 ? -9.714  5.491   -13.095 1.00 47.10  ? 125 VAL A CB  1 
ATOM   222  C  CG1 . VAL A 1 127 ? -8.934  4.151   -13.348 1.00 32.98  ? 125 VAL A CG1 1 
ATOM   223  C  CG2 . VAL A 1 127 ? -9.746  5.895   -11.612 1.00 31.14  ? 125 VAL A CG2 1 
ATOM   224  N  N   . ALA A 1 128 ? -11.217 7.886   -14.135 1.00 47.62  ? 126 ALA A N   1 
ATOM   225  C  CA  . ALA A 1 128 ? -12.039 9.068   -13.996 1.00 44.54  ? 126 ALA A CA  1 
ATOM   226  C  C   . ALA A 1 128 ? -12.491 9.212   -12.555 1.00 44.57  ? 126 ALA A C   1 
ATOM   227  O  O   . ALA A 1 128 ? -12.727 8.207   -11.874 1.00 42.04  ? 126 ALA A O   1 
ATOM   228  C  CB  . ALA A 1 128 ? -13.224 8.997   -14.950 1.00 32.59  ? 126 ALA A CB  1 
ATOM   229  N  N   . GLU A 1 129 ? -12.550 10.460  -12.093 1.00 38.55  ? 127 GLU A N   1 
ATOM   230  C  CA  . GLU A 1 129 ? -13.204 10.803  -10.840 1.00 54.19  ? 127 GLU A CA  1 
ATOM   231  C  C   . GLU A 1 129 ? -14.519 10.079  -10.729 1.00 51.44  ? 127 GLU A C   1 
ATOM   232  O  O   . GLU A 1 129 ? -15.247 9.977   -11.711 1.00 51.63  ? 127 GLU A O   1 
ATOM   233  C  CB  . GLU A 1 129 ? -13.503 12.289  -10.783 1.00 48.71  ? 127 GLU A CB  1 
ATOM   234  C  CG  . GLU A 1 129 ? -12.537 13.093  -9.957  1.00 66.43  ? 127 GLU A CG  1 
ATOM   235  C  CD  . GLU A 1 129 ? -13.252 14.114  -9.101  1.00 72.13  ? 127 GLU A CD  1 
ATOM   236  O  OE1 . GLU A 1 129 ? -14.139 13.720  -8.306  1.00 74.57  ? 127 GLU A OE1 1 
ATOM   237  O  OE2 . GLU A 1 129 ? -12.925 15.308  -9.225  1.00 72.59  ? 127 GLU A OE2 1 
ATOM   238  N  N   . ASP A 1 130 ? -14.819 9.593   -9.527  1.00 47.46  ? 128 ASP A N   1 
ATOM   239  C  CA  . ASP A 1 130 ? -16.046 8.856   -9.228  1.00 43.11  ? 128 ASP A CA  1 
ATOM   240  C  C   . ASP A 1 130 ? -16.171 7.526   -9.974  1.00 49.50  ? 128 ASP A C   1 
ATOM   241  O  O   . ASP A 1 130 ? -17.167 6.831   -9.814  1.00 44.90  ? 128 ASP A O   1 
ATOM   242  C  CB  . ASP A 1 130 ? -17.325 9.699   -9.447  1.00 39.51  ? 128 ASP A CB  1 
ATOM   243  C  CG  . ASP A 1 130 ? -17.220 11.115  -8.868  1.00 62.78  ? 128 ASP A CG  1 
ATOM   244  O  OD1 . ASP A 1 130 ? -17.055 11.257  -7.641  1.00 69.93  ? 128 ASP A OD1 1 
ATOM   245  O  OD2 . ASP A 1 130 ? -17.320 12.099  -9.636  1.00 74.31  ? 128 ASP A OD2 1 
ATOM   246  N  N   . SER A 1 131 ? -15.202 7.158   -10.802 1.00 38.09  ? 129 SER A N   1 
ATOM   247  C  CA  . SER A 1 131 ? -15.253 5.804   -11.363 1.00 38.79  ? 129 SER A CA  1 
ATOM   248  C  C   . SER A 1 131 ? -14.975 4.844   -10.195 1.00 51.52  ? 129 SER A C   1 
ATOM   249  O  O   . SER A 1 131 ? -14.444 5.251   -9.149  1.00 40.40  ? 129 SER A O   1 
ATOM   250  C  CB  . SER A 1 131 ? -14.262 5.626   -12.526 1.00 52.34  ? 129 SER A CB  1 
ATOM   251  O  OG  . SER A 1 131 ? -12.911 5.665   -12.102 1.00 45.05  ? 129 SER A OG  1 
ATOM   252  N  N   . GLU A 1 132 ? -15.338 3.582   -10.343 1.00 44.62  ? 130 GLU A N   1 
ATOM   253  C  CA  . GLU A 1 132 ? -15.280 2.695   -9.202  1.00 62.32  ? 130 GLU A CA  1 
ATOM   254  C  C   . GLU A 1 132 ? -13.918 2.021   -9.090  1.00 59.41  ? 130 GLU A C   1 
ATOM   255  O  O   . GLU A 1 132 ? -13.347 1.583   -10.083 1.00 46.74  ? 130 GLU A O   1 
ATOM   256  C  CB  . GLU A 1 132 ? -16.398 1.672   -9.274  1.00 49.98  ? 130 GLU A CB  1 
ATOM   257  C  CG  . GLU A 1 132 ? -17.237 1.518   -7.986  1.00 92.12  ? 130 GLU A CG  1 
ATOM   258  C  CD  . GLU A 1 132 ? -18.383 0.485   -8.118  1.00 109.01 ? 130 GLU A CD  1 
ATOM   259  O  OE1 . GLU A 1 132 ? -18.184 -0.569  -8.777  1.00 114.86 ? 130 GLU A OE1 1 
ATOM   260  O  OE2 . GLU A 1 132 ? -19.496 0.736   -7.593  1.00 81.37  ? 130 GLU A OE2 1 
ATOM   261  N  N   . VAL A 1 133 ? -13.387 1.977   -7.870  1.00 47.87  ? 131 VAL A N   1 
ATOM   262  C  CA  . VAL A 1 133 ? -12.129 1.307   -7.620  1.00 49.27  ? 131 VAL A CA  1 
ATOM   263  C  C   . VAL A 1 133 ? -12.299 0.438   -6.386  1.00 49.50  ? 131 VAL A C   1 
ATOM   264  O  O   . VAL A 1 133 ? -13.253 0.602   -5.622  1.00 44.32  ? 131 VAL A O   1 
ATOM   265  C  CB  . VAL A 1 133 ? -10.966 2.313   -7.454  1.00 45.34  ? 131 VAL A CB  1 
ATOM   266  C  CG1 . VAL A 1 133 ? -10.750 3.097   -8.768  1.00 42.81  ? 131 VAL A CG1 1 
ATOM   267  C  CG2 . VAL A 1 133 ? -11.252 3.253   -6.313  1.00 36.91  ? 131 VAL A CG2 1 
ATOM   268  N  N   . HIS A 1 134 ? -11.388 -0.507  -6.209  1.00 50.31  ? 132 HIS A N   1 
ATOM   269  C  CA  . HIS A 1 134 ? -11.402 -1.345  -5.033  1.00 46.38  ? 132 HIS A CA  1 
ATOM   270  C  C   . HIS A 1 134 ? -10.642 -0.664  -3.918  1.00 53.99  ? 132 HIS A C   1 
ATOM   271  O  O   . HIS A 1 134 ? -9.529  -0.205  -4.130  1.00 52.55  ? 132 HIS A O   1 
ATOM   272  C  CB  . HIS A 1 134 ? -10.748 -2.689  -5.345  1.00 50.27  ? 132 HIS A CB  1 
ATOM   273  C  CG  . HIS A 1 134 ? -11.516 -3.521  -6.344  1.00 61.16  ? 132 HIS A CG  1 
ATOM   274  N  ND1 . HIS A 1 134 ? -12.552 -4.345  -5.964  1.00 66.67  ? 132 HIS A ND1 1 
ATOM   275  C  CD2 . HIS A 1 134 ? -11.382 -3.642  -7.677  1.00 77.67  ? 132 HIS A CD2 1 
ATOM   276  C  CE1 . HIS A 1 134 ? -13.028 -4.948  -7.050  1.00 68.79  ? 132 HIS A CE1 1 
ATOM   277  N  NE2 . HIS A 1 134 ? -12.352 -4.549  -8.090  1.00 81.70  ? 132 HIS A NE2 1 
ATOM   278  N  N   . ARG A 1 135 ? -11.236 -0.593  -2.732  1.00 49.99  ? 133 ARG A N   1 
ATOM   279  C  CA  . ARG A 1 135 ? -10.487 -0.152  -1.556  1.00 53.75  ? 133 ARG A CA  1 
ATOM   280  C  C   . ARG A 1 135 ? -10.237 -1.271  -0.528  1.00 50.36  ? 133 ARG A C   1 
ATOM   281  O  O   . ARG A 1 135 ? -11.169 -1.830  0.063   1.00 49.14  ? 133 ARG A O   1 
ATOM   282  C  CB  . ARG A 1 135 ? -11.139 1.058   -0.873  1.00 40.06  ? 133 ARG A CB  1 
ATOM   283  C  CG  . ARG A 1 135 ? -10.326 1.574   0.331   1.00 43.76  ? 133 ARG A CG  1 
ATOM   284  C  CD  . ARG A 1 135 ? -10.821 2.889   0.885   1.00 48.71  ? 133 ARG A CD  1 
ATOM   285  N  NE  . ARG A 1 135 ? -11.418 2.726   2.202   1.00 62.78  ? 133 ARG A NE  1 
ATOM   286  C  CZ  . ARG A 1 135 ? -12.690 2.979   2.489   1.00 78.24  ? 133 ARG A CZ  1 
ATOM   287  N  NH1 . ARG A 1 135 ? -13.142 2.804   3.723   1.00 72.95  ? 133 ARG A NH1 1 
ATOM   288  N  NH2 . ARG A 1 135 ? -13.508 3.419   1.544   1.00 85.09  ? 133 ARG A NH2 1 
ATOM   289  N  N   . ILE A 1 136 ? -8.965  -1.569  -0.316  1.00 52.62  ? 134 ILE A N   1 
ATOM   290  C  CA  . ILE A 1 136 ? -8.548  -2.519  0.705   1.00 56.51  ? 134 ILE A CA  1 
ATOM   291  C  C   . ILE A 1 136 ? -7.830  -1.814  1.856   1.00 53.00  ? 134 ILE A C   1 
ATOM   292  O  O   . ILE A 1 136 ? -7.048  -0.881  1.652   1.00 46.41  ? 134 ILE A O   1 
ATOM   293  C  CB  . ILE A 1 136 ? -7.644  -3.631  0.120   1.00 55.03  ? 134 ILE A CB  1 
ATOM   294  C  CG1 . ILE A 1 136 ? -8.411  -4.427  -0.935  1.00 62.23  ? 134 ILE A CG1 1 
ATOM   295  C  CG2 . ILE A 1 136 ? -7.188  -4.571  1.214   1.00 68.56  ? 134 ILE A CG2 1 
ATOM   296  C  CD1 . ILE A 1 136 ? -7.551  -5.367  -1.720  1.00 82.98  ? 134 ILE A CD1 1 
ATOM   297  N  N   . GLU A 1 137 ? -8.118  -2.253  3.071   1.00 56.88  ? 135 GLU A N   1 
ATOM   298  C  CA  . GLU A 1 137 ? -7.378  -1.786  4.230   1.00 52.02  ? 135 GLU A CA  1 
ATOM   299  C  C   . GLU A 1 137 ? -6.855  -2.965  5.068   1.00 61.26  ? 135 GLU A C   1 
ATOM   300  O  O   . GLU A 1 137 ? -7.603  -3.879  5.400   1.00 51.20  ? 135 GLU A O   1 
ATOM   301  C  CB  . GLU A 1 137 ? -8.242  -0.833  5.052   1.00 52.19  ? 135 GLU A CB  1 
ATOM   302  C  CG  . GLU A 1 137 ? -8.626  0.412   4.284   1.00 63.90  ? 135 GLU A CG  1 
ATOM   303  C  CD  . GLU A 1 137 ? -9.336  1.442   5.132   1.00 67.32  ? 135 GLU A CD  1 
ATOM   304  O  OE1 . GLU A 1 137 ? -10.081 2.269   4.562   1.00 93.15  ? 135 GLU A OE1 1 
ATOM   305  O  OE2 . GLU A 1 137 ? -9.159  1.429   6.367   1.00 63.83  ? 135 GLU A OE2 1 
ATOM   306  N  N   . ARG A 1 138 ? -5.557  -2.955  5.366   1.00 54.37  ? 136 ARG A N   1 
ATOM   307  C  CA  . ARG A 1 138 ? -4.934  -3.996  6.185   1.00 52.92  ? 136 ARG A CA  1 
ATOM   308  C  C   . ARG A 1 138 ? -4.161  -3.415  7.367   1.00 56.30  ? 136 ARG A C   1 
ATOM   309  O  O   . ARG A 1 138 ? -3.518  -2.370  7.260   1.00 46.11  ? 136 ARG A O   1 
ATOM   310  C  CB  . ARG A 1 138 ? -3.945  -4.861  5.397   1.00 50.10  ? 136 ARG A CB  1 
ATOM   311  C  CG  . ARG A 1 138 ? -4.494  -5.655  4.250   1.00 43.79  ? 136 ARG A CG  1 
ATOM   312  C  CD  . ARG A 1 138 ? -3.799  -5.192  2.974   1.00 47.65  ? 136 ARG A CD  1 
ATOM   313  N  NE  . ARG A 1 138 ? -2.697  -6.045  2.547   1.00 65.39  ? 136 ARG A NE  1 
ATOM   314  C  CZ  . ARG A 1 138 ? -1.739  -5.650  1.717   1.00 65.65  ? 136 ARG A CZ  1 
ATOM   315  N  NH1 . ARG A 1 138 ? -0.764  -6.481  1.365   1.00 83.70  ? 136 ARG A NH1 1 
ATOM   316  N  NH2 . ARG A 1 138 ? -1.749  -4.409  1.250   1.00 51.88  ? 136 ARG A NH2 1 
ATOM   317  N  N   . LEU A 1 139 ? -4.221  -4.117  8.492   1.00 52.22  ? 137 LEU A N   1 
ATOM   318  C  CA  . LEU A 1 139 ? -3.304  -3.870  9.594   1.00 59.95  ? 137 LEU A CA  1 
ATOM   319  C  C   . LEU A 1 139 ? -2.229  -4.966  9.568   1.00 65.40  ? 137 LEU A C   1 
ATOM   320  O  O   . LEU A 1 139 ? -2.540  -6.152  9.438   1.00 52.43  ? 137 LEU A O   1 
ATOM   321  C  CB  . LEU A 1 139 ? -4.062  -3.861  10.917  1.00 65.20  ? 137 LEU A CB  1 
ATOM   322  C  CG  . LEU A 1 139 ? -3.336  -3.456  12.201  1.00 66.43  ? 137 LEU A CG  1 
ATOM   323  C  CD1 . LEU A 1 139 ? -2.992  -1.975  12.221  1.00 68.05  ? 137 LEU A CD1 1 
ATOM   324  C  CD2 . LEU A 1 139 ? -4.194  -3.810  13.408  1.00 59.77  ? 137 LEU A CD2 1 
ATOM   325  N  N   . ARG A 1 140 ? -0.963  -4.561  9.623   1.00 52.79  ? 138 ARG A N   1 
ATOM   326  C  CA  . ARG A 1 140 ? 0.144   -5.509  9.727   1.00 65.76  ? 138 ARG A CA  1 
ATOM   327  C  C   . ARG A 1 140 ? 0.653   -5.516  11.149  1.00 51.76  ? 138 ARG A C   1 
ATOM   328  O  O   . ARG A 1 140 ? 0.956   -4.464  11.719  1.00 54.36  ? 138 ARG A O   1 
ATOM   329  C  CB  . ARG A 1 140 ? 1.286   -5.118  8.799   1.00 59.80  ? 138 ARG A CB  1 
ATOM   330  C  CG  . ARG A 1 140 ? 0.988   -5.380  7.359   1.00 64.79  ? 138 ARG A CG  1 
ATOM   331  C  CD  . ARG A 1 140 ? 1.484   -6.742  6.903   1.00 51.83  ? 138 ARG A CD  1 
ATOM   332  N  NE  . ARG A 1 140 ? 2.008   -6.611  5.543   1.00 74.46  ? 138 ARG A NE  1 
ATOM   333  C  CZ  . ARG A 1 140 ? 1.551   -7.267  4.483   1.00 82.58  ? 138 ARG A CZ  1 
ATOM   334  N  NH1 . ARG A 1 140 ? 0.572   -8.157  4.616   1.00 86.36  ? 138 ARG A NH1 1 
ATOM   335  N  NH2 . ARG A 1 140 ? 2.094   -7.047  3.291   1.00 73.35  ? 138 ARG A NH2 1 
ATOM   336  N  N   . LEU A 1 141 ? 0.742   -6.695  11.743  1.00 55.93  ? 139 LEU A N   1 
ATOM   337  C  CA  . LEU A 1 141 ? 1.301   -6.760  13.090  1.00 82.64  ? 139 LEU A CA  1 
ATOM   338  C  C   . LEU A 1 141 ? 2.547   -7.632  13.183  1.00 66.45  ? 139 LEU A C   1 
ATOM   339  O  O   . LEU A 1 141 ? 2.696   -8.619  12.452  1.00 67.09  ? 139 LEU A O   1 
ATOM   340  C  CB  . LEU A 1 141 ? 0.257   -7.206  14.120  1.00 74.33  ? 139 LEU A CB  1 
ATOM   341  C  CG  . LEU A 1 141 ? -1.129  -6.561  14.015  1.00 80.69  ? 139 LEU A CG  1 
ATOM   342  C  CD1 . LEU A 1 141 ? -1.955  -7.310  12.977  1.00 68.91  ? 139 LEU A CD1 1 
ATOM   343  C  CD2 . LEU A 1 141 ? -1.848  -6.540  15.364  1.00 69.56  ? 139 LEU A CD2 1 
ATOM   344  N  N   . THR A 1 142 ? 3.439   -7.238  14.085  1.00 70.08  ? 140 THR A N   1 
ATOM   345  C  CA  . THR A 1 142 ? 4.610   -8.034  14.431  1.00 94.37  ? 140 THR A CA  1 
ATOM   346  C  C   . THR A 1 142 ? 4.583   -8.367  15.910  1.00 88.95  ? 140 THR A C   1 
ATOM   347  O  O   . THR A 1 142 ? 4.546   -7.460  16.755  1.00 76.68  ? 140 THR A O   1 
ATOM   348  C  CB  . THR A 1 142 ? 5.914   -7.282  14.142  1.00 85.66  ? 140 THR A CB  1 
ATOM   349  O  OG1 . THR A 1 142 ? 5.837   -5.952  14.690  1.00 82.59  ? 140 THR A OG1 1 
ATOM   350  C  CG2 . THR A 1 142 ? 6.163   -7.237  12.635  1.00 66.34  ? 140 THR A CG2 1 
ATOM   351  N  N   . HIS A 1 143 ? 4.607   -9.664  16.215  1.00 90.98  ? 141 HIS A N   1 
ATOM   352  C  CA  . HIS A 1 143 ? 4.542   -10.139 17.593  1.00 98.30  ? 141 HIS A CA  1 
ATOM   353  C  C   . HIS A 1 143 ? 3.250   -9.658  18.241  1.00 99.03  ? 141 HIS A C   1 
ATOM   354  O  O   . HIS A 1 143 ? 3.230   -9.282  19.413  1.00 94.73  ? 141 HIS A O   1 
ATOM   355  C  CB  . HIS A 1 143 ? 5.764   -9.670  18.393  1.00 98.02  ? 141 HIS A CB  1 
ATOM   356  C  CG  . HIS A 1 143 ? 7.077   -10.102 17.801  1.00 125.81 ? 141 HIS A CG  1 
ATOM   357  N  ND1 . HIS A 1 143 ? 7.520   -11.405 17.859  1.00 115.75 ? 141 HIS A ND1 1 
ATOM   358  C  CD2 . HIS A 1 143 ? 8.030   -9.401  17.147  1.00 120.19 ? 141 HIS A CD2 1 
ATOM   359  C  CE1 . HIS A 1 143 ? 8.701   -11.489 17.255  1.00 137.48 ? 141 HIS A CE1 1 
ATOM   360  N  NE2 . HIS A 1 143 ? 9.028   -10.289 16.817  1.00 134.04 ? 141 HIS A NE2 1 
ATOM   361  N  N   . GLY A 1 144 ? 2.177   -9.662  17.454  1.00 96.57  ? 142 GLY A N   1 
ATOM   362  C  CA  . GLY A 1 144 ? 0.871   -9.249  17.930  1.00 88.73  ? 142 GLY A CA  1 
ATOM   363  C  C   . GLY A 1 144 ? 0.709   -7.754  18.151  1.00 88.47  ? 142 GLY A C   1 
ATOM   364  O  O   . GLY A 1 144 ? -0.374  -7.301  18.529  1.00 96.90  ? 142 GLY A O   1 
ATOM   365  N  N   . GLU A 1 145 ? 1.778   -6.990  17.938  1.00 86.83  ? 143 GLU A N   1 
ATOM   366  C  CA  . GLU A 1 145 ? 1.703   -5.534  18.028  1.00 90.67  ? 143 GLU A CA  1 
ATOM   367  C  C   . GLU A 1 145 ? 1.553   -4.903  16.634  1.00 88.92  ? 143 GLU A C   1 
ATOM   368  O  O   . GLU A 1 145 ? 2.130   -5.385  15.655  1.00 76.51  ? 143 GLU A O   1 
ATOM   369  C  CB  . GLU A 1 145 ? 2.935   -4.980  18.742  1.00 91.12  ? 143 GLU A CB  1 
ATOM   370  C  CG  . GLU A 1 145 ? 2.748   -3.576  19.304  1.00 99.96  ? 143 GLU A CG  1 
ATOM   371  C  CD  . GLU A 1 145 ? 3.983   -3.074  20.034  1.00 118.63 ? 143 GLU A CD  1 
ATOM   372  O  OE1 . GLU A 1 145 ? 4.898   -3.891  20.291  1.00 112.85 ? 143 GLU A OE1 1 
ATOM   373  O  OE2 . GLU A 1 145 ? 4.039   -1.862  20.351  1.00 102.04 ? 143 GLU A OE2 1 
ATOM   374  N  N   . PRO A 1 146 ? 0.760   -3.826  16.534  1.00 77.83  ? 144 PRO A N   1 
ATOM   375  C  CA  . PRO A 1 146 ? 0.487   -3.186  15.243  1.00 79.83  ? 144 PRO A CA  1 
ATOM   376  C  C   . PRO A 1 146 ? 1.698   -2.426  14.722  1.00 81.98  ? 144 PRO A C   1 
ATOM   377  O  O   . PRO A 1 146 ? 2.299   -1.626  15.438  1.00 79.09  ? 144 PRO A O   1 
ATOM   378  C  CB  . PRO A 1 146 ? -0.647  -2.203  15.566  1.00 88.15  ? 144 PRO A CB  1 
ATOM   379  C  CG  . PRO A 1 146 ? -1.190  -2.636  16.878  1.00 94.32  ? 144 PRO A CG  1 
ATOM   380  C  CD  . PRO A 1 146 ? -0.021  -3.212  17.616  1.00 91.34  ? 144 PRO A CD  1 
HETATM 381  N  N   . MSE A 1 147 ? 2.045   -2.678  13.467  1.00 62.22  ? 145 MSE A N   1 
HETATM 382  C  CA  . MSE A 1 147 ? 3.247   -2.113  12.867  1.00 66.66  ? 145 MSE A CA  1 
HETATM 383  C  C   . MSE A 1 147 ? 2.940   -1.043  11.817  1.00 69.04  ? 145 MSE A C   1 
HETATM 384  O  O   . MSE A 1 147 ? 3.584   0.013   11.759  1.00 57.61  ? 145 MSE A O   1 
HETATM 385  C  CB  . MSE A 1 147 ? 4.050   -3.233  12.220  1.00 56.96  ? 145 MSE A CB  1 
HETATM 386  C  CG  . MSE A 1 147 ? 5.279   -2.738  11.510  1.00 69.53  ? 145 MSE A CG  1 
HETATM 387  SE SE  . MSE A 1 147 ? 6.122   -4.217  10.607  0.65 84.80  ? 145 MSE A SE  1 
HETATM 388  C  CE  . MSE A 1 147 ? 5.298   -4.009  8.839   1.00 127.09 ? 145 MSE A CE  1 
ATOM   389  N  N   . ALA A 1 148 ? 1.932   -1.330  11.002  1.00 65.58  ? 146 ALA A N   1 
ATOM   390  C  CA  . ALA A 1 148 ? 1.606   -0.488  9.866   1.00 68.78  ? 146 ALA A CA  1 
ATOM   391  C  C   . ALA A 1 148 ? 0.132   -0.584  9.508   1.00 61.64  ? 146 ALA A C   1 
ATOM   392  O  O   . ALA A 1 148 ? -0.505  -1.625  9.715   1.00 55.70  ? 146 ALA A O   1 
ATOM   393  C  CB  . ALA A 1 148 ? 2.458   -0.875  8.678   1.00 47.58  ? 146 ALA A CB  1 
ATOM   394  N  N   . TYR A 1 149 ? -0.394  0.518   8.977   1.00 57.08  ? 147 TYR A N   1 
ATOM   395  C  CA  . TYR A 1 149 ? -1.749  0.575   8.420   1.00 66.48  ? 147 TYR A CA  1 
ATOM   396  C  C   . TYR A 1 149 ? -1.728  0.785   6.892   1.00 47.83  ? 147 TYR A C   1 
ATOM   397  O  O   . TYR A 1 149 ? -1.283  1.824   6.407   1.00 42.10  ? 147 TYR A O   1 
ATOM   398  C  CB  . TYR A 1 149 ? -2.572  1.673   9.096   1.00 58.51  ? 147 TYR A CB  1 
ATOM   399  C  CG  . TYR A 1 149 ? -4.035  1.422   8.930   1.00 73.90  ? 147 TYR A CG  1 
ATOM   400  C  CD1 . TYR A 1 149 ? -4.617  0.296   9.484   1.00 87.51  ? 147 TYR A CD1 1 
ATOM   401  C  CD2 . TYR A 1 149 ? -4.834  2.281   8.188   1.00 78.86  ? 147 TYR A CD2 1 
ATOM   402  C  CE1 . TYR A 1 149 ? -5.954  0.036   9.327   1.00 95.47  ? 147 TYR A CE1 1 
ATOM   403  C  CE2 . TYR A 1 149 ? -6.181  2.028   8.022   1.00 80.50  ? 147 TYR A CE2 1 
ATOM   404  C  CZ  . TYR A 1 149 ? -6.736  0.900   8.598   1.00 89.83  ? 147 TYR A CZ  1 
ATOM   405  O  OH  . TYR A 1 149 ? -8.071  0.607   8.461   1.00 85.35  ? 147 TYR A OH  1 
ATOM   406  N  N   . LEU A 1 150 ? -2.193  -0.212  6.144   1.00 44.26  ? 148 LEU A N   1 
ATOM   407  C  CA  . LEU A 1 150 ? -2.071  -0.218  4.688   1.00 49.09  ? 148 LEU A CA  1 
ATOM   408  C  C   . LEU A 1 150 ? -3.400  -0.037  3.942   1.00 58.14  ? 148 LEU A C   1 
ATOM   409  O  O   . LEU A 1 150 ? -4.214  -0.955  3.918   1.00 48.27  ? 148 LEU A O   1 
ATOM   410  C  CB  . LEU A 1 150 ? -1.438  -1.538  4.227   1.00 47.00  ? 148 LEU A CB  1 
ATOM   411  C  CG  . LEU A 1 150 ? -0.175  -2.064  4.920   1.00 53.19  ? 148 LEU A CG  1 
ATOM   412  C  CD1 . LEU A 1 150 ? 0.367   -3.288  4.198   1.00 36.57  ? 148 LEU A CD1 1 
ATOM   413  C  CD2 . LEU A 1 150 ? 0.885   -0.971  5.037   1.00 47.65  ? 148 LEU A CD2 1 
ATOM   414  N  N   . CYS A 1 151 ? -3.609  1.127   3.323   1.00 56.82  ? 149 CYS A N   1 
ATOM   415  C  CA  . CYS A 1 151 ? -4.763  1.336   2.429   1.00 68.84  ? 149 CYS A CA  1 
ATOM   416  C  C   . CYS A 1 151 ? -4.358  1.211   0.963   1.00 56.82  ? 149 CYS A C   1 
ATOM   417  O  O   . CYS A 1 151 ? -3.476  1.930   0.499   1.00 44.40  ? 149 CYS A O   1 
ATOM   418  C  CB  . CYS A 1 151 ? -5.415  2.714   2.641   1.00 67.21  ? 149 CYS A CB  1 
ATOM   419  S  SG  . CYS A 1 151 ? -5.722  3.192   4.352   1.00 71.87  ? 149 CYS A SG  1 
ATOM   420  N  N   . ASN A 1 152 ? -5.010  0.316   0.228   1.00 51.17  ? 150 ASN A N   1 
ATOM   421  C  CA  . ASN A 1 152 ? -4.754  0.204   -1.212  1.00 46.15  ? 150 ASN A CA  1 
ATOM   422  C  C   . ASN A 1 152 ? -5.973  0.357   -2.125  1.00 52.77  ? 150 ASN A C   1 
ATOM   423  O  O   . ASN A 1 152 ? -7.098  0.013   -1.762  1.00 43.75  ? 150 ASN A O   1 
ATOM   424  C  CB  . ASN A 1 152 ? -3.981  -1.087  -1.552  1.00 53.08  ? 150 ASN A CB  1 
ATOM   425  C  CG  . ASN A 1 152 ? -2.655  -1.188  -0.801  1.00 60.12  ? 150 ASN A CG  1 
ATOM   426  O  OD1 . ASN A 1 152 ? -1.596  -0.827  -1.315  1.00 60.07  ? 150 ASN A OD1 1 
ATOM   427  N  ND2 . ASN A 1 152 ? -2.717  -1.645  0.427   1.00 39.71  ? 150 ASN A ND2 1 
ATOM   428  N  N   . TYR A 1 153 ? -5.730  0.882   -3.319  1.00 46.12  ? 151 TYR A N   1 
ATOM   429  C  CA  . TYR A 1 153 ? -6.783  1.058   -4.305  1.00 43.33  ? 151 TYR A CA  1 
ATOM   430  C  C   . TYR A 1 153 ? -6.390  0.394   -5.589  1.00 45.10  ? 151 TYR A C   1 
ATOM   431  O  O   . TYR A 1 153 ? -5.291  0.603   -6.087  1.00 53.59  ? 151 TYR A O   1 
ATOM   432  C  CB  . TYR A 1 153 ? -7.019  2.538   -4.551  1.00 41.75  ? 151 TYR A CB  1 
ATOM   433  C  CG  . TYR A 1 153 ? -7.426  3.274   -3.297  1.00 49.05  ? 151 TYR A CG  1 
ATOM   434  C  CD1 . TYR A 1 153 ? -6.468  3.834   -2.454  1.00 57.51  ? 151 TYR A CD1 1 
ATOM   435  C  CD2 . TYR A 1 153 ? -8.767  3.412   -2.956  1.00 49.61  ? 151 TYR A CD2 1 
ATOM   436  C  CE1 . TYR A 1 153 ? -6.834  4.514   -1.310  1.00 49.68  ? 151 TYR A CE1 1 
ATOM   437  C  CE2 . TYR A 1 153 ? -9.144  4.084   -1.809  1.00 60.85  ? 151 TYR A CE2 1 
ATOM   438  C  CZ  . TYR A 1 153 ? -8.172  4.635   -0.988  1.00 55.84  ? 151 TYR A CZ  1 
ATOM   439  O  OH  . TYR A 1 153 ? -8.531  5.311   0.154   1.00 57.79  ? 151 TYR A OH  1 
ATOM   440  N  N   . LEU A 1 154 ? -7.281  -0.431  -6.117  1.00 40.38  ? 152 LEU A N   1 
ATOM   441  C  CA  . LEU A 1 154 ? -7.039  -1.073  -7.396  1.00 43.43  ? 152 LEU A CA  1 
ATOM   442  C  C   . LEU A 1 154 ? -8.118  -0.684  -8.403  1.00 49.14  ? 152 LEU A C   1 
ATOM   443  O  O   . LEU A 1 154 ? -9.280  -0.495  -8.042  1.00 44.03  ? 152 LEU A O   1 
ATOM   444  C  CB  . LEU A 1 154 ? -6.973  -2.601  -7.290  1.00 50.28  ? 152 LEU A CB  1 
ATOM   445  C  CG  . LEU A 1 154 ? -6.308  -3.389  -6.162  1.00 54.62  ? 152 LEU A CG  1 
ATOM   446  C  CD1 . LEU A 1 154 ? -5.447  -4.486  -6.792  1.00 46.09  ? 152 LEU A CD1 1 
ATOM   447  C  CD2 . LEU A 1 154 ? -5.491  -2.506  -5.283  1.00 47.67  ? 152 LEU A CD2 1 
ATOM   448  N  N   . PRO A 1 155 ? -7.725  -0.549  -9.675  1.00 59.06  ? 153 PRO A N   1 
ATOM   449  C  CA  . PRO A 1 155 ? -8.711  -0.323  -10.727 1.00 58.43  ? 153 PRO A CA  1 
ATOM   450  C  C   . PRO A 1 155 ? -9.542  -1.589  -10.948 1.00 58.91  ? 153 PRO A C   1 
ATOM   451  O  O   . PRO A 1 155 ? -9.118  -2.678  -10.575 1.00 58.39  ? 153 PRO A O   1 
ATOM   452  C  CB  . PRO A 1 155 ? -7.852  -0.002  -11.953 1.00 48.11  ? 153 PRO A CB  1 
ATOM   453  C  CG  . PRO A 1 155 ? -6.532  -0.621  -11.694 1.00 54.69  ? 153 PRO A CG  1 
ATOM   454  C  CD  . PRO A 1 155 ? -6.352  -0.689  -10.199 1.00 56.11  ? 153 PRO A CD  1 
ATOM   455  N  N   . PRO A 1 156 ? -10.726 -1.438  -11.553 1.00 67.73  ? 154 PRO A N   1 
ATOM   456  C  CA  . PRO A 1 156 ? -11.651 -2.558  -11.756 1.00 72.07  ? 154 PRO A CA  1 
ATOM   457  C  C   . PRO A 1 156 ? -11.090 -3.702  -12.602 1.00 74.01  ? 154 PRO A C   1 
ATOM   458  O  O   . PRO A 1 156 ? -10.328 -3.469  -13.542 1.00 71.13  ? 154 PRO A O   1 
ATOM   459  C  CB  . PRO A 1 156 ? -12.826 -1.915  -12.507 1.00 69.49  ? 154 PRO A CB  1 
ATOM   460  C  CG  . PRO A 1 156 ? -12.694 -0.425  -12.302 1.00 50.78  ? 154 PRO A CG  1 
ATOM   461  C  CD  . PRO A 1 156 ? -11.241 -0.166  -12.101 1.00 62.86  ? 154 PRO A CD  1 
ATOM   462  N  N   . GLY A 1 157 ? -11.490 -4.928  -12.273 1.00 76.48  ? 155 GLY A N   1 
ATOM   463  C  CA  . GLY A 1 157 ? -11.247 -6.078  -13.128 1.00 87.97  ? 155 GLY A CA  1 
ATOM   464  C  C   . GLY A 1 157 ? -9.791  -6.422  -13.334 1.00 92.56  ? 155 GLY A C   1 
ATOM   465  O  O   . GLY A 1 157 ? -9.324  -6.588  -14.459 1.00 95.28  ? 155 GLY A O   1 
ATOM   466  N  N   . LEU A 1 158 ? -9.070  -6.525  -12.228 1.00 102.10 ? 156 LEU A N   1 
ATOM   467  C  CA  . LEU A 1 158 ? -7.665  -6.870  -12.257 1.00 99.66  ? 156 LEU A CA  1 
ATOM   468  C  C   . LEU A 1 158 ? -7.501  -8.194  -11.535 1.00 116.79 ? 156 LEU A C   1 
ATOM   469  O  O   . LEU A 1 158 ? -6.940  -9.150  -12.069 1.00 123.41 ? 156 LEU A O   1 
ATOM   470  C  CB  . LEU A 1 158 ? -6.842  -5.791  -11.544 1.00 98.19  ? 156 LEU A CB  1 
ATOM   471  C  CG  . LEU A 1 158 ? -6.310  -4.593  -12.338 1.00 86.26  ? 156 LEU A CG  1 
ATOM   472  C  CD1 . LEU A 1 158 ? -5.275  -3.841  -11.512 1.00 61.03  ? 156 LEU A CD1 1 
ATOM   473  C  CD2 . LEU A 1 158 ? -5.712  -5.050  -13.647 1.00 71.80  ? 156 LEU A CD2 1 
ATOM   474  N  N   . VAL A 1 159 ? -8.025  -8.240  -10.315 1.00 118.46 ? 157 VAL A N   1 
ATOM   475  C  CA  . VAL A 1 159 ? -7.821  -9.371  -9.422  1.00 116.90 ? 157 VAL A CA  1 
ATOM   476  C  C   . VAL A 1 159 ? -9.083  -9.680  -8.622  1.00 119.69 ? 157 VAL A C   1 
ATOM   477  O  O   . VAL A 1 159 ? -9.973  -8.833  -8.488  1.00 112.03 ? 157 VAL A O   1 
ATOM   478  C  CB  . VAL A 1 159 ? -6.668  -9.081  -8.433  1.00 111.14 ? 157 VAL A CB  1 
ATOM   479  C  CG1 . VAL A 1 159 ? -6.367  -10.294 -7.568  1.00 102.35 ? 157 VAL A CG1 1 
ATOM   480  C  CG2 . VAL A 1 159 ? -5.423  -8.635  -9.178  1.00 109.77 ? 157 VAL A CG2 1 
ATOM   481  N  N   . ASP A 1 160 ? -9.153  -10.905 -8.105  1.00 123.49 ? 158 ASP A N   1 
ATOM   482  C  CA  . ASP A 1 160 ? -10.168 -11.292 -7.138  1.00 126.35 ? 158 ASP A CA  1 
ATOM   483  C  C   . ASP A 1 160 ? -9.578  -11.013 -5.767  1.00 113.69 ? 158 ASP A C   1 
ATOM   484  O  O   . ASP A 1 160 ? -8.550  -11.582 -5.390  1.00 97.41  ? 158 ASP A O   1 
ATOM   485  C  CB  . ASP A 1 160 ? -10.518 -12.775 -7.271  1.00 152.20 ? 158 ASP A CB  1 
ATOM   486  C  CG  . ASP A 1 160 ? -10.793 -13.185 -8.708  1.00 171.58 ? 158 ASP A CG  1 
ATOM   487  O  OD1 . ASP A 1 160 ? -9.829  -13.277 -9.501  1.00 173.40 ? 158 ASP A OD1 1 
ATOM   488  O  OD2 . ASP A 1 160 ? -11.974 -13.427 -9.041  1.00 161.12 ? 158 ASP A OD2 1 
ATOM   489  N  N   . LEU A 1 161 ? -10.227 -10.132 -5.023  1.00 114.05 ? 159 LEU A N   1 
ATOM   490  C  CA  . LEU A 1 161 ? -9.602  -9.556  -3.844  1.00 109.45 ? 159 LEU A CA  1 
ATOM   491  C  C   . LEU A 1 161 ? -10.032 -10.224 -2.541  1.00 103.29 ? 159 LEU A C   1 
ATOM   492  O  O   . LEU A 1 161 ? -9.847  -9.659  -1.466  1.00 103.89 ? 159 LEU A O   1 
ATOM   493  C  CB  . LEU A 1 161 ? -9.869  -8.042  -3.793  1.00 102.42 ? 159 LEU A CB  1 
ATOM   494  C  CG  . LEU A 1 161 ? -9.438  -7.236  -5.032  1.00 101.87 ? 159 LEU A CG  1 
ATOM   495  C  CD1 . LEU A 1 161 ? -10.484 -7.271  -6.144  1.00 93.56  ? 159 LEU A CD1 1 
ATOM   496  C  CD2 . LEU A 1 161 ? -9.131  -5.798  -4.661  1.00 86.24  ? 159 LEU A CD2 1 
ATOM   497  N  N   A ASP A 1 162 ? -10.571 -11.438 -2.643  0.50 106.15 ? 160 ASP A N   1 
ATOM   498  N  N   B ASP A 1 162 ? -10.613 -11.415 -2.647  0.50 106.17 ? 160 ASP A N   1 
ATOM   499  C  CA  A ASP A 1 162 ? -11.047 -12.194 -1.482  0.50 104.55 ? 160 ASP A CA  1 
ATOM   500  C  CA  B ASP A 1 162 ? -11.248 -12.048 -1.494  0.50 104.29 ? 160 ASP A CA  1 
ATOM   501  C  C   A ASP A 1 162 ? -10.299 -11.877 -0.188  0.50 102.69 ? 160 ASP A C   1 
ATOM   502  C  C   B ASP A 1 162 ? -10.415 -11.967 -0.210  0.50 102.65 ? 160 ASP A C   1 
ATOM   503  O  O   A ASP A 1 162 ? -9.087  -12.095 -0.088  0.50 92.05  ? 160 ASP A O   1 
ATOM   504  O  O   B ASP A 1 162 ? -9.265  -12.412 -0.151  0.50 95.98  ? 160 ASP A O   1 
ATOM   505  C  CB  A ASP A 1 162 ? -10.980 -13.701 -1.763  0.50 102.88 ? 160 ASP A CB  1 
ATOM   506  C  CB  B ASP A 1 162 ? -11.693 -13.486 -1.806  0.50 105.57 ? 160 ASP A CB  1 
ATOM   507  C  CG  A ASP A 1 162 ? -11.160 -14.549 -0.509  0.50 98.24  ? 160 ASP A CG  1 
ATOM   508  C  CG  B ASP A 1 162 ? -13.084 -13.546 -2.443  0.50 94.81  ? 160 ASP A CG  1 
ATOM   509  O  OD1 A ASP A 1 162 ? -10.306 -15.424 -0.263  0.50 96.29  ? 160 ASP A OD1 1 
ATOM   510  O  OD1 B ASP A 1 162 ? -13.364 -12.747 -3.362  0.50 89.26  ? 160 ASP A OD1 1 
ATOM   511  O  OD2 A ASP A 1 162 ? -12.150 -14.346 0.230   0.50 95.24  ? 160 ASP A OD2 1 
ATOM   512  O  OD2 B ASP A 1 162 ? -13.900 -14.394 -2.024  0.50 85.98  ? 160 ASP A OD2 1 
ATOM   513  N  N   . THR A 1 163 ? -11.021 -11.351 0.801   1.00 108.75 ? 161 THR A N   1 
ATOM   514  C  CA  . THR A 1 163 ? -10.452 -11.215 2.128   1.00 101.63 ? 161 THR A CA  1 
ATOM   515  C  C   . THR A 1 163 ? -10.116 -12.632 2.540   1.00 107.69 ? 161 THR A C   1 
ATOM   516  O  O   . THR A 1 163 ? -10.873 -13.559 2.251   1.00 116.17 ? 161 THR A O   1 
ATOM   517  C  CB  . THR A 1 163 ? -11.472 -10.608 3.136   1.00 89.94  ? 161 THR A CB  1 
ATOM   518  O  OG1 . THR A 1 163 ? -12.799 -11.029 2.794   1.00 111.82 ? 161 THR A OG1 1 
ATOM   519  C  CG2 . THR A 1 163 ? -11.433 -9.097  3.113   1.00 80.13  ? 161 THR A CG2 1 
ATOM   520  N  N   . GLY A 1 164 ? -8.981  -12.822 3.193   1.00 87.39  ? 162 GLY A N   1 
ATOM   521  C  CA  . GLY A 1 164 ? -8.566  -14.166 3.544   1.00 90.21  ? 162 GLY A CA  1 
ATOM   522  C  C   . GLY A 1 164 ? -7.319  -14.535 2.773   1.00 87.93  ? 162 GLY A C   1 
ATOM   523  O  O   . GLY A 1 164 ? -6.277  -14.789 3.373   1.00 92.05  ? 162 GLY A O   1 
ATOM   524  N  N   . GLN A 1 165 ? -7.419  -14.558 1.446   1.00 77.68  ? 163 GLN A N   1 
ATOM   525  C  CA  . GLN A 1 165 ? -6.229  -14.676 0.620   1.00 66.05  ? 163 GLN A CA  1 
ATOM   526  C  C   . GLN A 1 165 ? -5.236  -13.617 1.058   1.00 84.58  ? 163 GLN A C   1 
ATOM   527  O  O   . GLN A 1 165 ? -4.029  -13.838 1.068   1.00 84.18  ? 163 GLN A O   1 
ATOM   528  C  CB  . GLN A 1 165 ? -6.571  -14.470 -0.840  1.00 81.17  ? 163 GLN A CB  1 
ATOM   529  C  CG  . GLN A 1 165 ? -7.535  -15.479 -1.363  1.00 102.92 ? 163 GLN A CG  1 
ATOM   530  C  CD  . GLN A 1 165 ? -6.945  -16.251 -2.504  1.00 109.65 ? 163 GLN A CD  1 
ATOM   531  O  OE1 . GLN A 1 165 ? -7.331  -16.065 -3.654  1.00 107.19 ? 163 GLN A OE1 1 
ATOM   532  N  NE2 . GLN A 1 165 ? -5.973  -17.108 -2.197  1.00 105.68 ? 163 GLN A NE2 1 
ATOM   533  N  N   . LEU A 1 166 ? -5.779  -12.468 1.442   1.00 83.28  ? 164 LEU A N   1 
ATOM   534  C  CA  . LEU A 1 166 ? -4.996  -11.307 1.823   1.00 82.73  ? 164 LEU A CA  1 
ATOM   535  C  C   . LEU A 1 166 ? -4.321  -11.455 3.181   1.00 80.17  ? 164 LEU A C   1 
ATOM   536  O  O   . LEU A 1 166 ? -3.352  -10.760 3.484   1.00 85.37  ? 164 LEU A O   1 
ATOM   537  C  CB  . LEU A 1 166 ? -5.896  -10.074 1.808   1.00 65.32  ? 164 LEU A CB  1 
ATOM   538  C  CG  . LEU A 1 166 ? -5.980  -9.432  0.423   1.00 90.88  ? 164 LEU A CG  1 
ATOM   539  C  CD1 . LEU A 1 166 ? -7.256  -8.615  0.267   1.00 85.78  ? 164 LEU A CD1 1 
ATOM   540  C  CD2 . LEU A 1 166 ? -4.741  -8.592  0.136   1.00 71.38  ? 164 LEU A CD2 1 
ATOM   541  N  N   . GLU A 1 167 ? -4.850  -12.343 4.008   1.00 88.53  ? 165 GLU A N   1 
ATOM   542  C  CA  . GLU A 1 167 ? -4.250  -12.583 5.310   1.00 97.05  ? 165 GLU A CA  1 
ATOM   543  C  C   . GLU A 1 167 ? -3.151  -13.635 5.180   1.00 85.29  ? 165 GLU A C   1 
ATOM   544  O  O   . GLU A 1 167 ? -2.275  -13.748 6.038   1.00 88.39  ? 165 GLU A O   1 
ATOM   545  C  CB  . GLU A 1 167 ? -5.318  -12.978 6.333   1.00 94.03  ? 165 GLU A CB  1 
ATOM   546  C  CG  . GLU A 1 167 ? -6.294  -11.837 6.649   1.00 84.56  ? 165 GLU A CG  1 
ATOM   547  C  CD  . GLU A 1 167 ? -7.440  -12.264 7.550   1.00 98.96  ? 165 GLU A CD  1 
ATOM   548  O  OE1 . GLU A 1 167 ? -7.777  -11.524 8.507   1.00 87.92  ? 165 GLU A OE1 1 
ATOM   549  O  OE2 . GLU A 1 167 ? -8.010  -13.345 7.294   1.00 105.73 ? 165 GLU A OE2 1 
ATOM   550  N  N   . ALA A 1 168 ? -3.194  -14.374 4.074   1.00 83.60  ? 166 ALA A N   1 
ATOM   551  C  CA  . ALA A 1 168 ? -2.189  -15.385 3.760   1.00 83.37  ? 166 ALA A CA  1 
ATOM   552  C  C   . ALA A 1 168 ? -0.941  -14.790 3.112   1.00 89.65  ? 166 ALA A C   1 
ATOM   553  O  O   . ALA A 1 168 ? 0.163   -14.960 3.623   1.00 87.88  ? 166 ALA A O   1 
ATOM   554  C  CB  . ALA A 1 168 ? -2.782  -16.467 2.865   1.00 82.28  ? 166 ALA A CB  1 
ATOM   555  N  N   . THR A 1 169 ? -1.119  -14.088 1.996   1.00 91.09  ? 167 THR A N   1 
ATOM   556  C  CA  . THR A 1 169 ? 0.016   -13.597 1.212   1.00 83.21  ? 167 THR A CA  1 
ATOM   557  C  C   . THR A 1 169 ? -0.021  -12.093 0.910   1.00 88.20  ? 167 THR A C   1 
ATOM   558  O  O   . THR A 1 169 ? -1.057  -11.437 1.037   1.00 86.38  ? 167 THR A O   1 
ATOM   559  C  CB  . THR A 1 169 ? 0.162   -14.386 -0.117  1.00 89.84  ? 167 THR A CB  1 
ATOM   560  O  OG1 . THR A 1 169 ? -0.857  -13.992 -1.046  1.00 83.46  ? 167 THR A OG1 1 
ATOM   561  C  CG2 . THR A 1 169 ? 0.041   -15.882 0.138   1.00 105.88 ? 167 THR A CG2 1 
ATOM   562  N  N   . GLY A 1 170 ? 1.128   -11.558 0.508   1.00 86.72  ? 168 GLY A N   1 
ATOM   563  C  CA  . GLY A 1 170 ? 1.234   -10.162 0.113   1.00 68.69  ? 168 GLY A CA  1 
ATOM   564  C  C   . GLY A 1 170 ? 0.424   -9.785  -1.119  1.00 73.92  ? 168 GLY A C   1 
ATOM   565  O  O   . GLY A 1 170 ? 0.085   -10.615 -1.966  1.00 66.95  ? 168 GLY A O   1 
ATOM   566  N  N   . LEU A 1 171 ? 0.122   -8.501  -1.225  1.00 55.81  ? 169 LEU A N   1 
ATOM   567  C  CA  . LEU A 1 171 ? -0.724  -8.006  -2.305  1.00 53.29  ? 169 LEU A CA  1 
ATOM   568  C  C   . LEU A 1 171 ? -0.053  -8.146  -3.668  1.00 69.28  ? 169 LEU A C   1 
ATOM   569  O  O   . LEU A 1 171 ? -0.723  -8.436  -4.659  1.00 54.13  ? 169 LEU A O   1 
ATOM   570  C  CB  . LEU A 1 171 ? -1.121  -6.548  -2.035  1.00 58.56  ? 169 LEU A CB  1 
ATOM   571  C  CG  . LEU A 1 171 ? -1.919  -5.812  -3.112  1.00 59.18  ? 169 LEU A CG  1 
ATOM   572  C  CD1 . LEU A 1 171 ? -3.226  -6.542  -3.392  1.00 55.78  ? 169 LEU A CD1 1 
ATOM   573  C  CD2 . LEU A 1 171 ? -2.175  -4.357  -2.718  1.00 54.28  ? 169 LEU A CD2 1 
ATOM   574  N  N   . TYR A 1 172 ? 1.265   -7.953  -3.717  1.00 63.06  ? 170 TYR A N   1 
ATOM   575  C  CA  . TYR A 1 172 ? 2.010   -8.104  -4.971  1.00 60.20  ? 170 TYR A CA  1 
ATOM   576  C  C   . TYR A 1 172 ? 1.986   -9.536  -5.493  1.00 67.23  ? 170 TYR A C   1 
ATOM   577  O  O   . TYR A 1 172 ? 1.829   -9.758  -6.695  1.00 64.17  ? 170 TYR A O   1 
ATOM   578  C  CB  . TYR A 1 172 ? 3.458   -7.651  -4.804  1.00 49.78  ? 170 TYR A CB  1 
ATOM   579  C  CG  . TYR A 1 172 ? 3.660   -6.178  -5.001  1.00 75.52  ? 170 TYR A CG  1 
ATOM   580  C  CD1 . TYR A 1 172 ? 2.598   -5.277  -4.860  1.00 70.61  ? 170 TYR A CD1 1 
ATOM   581  C  CD2 . TYR A 1 172 ? 4.916   -5.676  -5.313  1.00 58.85  ? 170 TYR A CD2 1 
ATOM   582  C  CE1 . TYR A 1 172 ? 2.785   -3.920  -5.047  1.00 55.98  ? 170 TYR A CE1 1 
ATOM   583  C  CE2 . TYR A 1 172 ? 5.114   -4.330  -5.498  1.00 68.23  ? 170 TYR A CE2 1 
ATOM   584  C  CZ  . TYR A 1 172 ? 4.053   -3.455  -5.362  1.00 80.89  ? 170 TYR A CZ  1 
ATOM   585  O  OH  . TYR A 1 172 ? 4.291   -2.113  -5.547  1.00 77.55  ? 170 TYR A OH  1 
ATOM   586  N  N   A ARG A 1 173 ? 2.162   -10.500 -4.588  0.50 68.23  ? 171 ARG A N   1 
ATOM   587  N  N   B ARG A 1 173 ? 2.128   -10.492 -4.582  0.50 68.58  ? 171 ARG A N   1 
ATOM   588  C  CA  A ARG A 1 173 ? 2.161   -11.917 -4.948  0.50 70.39  ? 171 ARG A CA  1 
ATOM   589  C  CA  B ARG A 1 173 ? 2.181   -11.897 -4.949  0.50 70.57  ? 171 ARG A CA  1 
ATOM   590  C  C   A ARG A 1 173 ? 0.816   -12.288 -5.543  0.50 73.01  ? 171 ARG A C   1 
ATOM   591  C  C   B ARG A 1 173 ? 0.823   -12.396 -5.442  0.50 73.04  ? 171 ARG A C   1 
ATOM   592  O  O   A ARG A 1 173 ? 0.747   -12.953 -6.576  0.50 71.05  ? 171 ARG A O   1 
ATOM   593  O  O   B ARG A 1 173 ? 0.758   -13.259 -6.314  0.50 75.31  ? 171 ARG A O   1 
ATOM   594  C  CB  A ARG A 1 173 ? 2.477   -12.802 -3.732  0.50 79.27  ? 171 ARG A CB  1 
ATOM   595  C  CB  B ARG A 1 173 ? 2.713   -12.733 -3.779  0.50 77.29  ? 171 ARG A CB  1 
ATOM   596  C  CG  A ARG A 1 173 ? 2.338   -14.314 -3.983  0.50 81.70  ? 171 ARG A CG  1 
ATOM   597  C  CG  B ARG A 1 173 ? 4.110   -12.305 -3.314  0.50 77.46  ? 171 ARG A CG  1 
ATOM   598  C  CD  A ARG A 1 173 ? 2.694   -15.131 -2.733  0.50 90.04  ? 171 ARG A CD  1 
ATOM   599  C  CD  B ARG A 1 173 ? 4.891   -13.458 -2.694  0.50 81.53  ? 171 ARG A CD  1 
ATOM   600  N  NE  A ARG A 1 173 ? 2.072   -16.460 -2.704  0.50 94.00  ? 171 ARG A NE  1 
ATOM   601  N  NE  B ARG A 1 173 ? 4.877   -14.643 -3.549  0.50 85.85  ? 171 ARG A NE  1 
ATOM   602  C  CZ  A ARG A 1 173 ? 2.734   -17.615 -2.610  0.50 90.64  ? 171 ARG A CZ  1 
ATOM   603  C  CZ  B ARG A 1 173 ? 3.953   -15.597 -3.484  0.50 90.83  ? 171 ARG A CZ  1 
ATOM   604  N  NH1 A ARG A 1 173 ? 2.063   -18.760 -2.584  0.50 79.96  ? 171 ARG A NH1 1 
ATOM   605  N  NH1 B ARG A 1 173 ? 4.011   -16.642 -4.299  0.50 88.29  ? 171 ARG A NH1 1 
ATOM   606  N  NH2 A ARG A 1 173 ? 4.060   -17.637 -2.532  0.50 86.97  ? 171 ARG A NH2 1 
ATOM   607  N  NH2 B ARG A 1 173 ? 2.966   -15.504 -2.600  0.50 93.43  ? 171 ARG A NH2 1 
ATOM   608  N  N   . LEU A 1 174 ? -0.255  -11.837 -4.894  1.00 74.34  ? 172 LEU A N   1 
ATOM   609  C  CA  . LEU A 1 174 ? -1.606  -12.099 -5.391  1.00 70.36  ? 172 LEU A CA  1 
ATOM   610  C  C   . LEU A 1 174 ? -1.795  -11.546 -6.796  1.00 62.90  ? 172 LEU A C   1 
ATOM   611  O  O   . LEU A 1 174 ? -2.344  -12.218 -7.668  1.00 64.22  ? 172 LEU A O   1 
ATOM   612  C  CB  . LEU A 1 174 ? -2.660  -11.499 -4.461  1.00 78.30  ? 172 LEU A CB  1 
ATOM   613  C  CG  . LEU A 1 174 ? -3.207  -12.454 -3.402  1.00 93.63  ? 172 LEU A CG  1 
ATOM   614  C  CD1 . LEU A 1 174 ? -4.167  -11.739 -2.464  1.00 89.11  ? 172 LEU A CD1 1 
ATOM   615  C  CD2 . LEU A 1 174 ? -3.894  -13.613 -4.092  1.00 82.35  ? 172 LEU A CD2 1 
HETATM 616  N  N   . MSE A 1 175 ? -1.336  -10.318 -7.016  1.00 56.42  ? 173 MSE A N   1 
HETATM 617  C  CA  . MSE A 1 175 ? -1.527  -9.667  -8.312  1.00 77.08  ? 173 MSE A CA  1 
HETATM 618  C  C   . MSE A 1 175 ? -0.769  -10.385 -9.416  1.00 65.69  ? 173 MSE A C   1 
HETATM 619  O  O   . MSE A 1 175 ? -1.279  -10.578 -10.519 1.00 55.02  ? 173 MSE A O   1 
HETATM 620  C  CB  . MSE A 1 175 ? -1.117  -8.196  -8.259  1.00 63.40  ? 173 MSE A CB  1 
HETATM 621  C  CG  . MSE A 1 175 ? -1.937  -7.364  -7.273  1.00 65.93  ? 173 MSE A CG  1 
HETATM 622  SE SE  . MSE A 1 175 ? -1.560  -5.451  -7.358  0.75 82.47  ? 173 MSE A SE  1 
HETATM 623  C  CE  . MSE A 1 175 ? 0.386   -5.513  -7.355  1.00 87.18  ? 173 MSE A CE  1 
ATOM   624  N  N   . ARG A 1 176 ? 0.464   -10.772 -9.120  1.00 64.72  ? 174 ARG A N   1 
ATOM   625  C  CA  . ARG A 1 176 ? 1.253   -11.530 -10.076 1.00 75.01  ? 174 ARG A CA  1 
ATOM   626  C  C   . ARG A 1 176 ? 0.547   -12.848 -10.341 1.00 65.55  ? 174 ARG A C   1 
ATOM   627  O  O   . ARG A 1 176 ? 0.472   -13.308 -11.480 1.00 69.28  ? 174 ARG A O   1 
ATOM   628  C  CB  . ARG A 1 176 ? 2.677   -11.751 -9.555  1.00 62.67  ? 174 ARG A CB  1 
ATOM   629  C  CG  . ARG A 1 176 ? 3.637   -10.625 -9.953  1.00 77.22  ? 174 ARG A CG  1 
ATOM   630  C  CD  . ARG A 1 176 ? 5.083   -10.907 -9.541  1.00 80.68  ? 174 ARG A CD  1 
ATOM   631  N  NE  . ARG A 1 176 ? 5.297   -10.795 -8.097  1.00 87.97  ? 174 ARG A NE  1 
ATOM   632  C  CZ  . ARG A 1 176 ? 6.027   -9.844  -7.516  1.00 85.40  ? 174 ARG A CZ  1 
ATOM   633  N  NH1 . ARG A 1 176 ? 6.625   -8.917  -8.258  1.00 61.37  ? 174 ARG A NH1 1 
ATOM   634  N  NH2 . ARG A 1 176 ? 6.164   -9.826  -6.192  1.00 82.19  ? 174 ARG A NH2 1 
ATOM   635  N  N   . ALA A 1 177 ? 0.002   -13.428 -9.274  1.00 74.82  ? 175 ALA A N   1 
ATOM   636  C  CA  . ALA A 1 177 ? -0.742  -14.678 -9.356  1.00 65.65  ? 175 ALA A CA  1 
ATOM   637  C  C   . ALA A 1 177 ? -1.906  -14.588 -10.341 1.00 61.47  ? 175 ALA A C   1 
ATOM   638  O  O   . ALA A 1 177 ? -2.244  -15.562 -11.008 1.00 81.66  ? 175 ALA A O   1 
ATOM   639  C  CB  . ALA A 1 177 ? -1.233  -15.094 -7.979  1.00 64.74  ? 175 ALA A CB  1 
ATOM   640  N  N   . ALA A 1 178 ? -2.521  -13.417 -10.435 1.00 69.87  ? 176 ALA A N   1 
ATOM   641  C  CA  . ALA A 1 178 ? -3.599  -13.213 -11.391 1.00 66.45  ? 176 ALA A CA  1 
ATOM   642  C  C   . ALA A 1 178 ? -3.039  -12.799 -12.748 1.00 77.75  ? 176 ALA A C   1 
ATOM   643  O  O   . ALA A 1 178 ? -3.783  -12.420 -13.650 1.00 67.22  ? 176 ALA A O   1 
ATOM   644  C  CB  . ALA A 1 178 ? -4.593  -12.181 -10.869 1.00 62.91  ? 176 ALA A CB  1 
ATOM   645  N  N   . GLY A 1 179 ? -1.720  -12.858 -12.890 1.00 74.22  ? 177 GLY A N   1 
ATOM   646  C  CA  . GLY A 1 179 ? -1.096  -12.584 -14.171 1.00 72.37  ? 177 GLY A CA  1 
ATOM   647  C  C   . GLY A 1 179 ? -0.900  -11.116 -14.507 1.00 73.27  ? 177 GLY A C   1 
ATOM   648  O  O   . GLY A 1 179 ? -0.735  -10.762 -15.674 1.00 66.56  ? 177 GLY A O   1 
ATOM   649  N  N   . ILE A 1 180 ? -0.930  -10.258 -13.493 1.00 67.94  ? 178 ILE A N   1 
ATOM   650  C  CA  . ILE A 1 180 ? -0.515  -8.877  -13.669 1.00 66.13  ? 178 ILE A CA  1 
ATOM   651  C  C   . ILE A 1 180 ? 1.010   -8.839  -13.675 1.00 71.20  ? 178 ILE A C   1 
ATOM   652  O  O   . ILE A 1 180 ? 1.668   -9.526  -12.891 1.00 64.77  ? 178 ILE A O   1 
ATOM   653  C  CB  . ILE A 1 180 ? -0.997  -7.967  -12.526 1.00 75.92  ? 178 ILE A CB  1 
ATOM   654  C  CG1 . ILE A 1 180 ? -2.415  -8.330  -12.077 1.00 66.87  ? 178 ILE A CG1 1 
ATOM   655  C  CG2 . ILE A 1 180 ? -0.902  -6.511  -12.942 1.00 69.27  ? 178 ILE A CG2 1 
ATOM   656  C  CD1 . ILE A 1 180 ? -3.455  -8.004  -13.071 1.00 68.43  ? 178 ILE A CD1 1 
ATOM   657  N  N   . THR A 1 181 ? 1.565   -8.042  -14.574 1.00 61.71  ? 179 THR A N   1 
ATOM   658  C  CA  . THR A 1 181 ? 2.994   -7.796  -14.603 1.00 50.32  ? 179 THR A CA  1 
ATOM   659  C  C   . THR A 1 181 ? 3.256   -6.503  -13.848 1.00 69.44  ? 179 THR A C   1 
ATOM   660  O  O   . THR A 1 181 ? 2.621   -5.490  -14.099 1.00 70.71  ? 179 THR A O   1 
ATOM   661  C  CB  . THR A 1 181 ? 3.504   -7.686  -16.036 1.00 69.90  ? 179 THR A CB  1 
ATOM   662  O  OG1 . THR A 1 181 ? 2.647   -6.802  -16.787 1.00 78.70  ? 179 THR A OG1 1 
ATOM   663  C  CG2 . THR A 1 181 ? 3.514   -9.075  -16.677 1.00 60.18  ? 179 THR A CG2 1 
ATOM   664  N  N   . LEU A 1 182 ? 4.167   -6.555  -12.891 1.00 60.41  ? 180 LEU A N   1 
ATOM   665  C  CA  . LEU A 1 182 ? 4.545   -5.376  -12.133 1.00 65.06  ? 180 LEU A CA  1 
ATOM   666  C  C   . LEU A 1 182 ? 5.908   -4.936  -12.653 1.00 51.71  ? 180 LEU A C   1 
ATOM   667  O  O   . LEU A 1 182 ? 6.883   -5.665  -12.541 1.00 70.64  ? 180 LEU A O   1 
ATOM   668  C  CB  . LEU A 1 182 ? 4.580   -5.712  -10.639 1.00 53.85  ? 180 LEU A CB  1 
ATOM   669  C  CG  . LEU A 1 182 ? 3.255   -6.348  -10.196 1.00 52.92  ? 180 LEU A CG  1 
ATOM   670  C  CD1 . LEU A 1 182 ? 3.281   -6.830  -8.774  1.00 59.13  ? 180 LEU A CD1 1 
ATOM   671  C  CD2 . LEU A 1 182 ? 2.123   -5.363  -10.386 1.00 52.44  ? 180 LEU A CD2 1 
ATOM   672  N  N   . HIS A 1 183 ? 5.967   -3.763  -13.260 1.00 50.78  ? 181 HIS A N   1 
ATOM   673  C  CA  . HIS A 1 183 ? 7.182   -3.339  -13.929 1.00 45.24  ? 181 HIS A CA  1 
ATOM   674  C  C   . HIS A 1 183 ? 7.908   -2.194  -13.201 1.00 48.09  ? 181 HIS A C   1 
ATOM   675  O  O   . HIS A 1 183 ? 9.132   -2.186  -13.112 1.00 47.88  ? 181 HIS A O   1 
ATOM   676  C  CB  . HIS A 1 183 ? 6.875   -2.966  -15.375 1.00 44.74  ? 181 HIS A CB  1 
ATOM   677  C  CG  . HIS A 1 183 ? 8.094   -2.735  -16.204 1.00 70.56  ? 181 HIS A CG  1 
ATOM   678  N  ND1 . HIS A 1 183 ? 8.518   -1.463  -16.568 1.00 60.53  ? 181 HIS A ND1 1 
ATOM   679  C  CD2 . HIS A 1 183 ? 8.987   -3.589  -16.742 1.00 59.38  ? 181 HIS A CD2 1 
ATOM   680  C  CE1 . HIS A 1 183 ? 9.607   -1.560  -17.288 1.00 60.19  ? 181 HIS A CE1 1 
ATOM   681  N  NE2 . HIS A 1 183 ? 9.927   -2.843  -17.412 1.00 69.72  ? 181 HIS A NE2 1 
ATOM   682  N  N   . SER A 1 184 ? 7.153   -1.227  -12.685 1.00 42.58  ? 182 SER A N   1 
ATOM   683  C  CA  . SER A 1 184 ? 7.746   -0.155  -11.906 1.00 40.84  ? 182 SER A CA  1 
ATOM   684  C  C   . SER A 1 184 ? 6.792   0.356   -10.842 1.00 53.26  ? 182 SER A C   1 
ATOM   685  O  O   . SER A 1 184 ? 5.638   -0.071  -10.744 1.00 45.79  ? 182 SER A O   1 
ATOM   686  C  CB  . SER A 1 184 ? 8.191   1.007   -12.813 1.00 48.38  ? 182 SER A CB  1 
ATOM   687  O  OG  . SER A 1 184 ? 7.099   1.577   -13.510 1.00 46.34  ? 182 SER A OG  1 
ATOM   688  N  N   . ALA A 1 185 ? 7.295   1.289   -10.052 1.00 44.05  ? 183 ALA A N   1 
ATOM   689  C  CA  . ALA A 1 185 ? 6.518   1.909   -9.006  1.00 47.17  ? 183 ALA A CA  1 
ATOM   690  C  C   . ALA A 1 185 ? 7.106   3.263   -8.757  1.00 48.98  ? 183 ALA A C   1 
ATOM   691  O  O   . ALA A 1 185 ? 8.301   3.458   -8.907  1.00 45.63  ? 183 ALA A O   1 
ATOM   692  C  CB  . ALA A 1 185 ? 6.586   1.103   -7.741  1.00 36.33  ? 183 ALA A CB  1 
ATOM   693  N  N   A ARG A 1 186 ? 6.251   4.181   -8.342  0.50 46.04  ? 184 ARG A N   1 
ATOM   694  N  N   B ARG A 1 186 ? 6.268   4.228   -8.405  0.50 46.03  ? 184 ARG A N   1 
ATOM   695  C  CA  A ARG A 1 186 ? 6.655   5.516   -7.972  0.50 49.15  ? 184 ARG A CA  1 
ATOM   696  C  CA  B ARG A 1 186 ? 6.777   5.523   -7.976  0.50 49.19  ? 184 ARG A CA  1 
ATOM   697  C  C   A ARG A 1 186 ? 6.433   5.619   -6.460  0.50 49.56  ? 184 ARG A C   1 
ATOM   698  C  C   B ARG A 1 186 ? 6.422   5.739   -6.502  0.50 49.76  ? 184 ARG A C   1 
ATOM   699  O  O   A ARG A 1 186 ? 5.382   5.213   -5.970  0.50 45.52  ? 184 ARG A O   1 
ATOM   700  O  O   B ARG A 1 186 ? 5.283   5.535   -6.086  0.50 46.19  ? 184 ARG A O   1 
ATOM   701  C  CB  A ARG A 1 186 ? 5.797   6.510   -8.750  0.50 43.77  ? 184 ARG A CB  1 
ATOM   702  C  CB  B ARG A 1 186 ? 6.320   6.662   -8.905  0.50 42.25  ? 184 ARG A CB  1 
ATOM   703  C  CG  A ARG A 1 186 ? 6.044   7.948   -8.431  0.50 44.39  ? 184 ARG A CG  1 
ATOM   704  C  CG  B ARG A 1 186 ? 4.956   7.277   -8.617  0.50 58.02  ? 184 ARG A CG  1 
ATOM   705  C  CD  A ARG A 1 186 ? 7.413   8.376   -8.881  0.50 51.53  ? 184 ARG A CD  1 
ATOM   706  C  CD  B ARG A 1 186 ? 4.278   7.731   -9.917  0.50 64.28  ? 184 ARG A CD  1 
ATOM   707  N  NE  A ARG A 1 186 ? 7.539   9.804   -8.657  0.50 55.88  ? 184 ARG A NE  1 
ATOM   708  N  NE  B ARG A 1 186 ? 3.811   9.112   -9.847  0.50 54.01  ? 184 ARG A NE  1 
ATOM   709  C  CZ  A ARG A 1 186 ? 7.830   10.333  -7.484  0.50 52.08  ? 184 ARG A CZ  1 
ATOM   710  C  CZ  B ARG A 1 186 ? 2.634   9.492   -9.356  0.50 62.04  ? 184 ARG A CZ  1 
ATOM   711  N  NH1 A ARG A 1 186 ? 7.898   11.647  -7.352  0.50 42.35  ? 184 ARG A NH1 1 
ATOM   712  N  NH1 B ARG A 1 186 ? 2.323   10.780  -9.338  0.50 70.05  ? 184 ARG A NH1 1 
ATOM   713  N  NH2 A ARG A 1 186 ? 8.054   9.538   -6.445  0.50 52.64  ? 184 ARG A NH2 1 
ATOM   714  N  NH2 B ARG A 1 186 ? 1.769   8.599   -8.883  0.50 45.28  ? 184 ARG A NH2 1 
ATOM   715  N  N   . GLN A 1 187 ? 7.431   6.104   -5.717  1.00 48.65  ? 185 GLN A N   1 
ATOM   716  C  CA  . GLN A 1 187 ? 7.312   6.172   -4.252  1.00 47.63  ? 185 GLN A CA  1 
ATOM   717  C  C   . GLN A 1 187 ? 7.729   7.499   -3.632  1.00 48.75  ? 185 GLN A C   1 
ATOM   718  O  O   . GLN A 1 187 ? 8.709   8.113   -4.036  1.00 50.80  ? 185 GLN A O   1 
ATOM   719  C  CB  . GLN A 1 187 ? 8.135   5.073   -3.573  1.00 46.07  ? 185 GLN A CB  1 
ATOM   720  C  CG  . GLN A 1 187 ? 7.722   3.669   -3.874  1.00 64.08  ? 185 GLN A CG  1 
ATOM   721  C  CD  . GLN A 1 187 ? 8.165   2.725   -2.783  1.00 85.15  ? 185 GLN A CD  1 
ATOM   722  O  OE1 . GLN A 1 187 ? 8.596   3.165   -1.717  1.00 82.69  ? 185 GLN A OE1 1 
ATOM   723  N  NE2 . GLN A 1 187 ? 8.061   1.422   -3.034  1.00 85.52  ? 185 GLN A NE2 1 
ATOM   724  N  N   . SER A 1 188 ? 6.994   7.917   -2.614  1.00 39.24  ? 186 SER A N   1 
ATOM   725  C  CA  . SER A 1 188 ? 7.383   9.071   -1.821  1.00 59.85  ? 186 SER A CA  1 
ATOM   726  C  C   . SER A 1 188 ? 7.315   8.677   -0.361  1.00 57.57  ? 186 SER A C   1 
ATOM   727  O  O   . SER A 1 188 ? 6.334   8.087   0.108   1.00 50.73  ? 186 SER A O   1 
ATOM   728  C  CB  . SER A 1 188 ? 6.456   10.248  -2.083  1.00 43.73  ? 186 SER A CB  1 
ATOM   729  O  OG  . SER A 1 188 ? 5.130   9.790   -2.148  1.00 71.69  ? 186 SER A OG  1 
ATOM   730  N  N   . ILE A 1 189 ? 8.366   8.987   0.374   1.00 49.21  ? 187 ILE A N   1 
ATOM   731  C  CA  . ILE A 1 189 ? 8.349   8.636   1.778   1.00 54.83  ? 187 ILE A CA  1 
ATOM   732  C  C   . ILE A 1 189 ? 8.396   9.912   2.588   1.00 53.10  ? 187 ILE A C   1 
ATOM   733  O  O   . ILE A 1 189 ? 9.165   10.826  2.272   1.00 44.08  ? 187 ILE A O   1 
ATOM   734  C  CB  . ILE A 1 189 ? 9.462   7.616   2.128   1.00 47.91  ? 187 ILE A CB  1 
ATOM   735  C  CG1 . ILE A 1 189 ? 9.185   6.309   1.365   1.00 53.97  ? 187 ILE A CG1 1 
ATOM   736  C  CG2 . ILE A 1 189 ? 9.486   7.365   3.623   1.00 39.77  ? 187 ILE A CG2 1 
ATOM   737  C  CD1 . ILE A 1 189 ? 10.330  5.330   1.285   1.00 49.85  ? 187 ILE A CD1 1 
ATOM   738  N  N   . GLY A 1 190 ? 7.519   9.993   3.586   1.00 50.75  ? 188 GLY A N   1 
ATOM   739  C  CA  . GLY A 1 190 ? 7.399   11.179  4.420   1.00 45.58  ? 188 GLY A CA  1 
ATOM   740  C  C   . GLY A 1 190 ? 7.034   10.878  5.864   1.00 53.08  ? 188 GLY A C   1 
ATOM   741  O  O   . GLY A 1 190 ? 7.038   9.720   6.307   1.00 48.36  ? 188 GLY A O   1 
ATOM   742  N  N   . ALA A 1 191 ? 6.724   11.933  6.610   1.00 47.05  ? 189 ALA A N   1 
ATOM   743  C  CA  . ALA A 1 191 ? 6.369   11.791  8.025   1.00 64.90  ? 189 ALA A CA  1 
ATOM   744  C  C   . ALA A 1 191 ? 5.263   12.776  8.372   1.00 67.20  ? 189 ALA A C   1 
ATOM   745  O  O   . ALA A 1 191 ? 5.265   13.909  7.881   1.00 54.58  ? 189 ALA A O   1 
ATOM   746  C  CB  . ALA A 1 191 ? 7.589   12.025  8.925   1.00 41.37  ? 189 ALA A CB  1 
ATOM   747  N  N   . ARG A 1 192 ? 4.343   12.344  9.232   1.00 65.06  ? 190 ARG A N   1 
ATOM   748  C  CA  . ARG A 1 192 ? 3.178   13.146  9.627   1.00 76.64  ? 190 ARG A CA  1 
ATOM   749  C  C   . ARG A 1 192 ? 2.864   12.976  11.109  1.00 63.98  ? 190 ARG A C   1 
ATOM   750  O  O   . ARG A 1 192 ? 3.185   11.942  11.710  1.00 58.80  ? 190 ARG A O   1 
ATOM   751  C  CB  . ARG A 1 192 ? 1.930   12.715  8.839   1.00 56.55  ? 190 ARG A CB  1 
ATOM   752  C  CG  . ARG A 1 192 ? 1.602   13.550  7.631   1.00 65.07  ? 190 ARG A CG  1 
ATOM   753  C  CD  . ARG A 1 192 ? 0.107   13.485  7.345   1.00 80.28  ? 190 ARG A CD  1 
ATOM   754  N  NE  . ARG A 1 192 ? -0.317  12.192  6.804   1.00 59.97  ? 190 ARG A NE  1 
ATOM   755  C  CZ  . ARG A 1 192 ? -0.948  11.245  7.500   1.00 91.40  ? 190 ARG A CZ  1 
ATOM   756  N  NH1 . ARG A 1 192 ? -1.289  10.103  6.908   1.00 66.61  ? 190 ARG A NH1 1 
ATOM   757  N  NH2 . ARG A 1 192 ? -1.240  11.435  8.784   1.00 74.79  ? 190 ARG A NH2 1 
ATOM   758  N  N   . ALA A 1 193 ? 2.210   13.979  11.689  1.00 81.15  ? 191 ALA A N   1 
ATOM   759  C  CA  . ALA A 1 193 ? 1.520   13.773  12.956  1.00 87.03  ? 191 ALA A CA  1 
ATOM   760  C  C   . ALA A 1 193 ? 0.227   13.017  12.664  1.00 72.68  ? 191 ALA A C   1 
ATOM   761  O  O   . ALA A 1 193 ? -0.529  13.389  11.770  1.00 69.73  ? 191 ALA A O   1 
ATOM   762  C  CB  . ALA A 1 193 ? 1.223   15.087  13.640  1.00 72.67  ? 191 ALA A CB  1 
ATOM   763  N  N   . ALA A 1 194 ? -0.006  11.945  13.414  1.00 84.65  ? 192 ALA A N   1 
ATOM   764  C  CA  . ALA A 1 194 ? -1.171  11.093  13.216  1.00 87.39  ? 192 ALA A CA  1 
ATOM   765  C  C   . ALA A 1 194 ? -2.430  11.755  13.735  1.00 91.81  ? 192 ALA A C   1 
ATOM   766  O  O   . ALA A 1 194 ? -2.438  12.305  14.834  1.00 98.60  ? 192 ALA A O   1 
ATOM   767  C  CB  . ALA A 1 194 ? -0.970  9.766   13.917  1.00 81.19  ? 192 ALA A CB  1 
ATOM   768  N  N   . THR A 1 195 ? -3.501  11.691  12.954  1.00 96.14  ? 193 THR A N   1 
ATOM   769  C  CA  . THR A 1 195 ? -4.792  12.140  13.452  1.00 107.60 ? 193 THR A CA  1 
ATOM   770  C  C   . THR A 1 195 ? -5.460  11.007  14.232  1.00 104.56 ? 193 THR A C   1 
ATOM   771  O  O   . THR A 1 195 ? -5.032  9.856   14.148  1.00 98.95  ? 193 THR A O   1 
ATOM   772  C  CB  . THR A 1 195 ? -5.698  12.682  12.325  1.00 105.17 ? 193 THR A CB  1 
ATOM   773  O  OG1 . THR A 1 195 ? -7.076  12.505  12.682  1.00 119.29 ? 193 THR A OG1 1 
ATOM   774  C  CG2 . THR A 1 195 ? -5.403  11.973  11.007  1.00 88.35  ? 193 THR A CG2 1 
ATOM   775  N  N   . SER A 1 196 ? -6.492  11.348  15.001  1.00 108.56 ? 194 SER A N   1 
ATOM   776  C  CA  . SER A 1 196 ? -7.145  10.405  15.908  1.00 101.43 ? 194 SER A CA  1 
ATOM   777  C  C   . SER A 1 196 ? -7.387  9.039   15.286  1.00 96.28  ? 194 SER A C   1 
ATOM   778  O  O   . SER A 1 196 ? -7.194  8.010   15.939  1.00 83.57  ? 194 SER A O   1 
ATOM   779  C  CB  . SER A 1 196 ? -8.472  10.978  16.424  1.00 95.62  ? 194 SER A CB  1 
ATOM   780  O  OG  . SER A 1 196 ? -8.256  11.906  17.471  1.00 99.88  ? 194 SER A OG  1 
ATOM   781  N  N   . GLY A 1 197 ? -7.817  9.034   14.027  1.00 93.89  ? 195 GLY A N   1 
ATOM   782  C  CA  . GLY A 1 197 ? -8.160  7.801   13.342  1.00 91.73  ? 195 GLY A CA  1 
ATOM   783  C  C   . GLY A 1 197 ? -7.011  6.817   13.289  1.00 93.50  ? 195 GLY A C   1 
ATOM   784  O  O   . GLY A 1 197 ? -7.092  5.733   13.865  1.00 89.31  ? 195 GLY A O   1 
ATOM   785  N  N   . GLU A 1 198 ? -5.934  7.198   12.606  1.00 95.26  ? 196 GLU A N   1 
ATOM   786  C  CA  . GLU A 1 198 ? -4.790  6.306   12.439  1.00 98.35  ? 196 GLU A CA  1 
ATOM   787  C  C   . GLU A 1 198 ? -4.037  6.105   13.746  1.00 96.17  ? 196 GLU A C   1 
ATOM   788  O  O   . GLU A 1 198 ? -3.467  5.039   13.976  1.00 88.18  ? 196 GLU A O   1 
ATOM   789  C  CB  . GLU A 1 198 ? -3.855  6.798   11.332  1.00 95.67  ? 196 GLU A CB  1 
ATOM   790  C  CG  . GLU A 1 198 ? -3.577  8.284   11.360  1.00 97.95  ? 196 GLU A CG  1 
ATOM   791  C  CD  . GLU A 1 198 ? -3.334  8.832   9.971   1.00 97.76  ? 196 GLU A CD  1 
ATOM   792  O  OE1 . GLU A 1 198 ? -3.451  8.040   9.013   1.00 86.45  ? 196 GLU A OE1 1 
ATOM   793  O  OE2 . GLU A 1 198 ? -3.031  10.040  9.838   1.00 90.58  ? 196 GLU A OE2 1 
ATOM   794  N  N   . ALA A 1 199 ? -4.048  7.121   14.605  1.00 94.64  ? 197 ALA A N   1 
ATOM   795  C  CA  . ALA A 1 199 ? -3.480  6.981   15.944  1.00 89.38  ? 197 ALA A CA  1 
ATOM   796  C  C   . ALA A 1 199 ? -4.143  5.826   16.712  1.00 95.66  ? 197 ALA A C   1 
ATOM   797  O  O   . ALA A 1 199 ? -3.458  5.007   17.327  1.00 91.08  ? 197 ALA A O   1 
ATOM   798  C  CB  . ALA A 1 199 ? -3.590  8.289   16.712  1.00 86.05  ? 197 ALA A CB  1 
ATOM   799  N  N   . GLU A 1 200 ? -5.472  5.748   16.659  1.00 96.47  ? 198 GLU A N   1 
ATOM   800  C  CA  . GLU A 1 200 ? -6.198  4.642   17.288  1.00 101.38 ? 198 GLU A CA  1 
ATOM   801  C  C   . GLU A 1 200 ? -5.873  3.279   16.664  1.00 104.97 ? 198 GLU A C   1 
ATOM   802  O  O   . GLU A 1 200 ? -5.478  2.342   17.365  1.00 93.48  ? 198 GLU A O   1 
ATOM   803  C  CB  . GLU A 1 200 ? -7.712  4.889   17.260  1.00 116.15 ? 198 GLU A CB  1 
ATOM   804  C  CG  . GLU A 1 200 ? -8.240  5.664   18.462  1.00 141.83 ? 198 GLU A CG  1 
ATOM   805  C  CD  . GLU A 1 200 ? -9.756  5.601   18.587  1.00 165.04 ? 198 GLU A CD  1 
ATOM   806  O  OE1 . GLU A 1 200 ? -10.435 5.468   17.544  1.00 149.17 ? 198 GLU A OE1 1 
ATOM   807  O  OE2 . GLU A 1 200 ? -10.266 5.684   19.732  1.00 136.39 ? 198 GLU A OE2 1 
ATOM   808  N  N   . ARG A 1 201 ? -6.034  3.181   15.345  1.00 110.18 ? 199 ARG A N   1 
ATOM   809  C  CA  . ARG A 1 201 ? -5.824  1.928   14.615  1.00 103.31 ? 199 ARG A CA  1 
ATOM   810  C  C   . ARG A 1 201 ? -4.495  1.261   14.957  1.00 104.11 ? 199 ARG A C   1 
ATOM   811  O  O   . ARG A 1 201 ? -4.372  0.034   14.903  1.00 105.88 ? 199 ARG A O   1 
ATOM   812  C  CB  . ARG A 1 201 ? -5.895  2.168   13.099  1.00 110.31 ? 199 ARG A CB  1 
ATOM   813  C  CG  . ARG A 1 201 ? -7.120  2.946   12.624  1.00 113.33 ? 199 ARG A CG  1 
ATOM   814  C  CD  . ARG A 1 201 ? -6.986  3.365   11.158  1.00 112.03 ? 199 ARG A CD  1 
ATOM   815  N  NE  . ARG A 1 201 ? -7.892  4.461   10.814  1.00 131.49 ? 199 ARG A NE  1 
ATOM   816  C  CZ  . ARG A 1 201 ? -7.854  5.134   9.667   1.00 129.83 ? 199 ARG A CZ  1 
ATOM   817  N  NH1 . ARG A 1 201 ? -6.949  4.822   8.747   1.00 123.31 ? 199 ARG A NH1 1 
ATOM   818  N  NH2 . ARG A 1 201 ? -8.715  6.120   9.441   1.00 104.77 ? 199 ARG A NH2 1 
ATOM   819  N  N   . LEU A 1 202 ? -3.504  2.075   15.313  1.00 100.53 ? 200 LEU A N   1 
ATOM   820  C  CA  . LEU A 1 202 ? -2.137  1.591   15.491  1.00 92.86  ? 200 LEU A CA  1 
ATOM   821  C  C   . LEU A 1 202 ? -1.707  1.485   16.958  1.00 101.77 ? 200 LEU A C   1 
ATOM   822  O  O   . LEU A 1 202 ? -0.716  0.827   17.264  1.00 90.58  ? 200 LEU A O   1 
ATOM   823  C  CB  . LEU A 1 202 ? -1.153  2.459   14.692  1.00 81.43  ? 200 LEU A CB  1 
ATOM   824  C  CG  . LEU A 1 202 ? -1.098  2.289   13.166  1.00 61.81  ? 200 LEU A CG  1 
ATOM   825  C  CD1 . LEU A 1 202 ? -0.247  3.381   12.507  1.00 45.39  ? 200 LEU A CD1 1 
ATOM   826  C  CD2 . LEU A 1 202 ? -0.602  0.893   12.781  1.00 63.00  ? 200 LEU A CD2 1 
ATOM   827  N  N   . GLY A 1 203 ? -2.450  2.127   17.857  1.00 109.23 ? 201 GLY A N   1 
ATOM   828  C  CA  . GLY A 1 203 ? -2.153  2.072   19.282  1.00 97.54  ? 201 GLY A CA  1 
ATOM   829  C  C   . GLY A 1 203 ? -1.279  3.227   19.729  1.00 89.86  ? 201 GLY A C   1 
ATOM   830  O  O   . GLY A 1 203 ? -0.375  3.066   20.554  1.00 96.70  ? 201 GLY A O   1 
ATOM   831  N  N   . GLU A 1 204 ? -1.558  4.403   19.181  1.00 85.82  ? 202 GLU A N   1 
ATOM   832  C  CA  . GLU A 1 204 ? -0.714  5.569   19.396  1.00 86.29  ? 202 GLU A CA  1 
ATOM   833  C  C   . GLU A 1 204 ? -1.553  6.816   19.676  1.00 84.54  ? 202 GLU A C   1 
ATOM   834  O  O   . GLU A 1 204 ? -2.712  6.910   19.258  1.00 81.16  ? 202 GLU A O   1 
ATOM   835  C  CB  . GLU A 1 204 ? 0.149   5.803   18.156  1.00 88.05  ? 202 GLU A CB  1 
ATOM   836  C  CG  . GLU A 1 204 ? 1.494   6.455   18.428  1.00 97.62  ? 202 GLU A CG  1 
ATOM   837  C  CD  . GLU A 1 204 ? 2.664   5.507   18.216  1.00 93.78  ? 202 GLU A CD  1 
ATOM   838  O  OE1 . GLU A 1 204 ? 3.685   5.964   17.655  1.00 89.89  ? 202 GLU A OE1 1 
ATOM   839  O  OE2 . GLU A 1 204 ? 2.562   4.316   18.592  1.00 89.03  ? 202 GLU A OE2 1 
ATOM   840  N  N   . ASP A 1 205 ? -0.965  7.779   20.375  1.00 90.57  ? 203 ASP A N   1 
ATOM   841  C  CA  . ASP A 1 205 ? -1.667  9.025   20.687  1.00 93.19  ? 203 ASP A CA  1 
ATOM   842  C  C   . ASP A 1 205 ? -1.783  9.920   19.467  1.00 81.06  ? 203 ASP A C   1 
ATOM   843  O  O   . ASP A 1 205 ? -0.841  10.046  18.689  1.00 83.38  ? 203 ASP A O   1 
ATOM   844  C  CB  . ASP A 1 205 ? -0.948  9.797   21.791  1.00 87.97  ? 203 ASP A CB  1 
ATOM   845  C  CG  . ASP A 1 205 ? -0.651  8.941   23.000  1.00 94.57  ? 203 ASP A CG  1 
ATOM   846  O  OD1 . ASP A 1 205 ? -1.343  7.918   23.200  1.00 101.10 ? 203 ASP A OD1 1 
ATOM   847  O  OD2 . ASP A 1 205 ? 0.279   9.289   23.751  1.00 92.42  ? 203 ASP A OD2 1 
ATOM   848  N  N   . ALA A 1 206 ? -2.940  10.551  19.309  1.00 89.68  ? 204 ALA A N   1 
ATOM   849  C  CA  . ALA A 1 206 ? -3.129  11.516  18.235  1.00 89.44  ? 204 ALA A CA  1 
ATOM   850  C  C   . ALA A 1 206 ? -2.034  12.585  18.298  1.00 85.87  ? 204 ALA A C   1 
ATOM   851  O  O   . ALA A 1 206 ? -1.813  13.196  19.347  1.00 92.12  ? 204 ALA A O   1 
ATOM   852  C  CB  . ALA A 1 206 ? -4.509  12.146  18.327  1.00 90.77  ? 204 ALA A CB  1 
ATOM   853  N  N   . GLY A 1 207 ? -1.342  12.787  17.179  1.00 77.58  ? 205 GLY A N   1 
ATOM   854  C  CA  . GLY A 1 207 ? -0.261  13.758  17.099  1.00 83.45  ? 205 GLY A CA  1 
ATOM   855  C  C   . GLY A 1 207 ? 1.118   13.119  17.084  1.00 84.72  ? 205 GLY A C   1 
ATOM   856  O  O   . GLY A 1 207 ? 2.109   13.756  16.709  1.00 73.09  ? 205 GLY A O   1 
ATOM   857  N  N   . ALA A 1 208 ? 1.184   11.856  17.502  1.00 87.13  ? 206 ALA A N   1 
ATOM   858  C  CA  . ALA A 1 208 ? 2.448   11.134  17.549  1.00 83.04  ? 206 ALA A CA  1 
ATOM   859  C  C   . ALA A 1 208 ? 2.943   10.888  16.133  1.00 86.00  ? 206 ALA A C   1 
ATOM   860  O  O   . ALA A 1 208 ? 2.177   10.462  15.268  1.00 78.11  ? 206 ALA A O   1 
ATOM   861  C  CB  . ALA A 1 208 ? 2.292   9.817   18.306  1.00 82.98  ? 206 ALA A CB  1 
ATOM   862  N  N   . PRO A 1 209 ? 4.231   11.163  15.894  1.00 78.66  ? 207 PRO A N   1 
ATOM   863  C  CA  . PRO A 1 209 ? 4.859   11.057  14.577  1.00 72.67  ? 207 PRO A CA  1 
ATOM   864  C  C   . PRO A 1 209 ? 4.617   9.689   13.936  1.00 78.80  ? 207 PRO A C   1 
ATOM   865  O  O   . PRO A 1 209 ? 4.802   8.657   14.586  1.00 62.12  ? 207 PRO A O   1 
ATOM   866  C  CB  . PRO A 1 209 ? 6.346   11.227  14.900  1.00 80.09  ? 207 PRO A CB  1 
ATOM   867  C  CG  . PRO A 1 209 ? 6.447   10.827  16.342  1.00 79.53  ? 207 PRO A CG  1 
ATOM   868  C  CD  . PRO A 1 209 ? 5.235   11.461  16.924  1.00 83.95  ? 207 PRO A CD  1 
ATOM   869  N  N   . LEU A 1 210 ? 4.201   9.685   12.673  1.00 79.50  ? 208 LEU A N   1 
ATOM   870  C  CA  . LEU A 1 210 ? 4.079   8.438   11.928  1.00 69.82  ? 208 LEU A CA  1 
ATOM   871  C  C   . LEU A 1 210 ? 4.939   8.484   10.679  1.00 55.72  ? 208 LEU A C   1 
ATOM   872  O  O   . LEU A 1 210 ? 5.166   9.556   10.102  1.00 61.78  ? 208 LEU A O   1 
ATOM   873  C  CB  . LEU A 1 210 ? 2.629   8.167   11.531  1.00 68.93  ? 208 LEU A CB  1 
ATOM   874  C  CG  . LEU A 1 210 ? 1.579   7.761   12.568  1.00 82.74  ? 208 LEU A CG  1 
ATOM   875  C  CD1 . LEU A 1 210 ? 0.348   7.250   11.835  1.00 100.71 ? 208 LEU A CD1 1 
ATOM   876  C  CD2 . LEU A 1 210 ? 2.078   6.710   13.543  1.00 78.81  ? 208 LEU A CD2 1 
ATOM   877  N  N   . LEU A 1 211 ? 5.414   7.318   10.260  1.00 55.56  ? 209 LEU A N   1 
ATOM   878  C  CA  . LEU A 1 211 ? 6.137   7.219   9.005   1.00 60.81  ? 209 LEU A CA  1 
ATOM   879  C  C   . LEU A 1 211 ? 5.085   7.015   7.926   1.00 54.66  ? 209 LEU A C   1 
ATOM   880  O  O   . LEU A 1 211 ? 4.190   6.187   8.068   1.00 52.90  ? 209 LEU A O   1 
ATOM   881  C  CB  . LEU A 1 211 ? 7.123   6.050   9.049   1.00 57.98  ? 209 LEU A CB  1 
ATOM   882  C  CG  . LEU A 1 211 ? 8.235   5.910   7.995   1.00 55.49  ? 209 LEU A CG  1 
ATOM   883  C  CD1 . LEU A 1 211 ? 9.044   7.194   7.830   1.00 54.76  ? 209 LEU A CD1 1 
ATOM   884  C  CD2 . LEU A 1 211 ? 9.145   4.755   8.375   1.00 51.96  ? 209 LEU A CD2 1 
ATOM   885  N  N   . THR A 1 212 ? 5.161   7.795   6.863   1.00 49.38  ? 210 THR A N   1 
ATOM   886  C  CA  . THR A 1 212 ? 4.191   7.629   5.799   1.00 68.94  ? 210 THR A CA  1 
ATOM   887  C  C   . THR A 1 212 ? 4.848   7.260   4.483   1.00 58.78  ? 210 THR A C   1 
ATOM   888  O  O   . THR A 1 212 ? 5.981   7.650   4.195   1.00 51.54  ? 210 THR A O   1 
ATOM   889  C  CB  . THR A 1 212 ? 3.350   8.897   5.572   1.00 54.60  ? 210 THR A CB  1 
ATOM   890  O  OG1 . THR A 1 212 ? 4.177   9.912   4.993   1.00 55.13  ? 210 THR A OG1 1 
ATOM   891  C  CG2 . THR A 1 212 ? 2.719   9.391   6.878   1.00 55.62  ? 210 THR A CG2 1 
HETATM 892  N  N   . MSE A 1 213 ? 4.119   6.511   3.675   1.00 53.93  ? 211 MSE A N   1 
HETATM 893  C  CA  . MSE A 1 213 ? 4.547   6.320   2.312   1.00 52.49  ? 211 MSE A CA  1 
HETATM 894  C  C   . MSE A 1 213 ? 3.385   6.174   1.311   1.00 56.91  ? 211 MSE A C   1 
HETATM 895  O  O   . MSE A 1 213 ? 2.309   5.639   1.614   1.00 45.84  ? 211 MSE A O   1 
HETATM 896  C  CB  . MSE A 1 213 ? 5.541   5.173   2.254   1.00 51.83  ? 211 MSE A CB  1 
HETATM 897  C  CG  . MSE A 1 213 ? 4.986   3.855   1.849   1.00 73.39  ? 211 MSE A CG  1 
HETATM 898  SE SE  . MSE A 1 213 ? 5.696   3.367   0.114   0.85 90.73  ? 211 MSE A SE  1 
HETATM 899  C  CE  . MSE A 1 213 ? 5.288   1.457   0.174   1.00 64.37  ? 211 MSE A CE  1 
ATOM   900  N  N   . GLU A 1 214 ? 3.597   6.720   0.124   1.00 54.11  ? 212 GLU A N   1 
ATOM   901  C  CA  . GLU A 1 214 ? 2.626   6.612   -0.955  1.00 60.67  ? 212 GLU A CA  1 
ATOM   902  C  C   . GLU A 1 214 ? 3.310   5.960   -2.138  1.00 48.32  ? 212 GLU A C   1 
ATOM   903  O  O   . GLU A 1 214 ? 4.453   6.280   -2.451  1.00 45.20  ? 212 GLU A O   1 
ATOM   904  C  CB  . GLU A 1 214 ? 2.091   7.985   -1.352  1.00 52.67  ? 212 GLU A CB  1 
ATOM   905  C  CG  . GLU A 1 214 ? 1.011   8.543   -0.445  1.00 59.92  ? 212 GLU A CG  1 
ATOM   906  C  CD  . GLU A 1 214 ? 0.609   9.953   -0.846  1.00 72.70  ? 212 GLU A CD  1 
ATOM   907  O  OE1 . GLU A 1 214 ? 0.720   10.289  -2.047  1.00 74.15  ? 212 GLU A OE1 1 
ATOM   908  O  OE2 . GLU A 1 214 ? 0.198   10.733  0.038   1.00 89.50  ? 212 GLU A OE2 1 
ATOM   909  N  N   . ARG A 1 215 ? 2.616   5.032   -2.782  1.00 45.73  ? 213 ARG A N   1 
ATOM   910  C  CA  . ARG A 1 215 ? 3.209   4.309   -3.887  1.00 51.50  ? 213 ARG A CA  1 
ATOM   911  C  C   . ARG A 1 215 ? 2.203   4.095   -5.020  1.00 53.97  ? 213 ARG A C   1 
ATOM   912  O  O   . ARG A 1 215 ? 1.037   3.783   -4.767  1.00 47.38  ? 213 ARG A O   1 
ATOM   913  C  CB  . ARG A 1 215 ? 3.740   2.971   -3.365  1.00 41.67  ? 213 ARG A CB  1 
ATOM   914  C  CG  . ARG A 1 215 ? 4.171   1.974   -4.417  1.00 54.48  ? 213 ARG A CG  1 
ATOM   915  C  CD  . ARG A 1 215 ? 4.356   0.602   -3.796  1.00 61.78  ? 213 ARG A CD  1 
ATOM   916  N  NE  . ARG A 1 215 ? 3.116   0.024   -3.254  1.00 78.91  ? 213 ARG A NE  1 
ATOM   917  C  CZ  . ARG A 1 215 ? 3.081   -0.969  -2.363  1.00 82.88  ? 213 ARG A CZ  1 
ATOM   918  N  NH1 . ARG A 1 215 ? 1.918   -1.445  -1.921  1.00 58.25  ? 213 ARG A NH1 1 
ATOM   919  N  NH2 . ARG A 1 215 ? 4.214   -1.492  -1.903  1.00 76.62  ? 213 ARG A NH2 1 
ATOM   920  N  N   . THR A 1 216 ? 2.638   4.271   -6.267  1.00 52.02  ? 214 THR A N   1 
ATOM   921  C  CA  . THR A 1 216 ? 1.830   3.803   -7.391  1.00 54.74  ? 214 THR A CA  1 
ATOM   922  C  C   . THR A 1 216 ? 2.581   2.747   -8.167  1.00 40.74  ? 214 THR A C   1 
ATOM   923  O  O   . THR A 1 216 ? 3.709   2.965   -8.579  1.00 52.35  ? 214 THR A O   1 
ATOM   924  C  CB  . THR A 1 216 ? 1.455   4.908   -8.396  1.00 48.18  ? 214 THR A CB  1 
ATOM   925  O  OG1 . THR A 1 216 ? 0.937   6.048   -7.713  1.00 51.17  ? 214 THR A OG1 1 
ATOM   926  C  CG2 . THR A 1 216 ? 0.394   4.392   -9.391  1.00 31.13  ? 214 THR A CG2 1 
ATOM   927  N  N   . THR A 1 217 ? 1.923   1.632   -8.442  1.00 51.67  ? 215 THR A N   1 
ATOM   928  C  CA  . THR A 1 217 ? 2.562   0.553   -9.182  1.00 47.62  ? 215 THR A CA  1 
ATOM   929  C  C   . THR A 1 217 ? 1.984   0.383   -10.593 1.00 42.65  ? 215 THR A C   1 
ATOM   930  O  O   . THR A 1 217 ? 0.772   0.323   -10.773 1.00 45.37  ? 215 THR A O   1 
ATOM   931  C  CB  . THR A 1 217 ? 2.429   -0.774  -8.415  1.00 43.37  ? 215 THR A CB  1 
ATOM   932  O  OG1 . THR A 1 217 ? 2.877   -0.589  -7.069  1.00 61.61  ? 215 THR A OG1 1 
ATOM   933  C  CG2 . THR A 1 217 ? 3.245   -1.878  -9.091  1.00 40.33  ? 215 THR A CG2 1 
ATOM   934  N  N   . PHE A 1 218 ? 2.868   0.275   -11.580 1.00 43.35  ? 216 PHE A N   1 
ATOM   935  C  CA  . PHE A 1 218 ? 2.471   0.122   -12.975 1.00 47.93  ? 216 PHE A CA  1 
ATOM   936  C  C   . PHE A 1 218 ? 2.859   -1.226  -13.569 1.00 48.70  ? 216 PHE A C   1 
ATOM   937  O  O   . PHE A 1 218 ? 3.821   -1.859  -13.125 1.00 47.39  ? 216 PHE A O   1 
ATOM   938  C  CB  . PHE A 1 218 ? 3.088   1.230   -13.814 1.00 40.18  ? 216 PHE A CB  1 
ATOM   939  C  CG  . PHE A 1 218 ? 2.889   2.591   -13.241 1.00 51.68  ? 216 PHE A CG  1 
ATOM   940  C  CD1 . PHE A 1 218 ? 3.674   3.026   -12.170 1.00 36.73  ? 216 PHE A CD1 1 
ATOM   941  C  CD2 . PHE A 1 218 ? 1.914   3.441   -13.758 1.00 39.68  ? 216 PHE A CD2 1 
ATOM   942  C  CE1 . PHE A 1 218 ? 3.490   4.291   -11.619 1.00 37.76  ? 216 PHE A CE1 1 
ATOM   943  C  CE2 . PHE A 1 218 ? 1.728   4.716   -13.218 1.00 45.80  ? 216 PHE A CE2 1 
ATOM   944  C  CZ  . PHE A 1 218 ? 2.515   5.147   -12.156 1.00 34.03  ? 216 PHE A CZ  1 
ATOM   945  N  N   . ASP A 1 219 ? 2.121   -1.653  -14.593 1.00 40.60  ? 217 ASP A N   1 
ATOM   946  C  CA  . ASP A 1 219 ? 2.460   -2.883  -15.306 1.00 40.05  ? 217 ASP A CA  1 
ATOM   947  C  C   . ASP A 1 219 ? 3.347   -2.665  -16.548 1.00 47.66  ? 217 ASP A C   1 
ATOM   948  O  O   . ASP A 1 219 ? 3.849   -1.563  -16.772 1.00 43.21  ? 217 ASP A O   1 
ATOM   949  C  CB  . ASP A 1 219 ? 1.218   -3.732  -15.600 1.00 47.76  ? 217 ASP A CB  1 
ATOM   950  C  CG  . ASP A 1 219 ? 0.296   -3.132  -16.654 1.00 52.98  ? 217 ASP A CG  1 
ATOM   951  O  OD1 . ASP A 1 219 ? 0.625   -2.096  -17.285 1.00 46.01  ? 217 ASP A OD1 1 
ATOM   952  O  OD2 . ASP A 1 219 ? -0.786  -3.729  -16.846 1.00 66.69  ? 217 ASP A OD2 1 
ATOM   953  N  N   . ASP A 1 220 ? 3.558   -3.729  -17.320 1.00 54.85  ? 218 ASP A N   1 
ATOM   954  C  CA  . ASP A 1 220 ? 4.306   -3.690  -18.587 1.00 65.62  ? 218 ASP A CA  1 
ATOM   955  C  C   . ASP A 1 220 ? 3.902   -2.576  -19.564 1.00 62.82  ? 218 ASP A C   1 
ATOM   956  O  O   . ASP A 1 220 ? 4.704   -2.086  -20.365 1.00 61.16  ? 218 ASP A O   1 
ATOM   957  C  CB  . ASP A 1 220 ? 4.091   -5.005  -19.327 1.00 65.55  ? 218 ASP A CB  1 
ATOM   958  C  CG  . ASP A 1 220 ? 4.955   -6.103  -18.812 1.00 80.55  ? 218 ASP A CG  1 
ATOM   959  O  OD1 . ASP A 1 220 ? 5.650   -5.886  -17.795 1.00 80.51  ? 218 ASP A OD1 1 
ATOM   960  O  OD2 . ASP A 1 220 ? 4.939   -7.185  -19.440 1.00 86.66  ? 218 ASP A OD2 1 
ATOM   961  N  N   . THR A 1 221 ? 2.636   -2.206  -19.520 1.00 48.72  ? 219 THR A N   1 
ATOM   962  C  CA  . THR A 1 221 ? 2.074   -1.323  -20.521 1.00 53.22  ? 219 THR A CA  1 
ATOM   963  C  C   . THR A 1 221 ? 1.993   0.117   -20.003 1.00 58.29  ? 219 THR A C   1 
ATOM   964  O  O   . THR A 1 221 ? 1.526   1.024   -20.691 1.00 54.52  ? 219 THR A O   1 
ATOM   965  C  CB  . THR A 1 221 ? 0.699   -1.844  -20.929 1.00 67.92  ? 219 THR A CB  1 
ATOM   966  O  OG1 . THR A 1 221 ? -0.233  -1.581  -19.876 1.00 62.47  ? 219 THR A OG1 1 
ATOM   967  C  CG2 . THR A 1 221 ? 0.763   -3.360  -21.161 1.00 64.48  ? 219 THR A CG2 1 
ATOM   968  N  N   . GLY A 1 222 ? 2.473   0.321   -18.784 1.00 50.28  ? 220 GLY A N   1 
ATOM   969  C  CA  . GLY A 1 222 ? 2.562   1.656   -18.226 1.00 55.86  ? 220 GLY A CA  1 
ATOM   970  C  C   . GLY A 1 222 ? 1.260   2.169   -17.646 1.00 50.79  ? 220 GLY A C   1 
ATOM   971  O  O   . GLY A 1 222 ? 1.043   3.377   -17.586 1.00 56.62  ? 220 GLY A O   1 
ATOM   972  N  N   . ARG A 1 223 ? 0.391   1.250   -17.231 1.00 47.43  ? 221 ARG A N   1 
ATOM   973  C  CA  . ARG A 1 223 ? -0.856  1.602   -16.553 1.00 62.18  ? 221 ARG A CA  1 
ATOM   974  C  C   . ARG A 1 223 ? -0.755  1.355   -15.052 1.00 61.73  ? 221 ARG A C   1 
ATOM   975  O  O   . ARG A 1 223 ? -0.164  0.361   -14.609 1.00 44.99  ? 221 ARG A O   1 
ATOM   976  C  CB  . ARG A 1 223 ? -2.035  0.797   -17.117 1.00 51.73  ? 221 ARG A CB  1 
ATOM   977  C  CG  . ARG A 1 223 ? -2.320  1.082   -18.591 1.00 75.06  ? 221 ARG A CG  1 
ATOM   978  C  CD  . ARG A 1 223 ? -3.638  0.470   -19.057 1.00 80.63  ? 221 ARG A CD  1 
ATOM   979  N  NE  . ARG A 1 223 ? -3.565  0.064   -20.460 1.00 101.00 ? 221 ARG A NE  1 
ATOM   980  C  CZ  . ARG A 1 223 ? -3.257  -1.166  -20.874 1.00 103.57 ? 221 ARG A CZ  1 
ATOM   981  N  NH1 . ARG A 1 223 ? -2.998  -2.121  -19.989 1.00 76.84  ? 221 ARG A NH1 1 
ATOM   982  N  NH2 . ARG A 1 223 ? -3.212  -1.441  -22.176 1.00 105.18 ? 221 ARG A NH2 1 
ATOM   983  N  N   . ALA A 1 224 ? -1.326  2.260   -14.264 1.00 48.77  ? 222 ALA A N   1 
ATOM   984  C  CA  . ALA A 1 224 ? -1.366  2.044   -12.823 1.00 46.45  ? 222 ALA A CA  1 
ATOM   985  C  C   . ALA A 1 224 ? -2.186  0.808   -12.540 1.00 42.34  ? 222 ALA A C   1 
ATOM   986  O  O   . ALA A 1 224 ? -3.199  0.542   -13.168 1.00 50.09  ? 222 ALA A O   1 
ATOM   987  C  CB  . ALA A 1 224 ? -1.925  3.240   -12.081 1.00 37.33  ? 222 ALA A CB  1 
ATOM   988  N  N   . VAL A 1 225 ? -1.729  0.041   -11.574 1.00 42.68  ? 223 VAL A N   1 
ATOM   989  C  CA  . VAL A 1 225 ? -2.311  -1.251  -11.328 1.00 40.59  ? 223 VAL A CA  1 
ATOM   990  C  C   . VAL A 1 225 ? -2.702  -1.253  -9.833  1.00 41.17  ? 223 VAL A C   1 
ATOM   991  O  O   . VAL A 1 225 ? -3.565  -2.011  -9.380  1.00 37.60  ? 223 VAL A O   1 
ATOM   992  C  CB  . VAL A 1 225 ? -1.281  -2.348  -11.821 1.00 52.10  ? 223 VAL A CB  1 
ATOM   993  C  CG1 . VAL A 1 225 ? -0.464  -2.971  -10.698 1.00 39.98  ? 223 VAL A CG1 1 
ATOM   994  C  CG2 . VAL A 1 225 ? -1.944  -3.377  -12.681 1.00 45.96  ? 223 VAL A CG2 1 
ATOM   995  N  N   . GLU A 1 226 ? -2.103  -0.328  -9.091  1.00 42.85  ? 224 GLU A N   1 
ATOM   996  C  CA  . GLU A 1 226 ? -2.249  -0.284  -7.651  1.00 43.61  ? 224 GLU A CA  1 
ATOM   997  C  C   . GLU A 1 226 ? -1.758  1.068   -7.124  1.00 41.34  ? 224 GLU A C   1 
ATOM   998  O  O   . GLU A 1 226 ? -0.736  1.594   -7.567  1.00 44.73  ? 224 GLU A O   1 
ATOM   999  C  CB  . GLU A 1 226 ? -1.452  -1.440  -7.013  1.00 52.91  ? 224 GLU A CB  1 
ATOM   1000 C  CG  . GLU A 1 226 ? -1.510  -1.496  -5.486  1.00 47.70  ? 224 GLU A CG  1 
ATOM   1001 C  CD  . GLU A 1 226 ? -0.455  -0.619  -4.792  1.00 59.89  ? 224 GLU A CD  1 
ATOM   1002 O  OE1 . GLU A 1 226 ? 0.621   -0.364  -5.373  1.00 57.78  ? 224 GLU A OE1 1 
ATOM   1003 O  OE2 . GLU A 1 226 ? -0.694  -0.191  -3.643  1.00 54.96  ? 224 GLU A OE2 1 
ATOM   1004 N  N   . PHE A 1 227 ? -2.515  1.635   -6.194  1.00 44.10  ? 225 PHE A N   1 
ATOM   1005 C  CA  . PHE A 1 227 ? -2.100  2.818   -5.462  1.00 44.25  ? 225 PHE A CA  1 
ATOM   1006 C  C   . PHE A 1 227 ? -2.219  2.561   -3.963  1.00 53.55  ? 225 PHE A C   1 
ATOM   1007 O  O   . PHE A 1 227 ? -3.270  2.159   -3.466  1.00 43.80  ? 225 PHE A O   1 
ATOM   1008 C  CB  . PHE A 1 227 ? -2.984  3.993   -5.816  1.00 35.39  ? 225 PHE A CB  1 
ATOM   1009 C  CG  . PHE A 1 227 ? -2.696  5.233   -5.008  1.00 53.71  ? 225 PHE A CG  1 
ATOM   1010 C  CD1 . PHE A 1 227 ? -1.456  5.853   -5.086  1.00 45.71  ? 225 PHE A CD1 1 
ATOM   1011 C  CD2 . PHE A 1 227 ? -3.666  5.791   -4.179  1.00 58.66  ? 225 PHE A CD2 1 
ATOM   1012 C  CE1 . PHE A 1 227 ? -1.179  7.014   -4.360  1.00 52.72  ? 225 PHE A CE1 1 
ATOM   1013 C  CE2 . PHE A 1 227 ? -3.395  6.956   -3.441  1.00 48.66  ? 225 PHE A CE2 1 
ATOM   1014 C  CZ  . PHE A 1 227 ? -2.153  7.568   -3.538  1.00 47.97  ? 225 PHE A CZ  1 
ATOM   1015 N  N   . GLY A 1 228 ? -1.148  2.816   -3.233  1.00 39.04  ? 226 GLY A N   1 
ATOM   1016 C  CA  . GLY A 1 228 ? -1.152  2.552   -1.813  1.00 42.96  ? 226 GLY A CA  1 
ATOM   1017 C  C   . GLY A 1 228 ? -0.824  3.794   -1.024  1.00 47.09  ? 226 GLY A C   1 
ATOM   1018 O  O   . GLY A 1 228 ? -0.013  4.629   -1.424  1.00 45.78  ? 226 GLY A O   1 
ATOM   1019 N  N   . THR A 1 229 ? -1.480  3.915   0.114   1.00 45.93  ? 227 THR A N   1 
ATOM   1020 C  CA  . THR A 1 229 ? -1.235  5.024   1.017   1.00 45.30  ? 227 THR A CA  1 
ATOM   1021 C  C   . THR A 1 229 ? -1.101  4.410   2.415   1.00 51.23  ? 227 THR A C   1 
ATOM   1022 O  O   . THR A 1 229 ? -2.054  3.859   2.966   1.00 54.82  ? 227 THR A O   1 
ATOM   1023 C  CB  . THR A 1 229 ? -2.348  6.121   0.880   1.00 58.44  ? 227 THR A CB  1 
ATOM   1024 O  OG1 . THR A 1 229 ? -1.910  7.350   1.464   1.00 62.97  ? 227 THR A OG1 1 
ATOM   1025 C  CG2 . THR A 1 229 ? -3.704  5.678   1.475   1.00 47.35  ? 227 THR A CG2 1 
ATOM   1026 N  N   . HIS A 1 230 ? 0.110   4.472   2.961   1.00 55.04  ? 228 HIS A N   1 
ATOM   1027 C  CA  . HIS A 1 230 ? 0.444   3.704   4.153   1.00 43.06  ? 228 HIS A CA  1 
ATOM   1028 C  C   . HIS A 1 230 ? 0.994   4.547   5.289   1.00 43.66  ? 228 HIS A C   1 
ATOM   1029 O  O   . HIS A 1 230 ? 1.612   5.583   5.063   1.00 47.18  ? 228 HIS A O   1 
ATOM   1030 C  CB  . HIS A 1 230 ? 1.480   2.642   3.802   1.00 46.24  ? 228 HIS A CB  1 
ATOM   1031 C  CG  . HIS A 1 230 ? 1.131   1.821   2.609   1.00 56.89  ? 228 HIS A CG  1 
ATOM   1032 N  ND1 . HIS A 1 230 ? 2.018   1.565   1.596   1.00 74.66  ? 228 HIS A ND1 1 
ATOM   1033 C  CD2 . HIS A 1 230 ? -0.023  1.186   2.263   1.00 47.28  ? 228 HIS A CD2 1 
ATOM   1034 C  CE1 . HIS A 1 230 ? 1.448   0.806   0.679   1.00 62.10  ? 228 HIS A CE1 1 
ATOM   1035 N  NE2 . HIS A 1 230 ? 0.200   0.561   1.073   1.00 62.99  ? 228 HIS A NE2 1 
ATOM   1036 N  N   . THR A 1 231 ? 0.767   4.065   6.512   1.00 61.91  ? 229 THR A N   1 
ATOM   1037 C  CA  . THR A 1 231 ? 1.332   4.633   7.740   1.00 59.27  ? 229 THR A CA  1 
ATOM   1038 C  C   . THR A 1 231 ? 2.084   3.565   8.534   1.00 51.74  ? 229 THR A C   1 
ATOM   1039 O  O   . THR A 1 231 ? 1.681   2.395   8.585   1.00 47.78  ? 229 THR A O   1 
ATOM   1040 C  CB  . THR A 1 231 ? 0.241   5.195   8.652   1.00 55.41  ? 229 THR A CB  1 
ATOM   1041 O  OG1 . THR A 1 231 ? -0.893  4.316   8.614   1.00 69.43  ? 229 THR A OG1 1 
ATOM   1042 C  CG2 . THR A 1 231 ? -0.172  6.577   8.201   1.00 59.42  ? 229 THR A CG2 1 
ATOM   1043 N  N   . TYR A 1 232 ? 3.178   3.974   9.160   1.00 49.03  ? 230 TYR A N   1 
ATOM   1044 C  CA  . TYR A 1 232 ? 3.991   3.054   9.946   1.00 60.72  ? 230 TYR A CA  1 
ATOM   1045 C  C   . TYR A 1 232 ? 4.355   3.662   11.285  1.00 55.98  ? 230 TYR A C   1 
ATOM   1046 O  O   . TYR A 1 232 ? 4.764   4.832   11.345  1.00 50.38  ? 230 TYR A O   1 
ATOM   1047 C  CB  . TYR A 1 232 ? 5.287   2.734   9.211   1.00 55.21  ? 230 TYR A CB  1 
ATOM   1048 C  CG  . TYR A 1 232 ? 5.107   2.306   7.784   1.00 50.17  ? 230 TYR A CG  1 
ATOM   1049 C  CD1 . TYR A 1 232 ? 5.001   3.245   6.767   1.00 51.57  ? 230 TYR A CD1 1 
ATOM   1050 C  CD2 . TYR A 1 232 ? 5.055   0.957   7.445   1.00 51.06  ? 230 TYR A CD2 1 
ATOM   1051 C  CE1 . TYR A 1 232 ? 4.838   2.850   5.451   1.00 49.53  ? 230 TYR A CE1 1 
ATOM   1052 C  CE2 . TYR A 1 232 ? 4.893   0.556   6.138   1.00 54.74  ? 230 TYR A CE2 1 
ATOM   1053 C  CZ  . TYR A 1 232 ? 4.783   1.501   5.139   1.00 54.45  ? 230 TYR A CZ  1 
ATOM   1054 O  OH  . TYR A 1 232 ? 4.623   1.093   3.825   1.00 55.01  ? 230 TYR A OH  1 
ATOM   1055 N  N   . ARG A 1 233 ? 4.223   2.866   12.347  1.00 53.33  ? 231 ARG A N   1 
ATOM   1056 C  CA  . ARG A 1 233 ? 4.712   3.250   13.681  1.00 69.89  ? 231 ARG A CA  1 
ATOM   1057 C  C   . ARG A 1 233 ? 6.239   3.303   13.683  1.00 55.32  ? 231 ARG A C   1 
ATOM   1058 O  O   . ARG A 1 233 ? 6.886   2.254   13.566  1.00 54.23  ? 231 ARG A O   1 
ATOM   1059 C  CB  . ARG A 1 233 ? 4.251   2.238   14.730  1.00 66.42  ? 231 ARG A CB  1 
ATOM   1060 C  CG  . ARG A 1 233 ? 2.750   2.004   14.763  1.00 83.23  ? 231 ARG A CG  1 
ATOM   1061 C  CD  . ARG A 1 233 ? 2.385   1.117   15.933  1.00 87.80  ? 231 ARG A CD  1 
ATOM   1062 N  NE  . ARG A 1 233 ? 2.762   1.721   17.204  1.00 97.54  ? 231 ARG A NE  1 
ATOM   1063 C  CZ  . ARG A 1 233 ? 2.947   1.040   18.329  1.00 87.24  ? 231 ARG A CZ  1 
ATOM   1064 N  NH1 . ARG A 1 233 ? 3.285   1.683   19.437  1.00 78.16  ? 231 ARG A NH1 1 
ATOM   1065 N  NH2 . ARG A 1 233 ? 2.795   -0.278  18.344  1.00 80.81  ? 231 ARG A NH2 1 
ATOM   1066 N  N   . PRO A 1 234 ? 6.820   4.520   13.778  1.00 43.21  ? 232 PRO A N   1 
ATOM   1067 C  CA  . PRO A 1 234 ? 8.276   4.709   13.640  1.00 59.83  ? 232 PRO A CA  1 
ATOM   1068 C  C   . PRO A 1 234 ? 9.111   3.933   14.664  1.00 62.71  ? 232 PRO A C   1 
ATOM   1069 O  O   . PRO A 1 234 ? 10.266  3.619   14.389  1.00 75.48  ? 232 PRO A O   1 
ATOM   1070 C  CB  . PRO A 1 234 ? 8.463   6.233   13.806  1.00 55.26  ? 232 PRO A CB  1 
ATOM   1071 C  CG  . PRO A 1 234 ? 7.169   6.718   14.412  1.00 72.85  ? 232 PRO A CG  1 
ATOM   1072 C  CD  . PRO A 1 234 ? 6.119   5.814   13.837  1.00 52.47  ? 232 PRO A CD  1 
ATOM   1073 N  N   . SER A 1 235 ? 8.529   3.618   15.815  1.00 65.09  ? 233 SER A N   1 
ATOM   1074 C  CA  . SER A 1 235 ? 9.209   2.828   16.837  1.00 73.23  ? 233 SER A CA  1 
ATOM   1075 C  C   . SER A 1 235 ? 9.202   1.353   16.462  1.00 71.07  ? 233 SER A C   1 
ATOM   1076 O  O   . SER A 1 235 ? 9.840   0.537   17.121  1.00 79.10  ? 233 SER A O   1 
ATOM   1077 C  CB  . SER A 1 235 ? 8.512   2.997   18.192  1.00 59.65  ? 233 SER A CB  1 
ATOM   1078 O  OG  . SER A 1 235 ? 7.259   2.321   18.196  1.00 80.82  ? 233 SER A OG  1 
ATOM   1079 N  N   . ARG A 1 236 ? 8.479   1.001   15.407  1.00 63.47  ? 234 ARG A N   1 
ATOM   1080 C  CA  . ARG A 1 236 ? 8.264   -0.408  15.094  1.00 68.37  ? 234 ARG A CA  1 
ATOM   1081 C  C   . ARG A 1 236 ? 8.755   -0.783  13.693  1.00 55.72  ? 234 ARG A C   1 
ATOM   1082 O  O   . ARG A 1 236 ? 8.858   -1.961  13.334  1.00 50.75  ? 234 ARG A O   1 
ATOM   1083 C  CB  . ARG A 1 236 ? 6.778   -0.735  15.264  1.00 76.19  ? 234 ARG A CB  1 
ATOM   1084 C  CG  . ARG A 1 236 ? 6.405   -1.313  16.623  1.00 77.61  ? 234 ARG A CG  1 
ATOM   1085 C  CD  . ARG A 1 236 ? 6.279   -2.825  16.496  1.00 98.59  ? 234 ARG A CD  1 
ATOM   1086 N  NE  . ARG A 1 236 ? 6.665   -3.539  17.710  1.00 131.30 ? 234 ARG A NE  1 
ATOM   1087 C  CZ  . ARG A 1 236 ? 7.921   -3.833  18.036  1.00 133.84 ? 234 ARG A CZ  1 
ATOM   1088 N  NH1 . ARG A 1 236 ? 8.918   -3.464  17.241  1.00 130.39 ? 234 ARG A NH1 1 
ATOM   1089 N  NH2 . ARG A 1 236 ? 8.183   -4.494  19.157  1.00 109.67 ? 234 ARG A NH2 1 
ATOM   1090 N  N   . TYR A 1 237 ? 9.064   0.232   12.897  1.00 54.56  ? 235 TYR A N   1 
ATOM   1091 C  CA  . TYR A 1 237 ? 9.390   0.006   11.491  1.00 61.64  ? 235 TYR A CA  1 
ATOM   1092 C  C   . TYR A 1 237 ? 10.288  1.102   10.924  1.00 53.40  ? 235 TYR A C   1 
ATOM   1093 O  O   . TYR A 1 237 ? 10.189  2.265   11.328  1.00 50.31  ? 235 TYR A O   1 
ATOM   1094 C  CB  . TYR A 1 237 ? 8.099   -0.070  10.656  1.00 58.73  ? 235 TYR A CB  1 
ATOM   1095 C  CG  . TYR A 1 237 ? 8.351   -0.402  9.207   1.00 60.82  ? 235 TYR A CG  1 
ATOM   1096 C  CD1 . TYR A 1 237 ? 8.431   -1.725  8.785   1.00 60.05  ? 235 TYR A CD1 1 
ATOM   1097 C  CD2 . TYR A 1 237 ? 8.532   0.607   8.254   1.00 49.12  ? 235 TYR A CD2 1 
ATOM   1098 C  CE1 . TYR A 1 237 ? 8.674   -2.043  7.451   1.00 72.00  ? 235 TYR A CE1 1 
ATOM   1099 C  CE2 . TYR A 1 237 ? 8.780   0.298   6.906   1.00 56.19  ? 235 TYR A CE2 1 
ATOM   1100 C  CZ  . TYR A 1 237 ? 8.849   -1.032  6.515   1.00 65.03  ? 235 TYR A CZ  1 
ATOM   1101 O  OH  . TYR A 1 237 ? 9.096   -1.363  5.199   1.00 65.85  ? 235 TYR A OH  1 
ATOM   1102 N  N   . SER A 1 238 ? 11.158  0.729   9.985   1.00 52.16  ? 236 SER A N   1 
ATOM   1103 C  CA  . SER A 1 238 ? 11.850  1.721   9.149   1.00 45.86  ? 236 SER A CA  1 
ATOM   1104 C  C   . SER A 1 238 ? 12.225  1.161   7.774   1.00 46.43  ? 236 SER A C   1 
ATOM   1105 O  O   . SER A 1 238 ? 12.297  -0.057  7.574   1.00 46.83  ? 236 SER A O   1 
ATOM   1106 C  CB  . SER A 1 238 ? 13.072  2.314   9.868   1.00 55.61  ? 236 SER A CB  1 
ATOM   1107 O  OG  . SER A 1 238 ? 14.058  1.326   10.103  1.00 55.74  ? 236 SER A OG  1 
ATOM   1108 N  N   . PHE A 1 239 ? 12.440  2.049   6.813   1.00 41.02  ? 237 PHE A N   1 
ATOM   1109 C  CA  . PHE A 1 239 ? 12.783  1.599   5.468   1.00 48.00  ? 237 PHE A CA  1 
ATOM   1110 C  C   . PHE A 1 239 ? 14.272  1.361   5.397   1.00 43.28  ? 237 PHE A C   1 
ATOM   1111 O  O   . PHE A 1 239 ? 15.071  2.270   5.582   1.00 48.04  ? 237 PHE A O   1 
ATOM   1112 C  CB  . PHE A 1 239 ? 12.329  2.605   4.410   1.00 46.99  ? 237 PHE A CB  1 
ATOM   1113 C  CG  . PHE A 1 239 ? 10.835  2.717   4.290   1.00 56.08  ? 237 PHE A CG  1 
ATOM   1114 C  CD1 . PHE A 1 239 ? 10.123  1.809   3.520   1.00 59.41  ? 237 PHE A CD1 1 
ATOM   1115 C  CD2 . PHE A 1 239 ? 10.137  3.714   4.963   1.00 42.13  ? 237 PHE A CD2 1 
ATOM   1116 C  CE1 . PHE A 1 239 ? 8.743   1.889   3.411   1.00 65.57  ? 237 PHE A CE1 1 
ATOM   1117 C  CE2 . PHE A 1 239 ? 8.744   3.801   4.858   1.00 62.87  ? 237 PHE A CE2 1 
ATOM   1118 C  CZ  . PHE A 1 239 ? 8.050   2.883   4.078   1.00 52.13  ? 237 PHE A CZ  1 
ATOM   1119 N  N   . GLU A 1 240 ? 14.641  0.113   5.176   1.00 45.85  ? 238 GLU A N   1 
ATOM   1120 C  CA  . GLU A 1 240 ? 16.045  -0.265  5.195   1.00 55.11  ? 238 GLU A CA  1 
ATOM   1121 C  C   . GLU A 1 240 ? 16.409  -0.730  3.810   1.00 59.26  ? 238 GLU A C   1 
ATOM   1122 O  O   . GLU A 1 240 ? 15.759  -1.606  3.254   1.00 59.23  ? 238 GLU A O   1 
ATOM   1123 C  CB  . GLU A 1 240 ? 16.301  -1.399  6.195   1.00 47.64  ? 238 GLU A CB  1 
ATOM   1124 C  CG  . GLU A 1 240 ? 16.010  -1.067  7.655   1.00 51.09  ? 238 GLU A CG  1 
ATOM   1125 C  CD  . GLU A 1 240 ? 17.002  -0.086  8.255   1.00 68.85  ? 238 GLU A CD  1 
ATOM   1126 O  OE1 . GLU A 1 240 ? 18.183  -0.063  7.829   1.00 68.53  ? 238 GLU A OE1 1 
ATOM   1127 O  OE2 . GLU A 1 240 ? 16.592  0.665   9.166   1.00 64.46  ? 238 GLU A OE2 1 
ATOM   1128 N  N   . PHE A 1 241 ? 17.445  -0.143  3.239   1.00 51.55  ? 239 PHE A N   1 
ATOM   1129 C  CA  . PHE A 1 241 ? 17.929  -0.645  1.974   1.00 51.72  ? 239 PHE A CA  1 
ATOM   1130 C  C   . PHE A 1 241 ? 19.413  -0.390  1.720   1.00 60.83  ? 239 PHE A C   1 
ATOM   1131 O  O   . PHE A 1 241 ? 20.097  0.310   2.470   1.00 49.78  ? 239 PHE A O   1 
ATOM   1132 C  CB  . PHE A 1 241 ? 17.076  -0.112  0.824   1.00 70.57  ? 239 PHE A CB  1 
ATOM   1133 C  CG  . PHE A 1 241 ? 16.870  1.364   0.869   1.00 57.20  ? 239 PHE A CG  1 
ATOM   1134 C  CD1 . PHE A 1 241 ? 15.843  1.911   1.623   1.00 64.86  ? 239 PHE A CD1 1 
ATOM   1135 C  CD2 . PHE A 1 241 ? 17.717  2.215   0.171   1.00 67.10  ? 239 PHE A CD2 1 
ATOM   1136 C  CE1 . PHE A 1 241 ? 15.650  3.282   1.678   1.00 63.85  ? 239 PHE A CE1 1 
ATOM   1137 C  CE2 . PHE A 1 241 ? 17.534  3.606   0.215   1.00 66.35  ? 239 PHE A CE2 1 
ATOM   1138 C  CZ  . PHE A 1 241 ? 16.498  4.135   0.974   1.00 67.13  ? 239 PHE A CZ  1 
ATOM   1139 N  N   . GLN A 1 242 ? 19.899  -1.004  0.655   1.00 51.24  ? 240 GLN A N   1 
ATOM   1140 C  CA  . GLN A 1 242 ? 21.261  -0.846  0.229   1.00 54.43  ? 240 GLN A CA  1 
ATOM   1141 C  C   . GLN A 1 242 ? 21.212  -0.321  -1.192  1.00 51.07  ? 240 GLN A C   1 
ATOM   1142 O  O   . GLN A 1 242 ? 20.403  -0.768  -1.992  1.00 46.36  ? 240 GLN A O   1 
ATOM   1143 C  CB  . GLN A 1 242 ? 21.972  -2.192  0.264   1.00 51.40  ? 240 GLN A CB  1 
ATOM   1144 C  CG  . GLN A 1 242 ? 23.417  -2.145  -0.211  1.00 59.69  ? 240 GLN A CG  1 
ATOM   1145 C  CD  . GLN A 1 242 ? 24.032  -3.541  -0.357  1.00 76.57  ? 240 GLN A CD  1 
ATOM   1146 O  OE1 . GLN A 1 242 ? 25.251  -3.695  -0.372  1.00 63.56  ? 240 GLN A OE1 1 
ATOM   1147 N  NE2 . GLN A 1 242 ? 23.187  -4.561  -0.463  1.00 56.61  ? 240 GLN A NE2 1 
ATOM   1148 N  N   . LEU A 1 243 ? 22.067  0.650   -1.487  1.00 48.79  ? 241 LEU A N   1 
ATOM   1149 C  CA  . LEU A 1 243 ? 22.255  1.159   -2.842  1.00 47.00  ? 241 LEU A CA  1 
ATOM   1150 C  C   . LEU A 1 243 ? 23.583  0.662   -3.390  1.00 45.94  ? 241 LEU A C   1 
ATOM   1151 O  O   . LEU A 1 243 ? 24.579  0.642   -2.677  1.00 52.42  ? 241 LEU A O   1 
ATOM   1152 C  CB  . LEU A 1 243 ? 22.262  2.686   -2.828  1.00 52.65  ? 241 LEU A CB  1 
ATOM   1153 C  CG  . LEU A 1 243 ? 20.928  3.414   -2.946  1.00 70.12  ? 241 LEU A CG  1 
ATOM   1154 C  CD1 . LEU A 1 243 ? 19.816  2.674   -2.223  1.00 74.28  ? 241 LEU A CD1 1 
ATOM   1155 C  CD2 . LEU A 1 243 ? 21.087  4.831   -2.421  1.00 48.66  ? 241 LEU A CD2 1 
ATOM   1156 N  N   . LEU A 1 244 ? 23.605  0.267   -4.653  1.00 57.97  ? 242 LEU A N   1 
ATOM   1157 C  CA  . LEU A 1 244 ? 24.814  -0.293  -5.244  1.00 57.40  ? 242 LEU A CA  1 
ATOM   1158 C  C   . LEU A 1 244 ? 25.092  0.333   -6.589  1.00 55.48  ? 242 LEU A C   1 
ATOM   1159 O  O   . LEU A 1 244 ? 24.231  0.324   -7.455  1.00 56.78  ? 242 LEU A O   1 
ATOM   1160 C  CB  . LEU A 1 244 ? 24.646  -1.800  -5.477  1.00 57.82  ? 242 LEU A CB  1 
ATOM   1161 C  CG  . LEU A 1 244 ? 24.284  -2.684  -4.291  1.00 69.42  ? 242 LEU A CG  1 
ATOM   1162 C  CD1 . LEU A 1 244 ? 23.848  -4.062  -4.768  1.00 72.07  ? 242 LEU A CD1 1 
ATOM   1163 C  CD2 . LEU A 1 244 ? 25.464  -2.781  -3.344  1.00 67.92  ? 242 LEU A CD2 1 
ATOM   1164 N  N   . VAL A 1 245 ? 26.299  0.843   -6.787  1.00 65.60  ? 243 VAL A N   1 
ATOM   1165 C  CA  . VAL A 1 245 ? 26.715  1.200   -8.139  1.00 64.92  ? 243 VAL A CA  1 
ATOM   1166 C  C   . VAL A 1 245 ? 27.025  -0.087  -8.915  1.00 72.08  ? 243 VAL A C   1 
ATOM   1167 O  O   . VAL A 1 245 ? 27.924  -0.840  -8.546  1.00 82.87  ? 243 VAL A O   1 
ATOM   1168 C  CB  . VAL A 1 245 ? 27.904  2.202   -8.140  1.00 64.56  ? 243 VAL A CB  1 
ATOM   1169 C  CG1 . VAL A 1 245 ? 28.644  2.168   -9.471  1.00 74.12  ? 243 VAL A CG1 1 
ATOM   1170 C  CG2 . VAL A 1 245 ? 27.404  3.619   -7.840  1.00 58.60  ? 243 VAL A CG2 1 
ATOM   1171 N  N   . ARG A 1 246 ? 26.262  -0.354  -9.972  1.00 81.80  ? 244 ARG A N   1 
ATOM   1172 C  CA  . ARG A 1 246 ? 26.417  -1.610  -10.696 1.00 96.89  ? 244 ARG A CA  1 
ATOM   1173 C  C   . ARG A 1 246 ? 26.876  -1.380  -12.123 1.00 113.18 ? 244 ARG A C   1 
ATOM   1174 O  O   . ARG A 1 246 ? 26.117  -0.875  -12.948 1.00 125.49 ? 244 ARG A O   1 
ATOM   1175 C  CB  . ARG A 1 246 ? 25.110  -2.399  -10.713 1.00 95.78  ? 244 ARG A CB  1 
ATOM   1176 C  CG  . ARG A 1 246 ? 25.294  -3.909  -10.765 1.00 103.69 ? 244 ARG A CG  1 
ATOM   1177 C  CD  . ARG A 1 246 ? 24.943  -4.534  -9.425  1.00 99.39  ? 244 ARG A CD  1 
ATOM   1178 N  NE  . ARG A 1 246 ? 26.092  -4.850  -8.582  1.00 112.15 ? 244 ARG A NE  1 
ATOM   1179 C  CZ  . ARG A 1 246 ? 26.357  -6.075  -8.137  1.00 129.47 ? 244 ARG A CZ  1 
ATOM   1180 N  NH1 . ARG A 1 246 ? 27.411  -6.301  -7.360  1.00 87.75  ? 244 ARG A NH1 1 
ATOM   1181 N  NH2 . ARG A 1 246 ? 25.553  -7.079  -8.467  1.00 142.26 ? 244 ARG A NH2 1 
ATOM   1182 N  N   . PRO A 1 247 ? 28.122  -1.767  -12.419 1.00 125.42 ? 245 PRO A N   1 
ATOM   1183 C  CA  . PRO A 1 247 ? 28.712  -1.686  -13.759 1.00 132.14 ? 245 PRO A CA  1 
ATOM   1184 C  C   . PRO A 1 247 ? 27.708  -2.040  -14.872 1.00 134.49 ? 245 PRO A C   1 
ATOM   1185 O  O   . PRO A 1 247 ? 27.126  -1.144  -15.510 1.00 103.29 ? 245 PRO A O   1 
ATOM   1186 C  CB  . PRO A 1 247 ? 29.832  -2.725  -13.688 1.00 117.48 ? 245 PRO A CB  1 
ATOM   1187 C  CG  . PRO A 1 247 ? 30.294  -2.645  -12.268 1.00 112.31 ? 245 PRO A CG  1 
ATOM   1188 C  CD  . PRO A 1 247 ? 29.061  -2.349  -11.442 1.00 118.87 ? 245 PRO A CD  1 
HETATM 1189 O  O1  . SRT B 2 .   ? 1.067   -3.646  -0.312  1.00 78.97  ? 247 SRT A O1  1 
HETATM 1190 O  O11 . SRT B 2 .   ? 2.880   -3.171  0.884   1.00 80.36  ? 247 SRT A O11 1 
HETATM 1191 C  C1  . SRT B 2 .   ? 2.049   -4.000  0.401   1.00 78.79  ? 247 SRT A C1  1 
HETATM 1192 C  C2  . SRT B 2 .   ? 2.217   -5.473  0.728   1.00 75.69  ? 247 SRT A C2  1 
HETATM 1193 O  O2  . SRT B 2 .   ? 1.227   -6.245  0.040   1.00 70.63  ? 247 SRT A O2  1 
HETATM 1194 C  C3  . SRT B 2 .   ? 3.649   -5.973  0.447   1.00 75.43  ? 247 SRT A C3  1 
HETATM 1195 O  O3  . SRT B 2 .   ? 3.973   -7.154  1.195   1.00 75.31  ? 247 SRT A O3  1 
HETATM 1196 C  C4  . SRT B 2 .   ? 3.840   -6.293  -1.002  1.00 76.16  ? 247 SRT A C4  1 
HETATM 1197 O  O4  . SRT B 2 .   ? 3.646   -7.474  -1.424  1.00 74.42  ? 247 SRT A O4  1 
HETATM 1198 O  O41 . SRT B 2 .   ? 4.194   -5.326  -1.707  1.00 76.86  ? 247 SRT A O41 1 
HETATM 1199 C  C1  . IPA C 3 .   ? -14.906 12.105  -6.390  1.00 60.61  ? 246 IPA A C1  1 
HETATM 1200 C  C2  . IPA C 3 .   ? -15.573 11.886  -5.032  1.00 66.69  ? 246 IPA A C2  1 
HETATM 1201 C  C3  . IPA C 3 .   ? -14.755 12.534  -3.937  1.00 63.73  ? 246 IPA A C3  1 
HETATM 1202 O  O2  . IPA C 3 .   ? -15.754 10.525  -4.671  1.00 67.77  ? 246 IPA A O2  1 
HETATM 1203 O  O   . HOH D 4 .   ? -4.473  -2.621  2.155   1.00 42.86  ? 248 HOH A O   1 
HETATM 1204 O  O   . HOH D 4 .   ? -1.959  6.368   -13.725 1.00 42.55  ? 249 HOH A O   1 
HETATM 1205 O  O   . HOH D 4 .   ? 1.124   -11.520 5.369   1.00 82.14  ? 250 HOH A O   1 
HETATM 1206 O  O   . HOH D 4 .   ? 2.221   7.837   -5.991  1.00 48.77  ? 251 HOH A O   1 
HETATM 1207 O  O   . HOH D 4 .   ? -8.765  13.918  -3.219  1.00 62.71  ? 252 HOH A O   1 
HETATM 1208 O  O   . HOH D 4 .   ? -12.151 5.368   -15.601 1.00 51.59  ? 253 HOH A O   1 
HETATM 1209 O  O   . HOH D 4 .   ? 7.252   4.271   -12.389 1.00 45.76  ? 254 HOH A O   1 
HETATM 1210 O  O   . HOH D 4 .   ? -12.439 -4.647  -2.961  1.00 61.97  ? 255 HOH A O   1 
HETATM 1211 O  O   . HOH D 4 .   ? 3.808   -11.779 -13.027 1.00 75.87  ? 256 HOH A O   1 
HETATM 1212 O  O   . HOH D 4 .   ? 4.196   10.966  1.389   1.00 53.57  ? 257 HOH A O   1 
HETATM 1213 O  O   . HOH D 4 .   ? -9.011  9.302   10.780  1.00 93.90  ? 258 HOH A O   1 
HETATM 1214 O  O   . HOH D 4 .   ? -9.392  -13.931 -4.300  1.00 94.47  ? 259 HOH A O   1 
HETATM 1215 O  O   . HOH D 4 .   ? -1.091  -13.214 8.308   1.00 77.05  ? 260 HOH A O   1 
HETATM 1216 O  O   . HOH D 4 .   ? -14.339 -11.448 0.565   1.00 86.63  ? 261 HOH A O   1 
HETATM 1217 O  O   . HOH D 4 .   ? -12.156 2.825   -12.141 1.00 45.41  ? 262 HOH A O   1 
HETATM 1218 O  O   . HOH D 4 .   ? -4.412  -0.902  19.086  1.00 99.64  ? 263 HOH A O   1 
HETATM 1219 O  O   . HOH D 4 .   ? -9.495  11.527  13.176  1.00 97.90  ? 264 HOH A O   1 
HETATM 1220 O  O   . HOH D 4 .   ? -6.484  9.591   11.517  1.00 90.96  ? 265 HOH A O   1 
HETATM 1221 O  O   . HOH D 4 .   ? 6.105   4.334   17.218  1.00 62.01  ? 266 HOH A O   1 
HETATM 1222 O  O   . HOH D 4 .   ? -12.816 -6.300  -10.224 1.00 75.38  ? 267 HOH A O   1 
HETATM 1223 O  O   . HOH D 4 .   ? -2.427  -17.260 -1.353  1.00 102.77 ? 268 HOH A O   1 
HETATM 1224 O  O   . HOH D 4 .   ? -0.299  -7.001  -17.223 1.00 65.12  ? 269 HOH A O   1 
HETATM 1225 O  O   . HOH D 4 .   ? 5.726   -9.184  -12.228 1.00 63.09  ? 270 HOH A O   1 
HETATM 1226 O  O   . HOH D 4 .   ? 5.758   0.376   -15.741 1.00 55.20  ? 271 HOH A O   1 
HETATM 1227 O  O   . HOH D 4 .   ? 6.655   -0.952  -2.890  1.00 65.64  ? 272 HOH A O   1 
HETATM 1228 O  O   . HOH D 4 .   ? -0.073  10.248  4.401   1.00 58.62  ? 273 HOH A O   1 
HETATM 1229 O  O   . HOH D 4 .   ? -2.500  4.352   -15.401 1.00 40.86  ? 274 HOH A O   1 
HETATM 1230 O  O   . HOH D 4 .   ? 0.161   4.420   -20.541 1.00 59.46  ? 275 HOH A O   1 
HETATM 1231 O  O   . HOH D 4 .   ? 3.591   -9.527  -2.141  1.00 60.21  ? 276 HOH A O   1 
HETATM 1232 O  O   . HOH D 4 .   ? -9.171  -5.715  -9.388  1.00 79.00  ? 277 HOH A O   1 
HETATM 1233 O  O   . HOH D 4 .   ? -17.002 3.220   -12.889 1.00 64.31  ? 278 HOH A O   1 
HETATM 1234 O  O   . HOH D 4 .   ? -12.611 7.273   -2.884  1.00 64.12  ? 279 HOH A O   1 
HETATM 1235 O  O   . HOH D 4 .   ? -8.260  11.010  -1.509  1.00 69.68  ? 280 HOH A O   1 
HETATM 1236 O  O   . HOH D 4 .   ? -16.142 8.149   -14.430 1.00 68.77  ? 281 HOH A O   1 
HETATM 1237 O  O   . HOH D 4 .   ? 6.111   7.204   -12.364 1.00 64.72  ? 282 HOH A O   1 
HETATM 1238 O  O   . HOH D 4 .   ? 3.697   13.205  4.650   1.00 66.74  ? 283 HOH A O   1 
HETATM 1239 O  O   . HOH D 4 .   ? -5.735  9.567   20.368  1.00 73.45  ? 284 HOH A O   1 
HETATM 1240 O  O   . HOH D 4 .   ? -13.132 -9.414  -6.370  1.00 91.38  ? 285 HOH A O   1 
HETATM 1241 O  O   . HOH D 4 .   ? -12.517 14.426  -5.077  1.00 67.66  ? 286 HOH A O   1 
HETATM 1242 O  O   . HOH D 4 .   ? -0.471  11.418  -10.464 1.00 57.79  ? 287 HOH A O   1 
HETATM 1243 O  O   . HOH D 4 .   ? 5.868   -13.818 19.055  1.00 86.22  ? 288 HOH A O   1 
HETATM 1244 O  O   . HOH D 4 .   ? -1.823  -10.367 18.413  1.00 96.00  ? 289 HOH A O   1 
HETATM 1245 O  O   . HOH D 4 .   ? -14.736 -7.029  -11.486 1.00 72.07  ? 290 HOH A O   1 
HETATM 1246 O  O   . HOH D 4 .   ? 11.294  4.795   12.027  1.00 78.17  ? 291 HOH A O   1 
HETATM 1247 O  O   . HOH D 4 .   ? -19.859 -0.294  -1.874  1.00 50.54  ? 292 HOH A O   1 
HETATM 1248 O  O   . HOH D 4 .   ? 17.012  -7.853  -1.576  1.00 81.41  ? 293 HOH A O   1 
HETATM 1249 O  O   . HOH D 4 .   ? -2.823  -6.508  19.941  1.00 78.45  ? 294 HOH A O   1 
HETATM 1250 O  O   . HOH D 4 .   ? -9.608  -9.761  -12.631 1.00 101.67 ? 295 HOH A O   1 
HETATM 1251 O  O   . HOH D 4 .   ? -0.490  13.226  -0.883  1.00 71.03  ? 296 HOH A O   1 
HETATM 1252 O  O   . HOH D 4 .   ? 12.763  -1.939  4.197   1.00 73.32  ? 297 HOH A O   1 
HETATM 1253 O  O   . HOH D 4 .   ? 0.520   7.779   3.814   1.00 67.61  ? 298 HOH A O   1 
HETATM 1254 O  O   . HOH D 4 .   ? 4.101   8.598   -5.408  1.00 52.55  ? 299 HOH A O   1 
# 
